data_5XV5
#
_entry.id   5XV5
#
_cell.length_a   116.160
_cell.length_b   116.160
_cell.length_c   380.801
_cell.angle_alpha   90.00
_cell.angle_beta   90.00
_cell.angle_gamma   120.00
#
_symmetry.space_group_name_H-M   'H 3'
#
loop_
_entity.id
_entity.type
_entity.pdbx_description
1 polymer 'Conserved protein'
2 water water
#
_entity_poly.entity_id   1
_entity_poly.type   'polypeptide(L)'
_entity_poly.pdbx_seq_one_letter_code
;MRGSHHHHHHGSMDRPFIFINSAMSADGKLSTKERKQVKISGKLDFERMDELRAHADAIMVGIGTVLADDPSLTVKSPER
KAARKAAGKSENPVRVVVDESARTPLNADIFKKGEGLRIIAVSNSAPEEKIRMLEEKALVIKTGAFRVDLTELAAKLKEM
GINSLMVEGGATLNWGMLSAGLVDEVYTFVGNLIIGGKTAPTFTDGEGFTENELLGLELSSAEKIEDGILLKWKVKGKKN
;
_entity_poly.pdbx_strand_id   A,B,C,D,E,F
#
# COMPACT_ATOMS: atom_id res chain seq x y z
C HIS A 9 -50.53 -44.82 -15.75
N HIS A 10 -51.38 -43.84 -16.05
CA HIS A 10 -52.76 -44.09 -16.49
C HIS A 10 -53.17 -43.48 -17.87
N GLY A 11 -52.60 -42.34 -18.29
CA GLY A 11 -53.10 -41.58 -19.47
C GLY A 11 -52.14 -41.02 -20.54
N SER A 12 -52.42 -41.35 -21.81
CA SER A 12 -51.73 -40.79 -23.03
C SER A 12 -50.25 -41.20 -23.19
N MET A 13 -50.00 -42.45 -22.85
CA MET A 13 -48.79 -43.14 -23.18
C MET A 13 -49.15 -44.39 -24.01
N ASP A 14 -48.10 -44.85 -24.68
CA ASP A 14 -48.08 -46.08 -25.46
C ASP A 14 -47.16 -47.07 -24.76
N ARG A 15 -47.03 -46.83 -23.47
CA ARG A 15 -46.29 -47.69 -22.59
C ARG A 15 -46.70 -47.53 -21.11
N PRO A 16 -46.34 -48.52 -20.29
CA PRO A 16 -46.60 -48.40 -18.88
C PRO A 16 -45.72 -47.30 -18.29
N PHE A 17 -46.08 -46.84 -17.09
CA PHE A 17 -45.13 -46.22 -16.20
C PHE A 17 -44.02 -47.29 -15.92
N ILE A 18 -42.76 -46.88 -16.09
CA ILE A 18 -41.63 -47.79 -15.97
C ILE A 18 -40.62 -47.25 -14.95
N PHE A 19 -40.23 -48.10 -14.00
CA PHE A 19 -39.24 -47.75 -13.00
C PHE A 19 -38.24 -48.90 -12.79
N ILE A 20 -36.97 -48.55 -12.58
CA ILE A 20 -35.94 -49.52 -12.34
C ILE A 20 -35.74 -49.51 -10.86
N ASN A 21 -35.71 -50.69 -10.26
CA ASN A 21 -35.28 -50.83 -8.86
C ASN A 21 -34.11 -51.83 -8.76
N SER A 22 -33.02 -51.40 -8.16
CA SER A 22 -31.83 -52.23 -7.99
C SER A 22 -31.18 -51.89 -6.64
N ALA A 23 -30.55 -52.90 -6.06
CA ALA A 23 -29.57 -52.71 -5.00
C ALA A 23 -28.17 -52.68 -5.71
N MET A 24 -27.32 -51.76 -5.30
CA MET A 24 -25.96 -51.69 -5.82
C MET A 24 -24.97 -51.34 -4.74
N SER A 25 -23.72 -51.71 -4.99
CA SER A 25 -22.61 -51.39 -4.09
C SER A 25 -22.31 -49.89 -4.13
N ALA A 26 -21.47 -49.42 -3.22
CA ALA A 26 -21.11 -48.01 -3.17
C ALA A 26 -20.36 -47.57 -4.43
N ASP A 27 -19.67 -48.50 -5.06
CA ASP A 27 -18.99 -48.28 -6.35
C ASP A 27 -19.84 -48.66 -7.58
N GLY A 28 -21.14 -48.90 -7.37
CA GLY A 28 -22.09 -49.05 -8.46
C GLY A 28 -22.22 -50.43 -9.12
N LYS A 29 -21.90 -51.52 -8.41
CA LYS A 29 -22.00 -52.91 -8.92
C LYS A 29 -23.25 -53.63 -8.48
N LEU A 30 -23.79 -54.48 -9.36
CA LEU A 30 -24.94 -55.36 -9.02
C LEU A 30 -24.53 -56.71 -8.49
N SER A 31 -23.32 -57.11 -8.85
CA SER A 31 -22.73 -58.40 -8.44
C SER A 31 -21.22 -58.39 -8.72
N THR A 32 -20.53 -59.48 -8.42
CA THR A 32 -19.08 -59.54 -8.54
C THR A 32 -18.68 -59.72 -10.00
N LYS A 33 -17.38 -59.67 -10.24
CA LYS A 33 -16.79 -59.99 -11.56
C LYS A 33 -17.18 -61.36 -12.11
N GLU A 34 -17.49 -62.31 -11.22
CA GLU A 34 -17.91 -63.66 -11.61
C GLU A 34 -19.43 -63.75 -11.73
N ARG A 35 -20.10 -62.61 -11.67
CA ARG A 35 -21.56 -62.54 -11.69
C ARG A 35 -22.25 -63.40 -10.63
N LYS A 36 -21.66 -63.43 -9.44
CA LYS A 36 -22.28 -64.06 -8.29
C LYS A 36 -23.04 -62.99 -7.49
N GLN A 37 -24.29 -63.29 -7.16
CA GLN A 37 -25.13 -62.44 -6.29
C GLN A 37 -24.55 -62.31 -4.87
N VAL A 38 -24.62 -61.10 -4.31
CA VAL A 38 -24.15 -60.87 -2.95
C VAL A 38 -25.22 -60.16 -2.14
N LYS A 39 -25.05 -60.17 -0.81
CA LYS A 39 -25.95 -59.45 0.10
C LYS A 39 -25.61 -57.96 -0.10
N ILE A 40 -26.53 -57.20 -0.67
CA ILE A 40 -26.42 -55.74 -0.68
C ILE A 40 -27.53 -55.19 0.22
N SER A 41 -28.77 -55.50 -0.12
CA SER A 41 -29.94 -55.13 0.66
C SER A 41 -29.90 -55.85 2.00
N GLY A 42 -30.26 -55.16 3.07
CA GLY A 42 -30.65 -55.82 4.31
C GLY A 42 -32.16 -56.02 4.29
N LYS A 43 -32.72 -56.40 5.43
CA LYS A 43 -34.14 -56.80 5.50
C LYS A 43 -35.14 -55.72 5.19
N LEU A 44 -34.88 -54.49 5.63
CA LEU A 44 -35.79 -53.39 5.44
C LEU A 44 -35.85 -52.98 3.97
N ASP A 45 -34.71 -52.98 3.27
CA ASP A 45 -34.74 -52.80 1.84
C ASP A 45 -35.47 -53.97 1.14
N PHE A 46 -35.24 -55.21 1.59
CA PHE A 46 -36.03 -56.34 1.09
C PHE A 46 -37.53 -56.12 1.26
N GLU A 47 -37.92 -55.66 2.44
CA GLU A 47 -39.33 -55.34 2.73
C GLU A 47 -39.90 -54.26 1.80
N ARG A 48 -39.14 -53.18 1.56
CA ARG A 48 -39.57 -52.15 0.65
C ARG A 48 -39.70 -52.66 -0.80
N MET A 49 -38.75 -53.49 -1.22
CA MET A 49 -38.79 -54.11 -2.56
C MET A 49 -40.03 -55.00 -2.72
N ASP A 50 -40.33 -55.75 -1.67
CA ASP A 50 -41.49 -56.66 -1.66
C ASP A 50 -42.81 -55.81 -1.76
N GLU A 51 -42.86 -54.65 -1.10
CA GLU A 51 -44.00 -53.76 -1.22
C GLU A 51 -44.14 -53.19 -2.66
N LEU A 52 -43.02 -52.84 -3.30
CA LEU A 52 -43.03 -52.34 -4.67
C LEU A 52 -43.51 -53.39 -5.63
N ARG A 53 -43.00 -54.60 -5.50
CA ARG A 53 -43.47 -55.76 -6.31
C ARG A 53 -44.97 -55.98 -6.21
N ALA A 54 -45.48 -55.90 -4.98
CA ALA A 54 -46.90 -56.11 -4.71
C ALA A 54 -47.79 -55.06 -5.40
N HIS A 55 -47.31 -53.80 -5.49
CA HIS A 55 -48.05 -52.72 -6.16
C HIS A 55 -47.83 -52.60 -7.64
N ALA A 56 -46.83 -53.27 -8.17
CA ALA A 56 -46.62 -53.32 -9.62
C ALA A 56 -47.58 -54.30 -10.33
N ASP A 57 -47.96 -53.99 -11.55
CA ASP A 57 -48.67 -54.93 -12.42
C ASP A 57 -47.76 -55.98 -13.03
N ALA A 58 -46.50 -55.58 -13.29
CA ALA A 58 -45.53 -56.52 -13.91
C ALA A 58 -44.10 -56.25 -13.42
N ILE A 59 -43.31 -57.31 -13.36
CA ILE A 59 -41.87 -57.23 -13.09
C ILE A 59 -41.13 -57.77 -14.31
N MET A 60 -40.12 -57.03 -14.75
CA MET A 60 -39.29 -57.39 -15.92
C MET A 60 -37.82 -57.57 -15.53
N VAL A 61 -37.22 -58.61 -16.07
CA VAL A 61 -35.85 -58.97 -15.74
C VAL A 61 -35.17 -59.46 -16.99
N GLY A 62 -33.85 -59.22 -17.10
CA GLY A 62 -33.07 -59.73 -18.21
C GLY A 62 -32.77 -61.25 -18.02
N ILE A 63 -32.51 -61.94 -19.13
CA ILE A 63 -32.08 -63.33 -19.14
C ILE A 63 -30.81 -63.61 -18.32
N GLY A 64 -29.88 -62.67 -18.37
CA GLY A 64 -28.65 -62.71 -17.56
C GLY A 64 -28.88 -62.95 -16.08
N THR A 65 -29.86 -62.25 -15.52
CA THR A 65 -30.26 -62.36 -14.13
C THR A 65 -30.91 -63.70 -13.85
N VAL A 66 -31.71 -64.18 -14.78
CA VAL A 66 -32.32 -65.51 -14.60
C VAL A 66 -31.27 -66.62 -14.57
N LEU A 67 -30.30 -66.59 -15.49
CA LEU A 67 -29.27 -67.63 -15.56
C LEU A 67 -28.35 -67.60 -14.31
N ALA A 68 -27.91 -66.41 -13.91
CA ALA A 68 -27.07 -66.24 -12.72
C ALA A 68 -27.78 -66.57 -11.39
N ASP A 69 -28.87 -65.85 -11.08
CA ASP A 69 -29.51 -65.90 -9.75
C ASP A 69 -30.71 -66.83 -9.65
N ASP A 70 -31.32 -67.16 -10.78
CA ASP A 70 -32.56 -67.97 -10.82
C ASP A 70 -33.66 -67.46 -9.84
N PRO A 71 -33.91 -66.15 -9.81
CA PRO A 71 -34.92 -65.63 -8.91
C PRO A 71 -36.35 -66.04 -9.30
N SER A 72 -37.22 -66.16 -8.31
CA SER A 72 -38.65 -66.45 -8.51
C SER A 72 -39.43 -65.19 -8.92
N LEU A 73 -38.97 -64.02 -8.48
CA LEU A 73 -39.66 -62.74 -8.69
C LEU A 73 -41.06 -62.72 -8.10
N THR A 74 -41.30 -63.55 -7.11
CA THR A 74 -42.57 -63.56 -6.38
C THR A 74 -42.61 -62.48 -5.29
N VAL A 75 -43.82 -62.09 -4.92
CA VAL A 75 -44.10 -61.38 -3.68
C VAL A 75 -43.97 -62.43 -2.56
N LYS A 76 -43.28 -62.07 -1.48
CA LYS A 76 -42.95 -62.98 -0.37
C LYS A 76 -43.96 -62.94 0.78
N SER A 77 -44.33 -61.75 1.19
CA SER A 77 -45.28 -61.58 2.30
C SER A 77 -46.64 -62.25 1.99
N PRO A 78 -47.11 -63.17 2.86
CA PRO A 78 -48.46 -63.75 2.64
C PRO A 78 -49.59 -62.73 2.62
N GLU A 79 -49.43 -61.65 3.39
CA GLU A 79 -50.44 -60.62 3.49
C GLU A 79 -50.52 -59.74 2.27
N ARG A 80 -49.36 -59.42 1.66
CA ARG A 80 -49.32 -58.65 0.40
C ARG A 80 -49.92 -59.48 -0.71
N LYS A 81 -49.60 -60.76 -0.73
CA LYS A 81 -50.24 -61.70 -1.67
C LYS A 81 -51.74 -61.78 -1.49
N ALA A 82 -52.19 -61.85 -0.25
CA ALA A 82 -53.62 -61.91 0.07
C ALA A 82 -54.36 -60.66 -0.38
N ALA A 83 -53.79 -59.50 -0.07
CA ALA A 83 -54.34 -58.21 -0.46
C ALA A 83 -54.51 -58.06 -1.98
N ARG A 84 -53.48 -58.44 -2.75
CA ARG A 84 -53.56 -58.41 -4.21
C ARG A 84 -54.67 -59.31 -4.69
N LYS A 85 -54.71 -60.52 -4.14
CA LYS A 85 -55.75 -61.47 -4.50
C LYS A 85 -57.14 -60.91 -4.18
N ALA A 86 -57.30 -60.36 -2.98
CA ALA A 86 -58.57 -59.79 -2.57
C ALA A 86 -59.07 -58.66 -3.48
N ALA A 87 -58.12 -57.92 -4.05
CA ALA A 87 -58.44 -56.87 -5.02
C ALA A 87 -58.55 -57.38 -6.45
N GLY A 88 -58.58 -58.70 -6.64
CA GLY A 88 -58.82 -59.30 -7.96
C GLY A 88 -57.62 -59.48 -8.87
N LYS A 89 -56.41 -59.37 -8.31
CA LYS A 89 -55.18 -59.58 -9.05
C LYS A 89 -54.61 -60.98 -8.77
N SER A 90 -53.77 -61.48 -9.66
CA SER A 90 -52.89 -62.61 -9.31
C SER A 90 -52.09 -62.27 -8.09
N GLU A 91 -51.79 -63.27 -7.29
CA GLU A 91 -50.90 -63.13 -6.15
C GLU A 91 -49.60 -62.48 -6.50
N ASN A 92 -49.08 -62.78 -7.69
CA ASN A 92 -47.84 -62.17 -8.16
C ASN A 92 -48.17 -61.33 -9.34
N PRO A 93 -47.48 -60.20 -9.49
CA PRO A 93 -47.58 -59.53 -10.77
C PRO A 93 -47.03 -60.36 -11.91
N VAL A 94 -47.34 -59.92 -13.13
CA VAL A 94 -46.91 -60.63 -14.36
C VAL A 94 -45.37 -60.64 -14.35
N ARG A 95 -44.78 -61.75 -14.73
CA ARG A 95 -43.32 -61.88 -14.73
C ARG A 95 -42.77 -61.95 -16.14
N VAL A 96 -41.90 -61.01 -16.49
CA VAL A 96 -41.45 -60.86 -17.88
C VAL A 96 -39.93 -61.05 -17.97
N VAL A 97 -39.50 -61.97 -18.84
CA VAL A 97 -38.06 -62.18 -19.12
C VAL A 97 -37.66 -61.67 -20.51
N VAL A 98 -36.77 -60.66 -20.56
CA VAL A 98 -36.21 -60.23 -21.87
C VAL A 98 -35.08 -61.20 -22.17
N ASP A 99 -35.30 -62.03 -23.21
CA ASP A 99 -34.53 -63.23 -23.49
C ASP A 99 -34.29 -63.48 -25.01
N GLU A 100 -33.39 -62.72 -25.60
CA GLU A 100 -33.24 -62.62 -27.10
C GLU A 100 -33.14 -63.96 -27.80
N SER A 101 -32.38 -64.90 -27.21
CA SER A 101 -32.17 -66.20 -27.85
C SER A 101 -32.93 -67.33 -27.20
N ALA A 102 -34.00 -67.01 -26.45
CA ALA A 102 -34.87 -68.01 -25.87
C ALA A 102 -34.09 -69.03 -25.02
N ARG A 103 -33.18 -68.53 -24.21
CA ARG A 103 -32.40 -69.38 -23.32
C ARG A 103 -33.01 -69.57 -21.89
N THR A 104 -34.19 -68.99 -21.59
CA THR A 104 -34.80 -69.17 -20.27
C THR A 104 -34.93 -70.66 -19.96
N PRO A 105 -34.36 -71.11 -18.81
CA PRO A 105 -34.42 -72.57 -18.56
C PRO A 105 -35.84 -73.01 -18.23
N LEU A 106 -36.19 -74.22 -18.59
CA LEU A 106 -37.56 -74.72 -18.44
C LEU A 106 -37.91 -75.06 -17.00
N ASN A 107 -36.88 -75.38 -16.23
CA ASN A 107 -36.97 -75.62 -14.81
C ASN A 107 -36.55 -74.38 -14.01
N ALA A 108 -36.58 -73.19 -14.62
CA ALA A 108 -36.35 -71.93 -13.89
C ALA A 108 -37.38 -71.71 -12.79
N ASP A 109 -36.95 -71.03 -11.74
CA ASP A 109 -37.78 -70.80 -10.54
C ASP A 109 -39.02 -69.90 -10.87
N ILE A 110 -38.89 -69.06 -11.90
CA ILE A 110 -39.99 -68.28 -12.45
C ILE A 110 -41.16 -69.17 -12.78
N PHE A 111 -40.87 -70.37 -13.28
CA PHE A 111 -41.90 -71.31 -13.65
C PHE A 111 -42.33 -72.25 -12.54
N LYS A 112 -41.46 -72.50 -11.57
CA LYS A 112 -41.78 -73.41 -10.46
C LYS A 112 -42.67 -72.78 -9.41
N LYS A 113 -42.47 -71.50 -9.13
CA LYS A 113 -43.06 -70.89 -7.97
C LYS A 113 -44.14 -69.83 -8.28
N GLY A 114 -45.27 -69.96 -7.58
CA GLY A 114 -46.30 -68.94 -7.57
C GLY A 114 -47.25 -69.06 -8.76
N GLU A 115 -48.42 -68.46 -8.60
CA GLU A 115 -49.40 -68.33 -9.67
C GLU A 115 -49.12 -67.03 -10.41
N GLY A 116 -49.55 -66.95 -11.66
CA GLY A 116 -49.49 -65.71 -12.44
C GLY A 116 -49.05 -65.97 -13.88
N LEU A 117 -49.27 -64.98 -14.72
CA LEU A 117 -48.83 -64.97 -16.11
C LEU A 117 -47.32 -64.78 -16.24
N ARG A 118 -46.69 -65.63 -17.06
CA ARG A 118 -45.23 -65.52 -17.42
C ARG A 118 -45.15 -65.16 -18.87
N ILE A 119 -44.32 -64.16 -19.17
CA ILE A 119 -44.07 -63.75 -20.52
C ILE A 119 -42.58 -63.83 -20.78
N ILE A 120 -42.19 -64.54 -21.85
CA ILE A 120 -40.81 -64.49 -22.40
C ILE A 120 -40.78 -63.69 -23.69
N ALA A 121 -40.14 -62.54 -23.67
CA ALA A 121 -39.94 -61.69 -24.83
C ALA A 121 -38.62 -62.12 -25.50
N VAL A 122 -38.72 -62.59 -26.74
CA VAL A 122 -37.56 -63.10 -27.48
C VAL A 122 -37.41 -62.35 -28.80
N SER A 123 -36.28 -62.60 -29.46
CA SER A 123 -36.03 -62.00 -30.76
C SER A 123 -36.49 -62.94 -31.83
N ASN A 124 -36.72 -62.38 -33.02
CA ASN A 124 -37.05 -63.21 -34.16
C ASN A 124 -35.98 -64.20 -34.58
N SER A 125 -34.72 -63.97 -34.15
CA SER A 125 -33.65 -64.94 -34.41
C SER A 125 -33.61 -66.15 -33.50
N ALA A 126 -34.48 -66.22 -32.50
CA ALA A 126 -34.35 -67.26 -31.51
C ALA A 126 -34.74 -68.60 -32.09
N PRO A 127 -33.99 -69.69 -31.77
CA PRO A 127 -34.32 -70.99 -32.36
C PRO A 127 -35.74 -71.42 -32.07
N GLU A 128 -36.48 -71.74 -33.14
CA GLU A 128 -37.89 -72.07 -33.05
C GLU A 128 -38.23 -73.28 -32.13
N GLU A 129 -37.33 -74.24 -32.04
CA GLU A 129 -37.54 -75.40 -31.15
C GLU A 129 -37.59 -74.99 -29.67
N LYS A 130 -36.77 -73.99 -29.29
CA LYS A 130 -36.75 -73.49 -27.91
C LYS A 130 -37.94 -72.63 -27.59
N ILE A 131 -38.38 -71.81 -28.55
CA ILE A 131 -39.60 -71.04 -28.44
C ILE A 131 -40.80 -71.95 -28.18
N ARG A 132 -40.88 -73.04 -28.94
CA ARG A 132 -42.00 -74.00 -28.79
C ARG A 132 -42.04 -74.60 -27.39
N MET A 133 -40.86 -74.91 -26.86
CA MET A 133 -40.76 -75.44 -25.49
C MET A 133 -41.20 -74.42 -24.45
N LEU A 134 -40.78 -73.17 -24.62
CA LEU A 134 -41.18 -72.12 -23.70
C LEU A 134 -42.68 -71.77 -23.81
N GLU A 135 -43.25 -71.92 -25.01
CA GLU A 135 -44.71 -71.74 -25.19
C GLU A 135 -45.61 -72.69 -24.37
N GLU A 136 -45.08 -73.84 -23.94
CA GLU A 136 -45.81 -74.71 -23.01
C GLU A 136 -46.06 -74.06 -21.64
N LYS A 137 -45.13 -73.23 -21.18
CA LYS A 137 -45.15 -72.63 -19.82
C LYS A 137 -45.46 -71.15 -19.80
N ALA A 138 -45.51 -70.49 -20.97
CA ALA A 138 -45.57 -69.05 -20.99
C ALA A 138 -46.11 -68.49 -22.29
N LEU A 139 -46.55 -67.23 -22.24
CA LEU A 139 -46.76 -66.45 -23.47
C LEU A 139 -45.37 -65.99 -24.02
N VAL A 140 -45.12 -66.24 -25.30
CA VAL A 140 -43.87 -65.83 -25.96
C VAL A 140 -44.13 -64.71 -26.95
N ILE A 141 -43.53 -63.55 -26.75
CA ILE A 141 -43.68 -62.40 -27.63
C ILE A 141 -42.35 -62.29 -28.45
N LYS A 142 -42.48 -62.33 -29.77
CA LYS A 142 -41.37 -62.10 -30.70
C LYS A 142 -41.35 -60.66 -31.15
N THR A 143 -40.21 -60.00 -31.03
CA THR A 143 -40.10 -58.66 -31.57
C THR A 143 -38.65 -58.41 -31.69
N GLY A 144 -38.27 -57.62 -32.68
CA GLY A 144 -36.89 -57.35 -33.04
C GLY A 144 -36.14 -58.50 -33.69
N ALA A 145 -35.03 -58.15 -34.33
CA ALA A 145 -34.33 -59.08 -35.18
C ALA A 145 -33.40 -59.93 -34.34
N PHE A 146 -32.45 -59.29 -33.67
CA PHE A 146 -31.51 -59.93 -32.73
C PHE A 146 -31.67 -59.36 -31.31
N ARG A 147 -31.56 -58.07 -31.15
CA ARG A 147 -31.99 -57.40 -29.88
C ARG A 147 -33.56 -57.34 -29.80
N VAL A 148 -34.10 -57.62 -28.62
CA VAL A 148 -35.51 -57.48 -28.38
C VAL A 148 -35.84 -55.99 -28.49
N ASP A 149 -36.92 -55.67 -29.19
CA ASP A 149 -37.32 -54.29 -29.37
C ASP A 149 -38.17 -53.89 -28.13
N LEU A 150 -37.52 -53.16 -27.23
CA LEU A 150 -38.06 -52.85 -25.94
C LEU A 150 -39.20 -51.84 -26.03
N THR A 151 -39.18 -50.96 -27.03
CA THR A 151 -40.24 -49.97 -27.24
C THR A 151 -41.53 -50.67 -27.67
N GLU A 152 -41.38 -51.63 -28.59
CA GLU A 152 -42.46 -52.45 -29.05
C GLU A 152 -43.03 -53.33 -27.92
N LEU A 153 -42.15 -54.08 -27.24
CA LEU A 153 -42.52 -54.84 -26.03
C LEU A 153 -43.30 -54.04 -25.00
N ALA A 154 -42.82 -52.85 -24.67
CA ALA A 154 -43.52 -51.96 -23.76
C ALA A 154 -44.93 -51.53 -24.26
N ALA A 155 -45.10 -51.35 -25.59
CA ALA A 155 -46.41 -51.09 -26.20
C ALA A 155 -47.37 -52.23 -26.01
N LYS A 156 -46.89 -53.44 -26.28
CA LYS A 156 -47.70 -54.66 -26.15
C LYS A 156 -48.13 -54.91 -24.70
N LEU A 157 -47.25 -54.61 -23.74
CA LEU A 157 -47.59 -54.79 -22.32
C LEU A 157 -48.68 -53.83 -21.87
N LYS A 158 -48.56 -52.54 -22.24
CA LYS A 158 -49.59 -51.52 -21.95
C LYS A 158 -50.95 -51.93 -22.52
N GLU A 159 -50.93 -52.40 -23.77
CA GLU A 159 -52.07 -52.83 -24.51
C GLU A 159 -52.80 -54.00 -23.82
N MET A 160 -52.04 -54.89 -23.18
CA MET A 160 -52.66 -56.01 -22.44
C MET A 160 -53.10 -55.60 -20.99
N GLY A 161 -52.91 -54.33 -20.59
CA GLY A 161 -53.39 -53.84 -19.26
C GLY A 161 -52.34 -53.46 -18.23
N ILE A 162 -51.06 -53.65 -18.56
CA ILE A 162 -49.96 -53.38 -17.63
C ILE A 162 -49.73 -51.87 -17.64
N ASN A 163 -49.95 -51.21 -16.52
CA ASN A 163 -49.72 -49.73 -16.37
C ASN A 163 -48.58 -49.34 -15.45
N SER A 164 -48.05 -50.32 -14.74
CA SER A 164 -46.94 -50.11 -13.83
C SER A 164 -45.99 -51.30 -13.99
N LEU A 165 -44.76 -51.00 -14.46
CA LEU A 165 -43.76 -52.01 -14.85
C LEU A 165 -42.49 -51.76 -14.05
N MET A 166 -42.15 -52.73 -13.21
CA MET A 166 -40.97 -52.67 -12.37
C MET A 166 -39.84 -53.36 -13.11
N VAL A 167 -38.78 -52.64 -13.42
CA VAL A 167 -37.63 -53.27 -14.04
C VAL A 167 -36.70 -53.65 -12.95
N GLU A 168 -36.45 -54.93 -12.82
CA GLU A 168 -35.60 -55.42 -11.71
C GLU A 168 -34.18 -55.76 -12.13
N GLY A 169 -33.64 -55.06 -13.12
CA GLY A 169 -32.21 -55.22 -13.42
C GLY A 169 -32.04 -56.25 -14.54
N GLY A 170 -30.99 -56.51 -15.23
CA GLY A 170 -29.59 -56.54 -15.04
C GLY A 170 -28.94 -55.32 -15.64
N ALA A 171 -27.62 -55.31 -15.71
CA ALA A 171 -26.87 -54.20 -16.30
C ALA A 171 -27.24 -53.94 -17.77
N THR A 172 -27.48 -54.99 -18.53
CA THR A 172 -27.75 -54.88 -19.93
C THR A 172 -29.19 -54.36 -20.17
N LEU A 173 -30.16 -54.98 -19.52
CA LEU A 173 -31.53 -54.56 -19.61
C LEU A 173 -31.67 -53.08 -19.20
N ASN A 174 -31.06 -52.70 -18.09
CA ASN A 174 -31.16 -51.34 -17.62
C ASN A 174 -30.66 -50.37 -18.67
N TRP A 175 -29.60 -50.74 -19.40
CA TRP A 175 -29.09 -49.91 -20.48
C TRP A 175 -30.10 -49.84 -21.59
N GLY A 176 -30.59 -51.01 -22.00
CA GLY A 176 -31.65 -51.12 -23.01
C GLY A 176 -32.79 -50.15 -22.77
N MET A 177 -33.35 -50.19 -21.57
CA MET A 177 -34.52 -49.42 -21.22
C MET A 177 -34.18 -47.93 -21.15
N LEU A 178 -33.05 -47.59 -20.51
CA LEU A 178 -32.70 -46.19 -20.38
C LEU A 178 -32.35 -45.60 -21.73
N SER A 179 -31.56 -46.30 -22.54
CA SER A 179 -31.14 -45.72 -23.84
C SER A 179 -32.29 -45.60 -24.85
N ALA A 180 -33.33 -46.40 -24.69
CA ALA A 180 -34.53 -46.28 -25.55
C ALA A 180 -35.50 -45.19 -25.05
N GLY A 181 -35.23 -44.56 -23.93
CA GLY A 181 -36.03 -43.46 -23.43
C GLY A 181 -37.27 -43.88 -22.63
N LEU A 182 -37.28 -45.12 -22.14
CA LEU A 182 -38.51 -45.72 -21.62
C LEU A 182 -38.73 -45.54 -20.14
N VAL A 183 -37.73 -45.06 -19.42
CA VAL A 183 -37.77 -45.09 -17.98
C VAL A 183 -38.18 -43.76 -17.37
N ASP A 184 -39.15 -43.82 -16.45
CA ASP A 184 -39.64 -42.66 -15.76
C ASP A 184 -38.80 -42.39 -14.58
N GLU A 185 -38.48 -43.42 -13.81
CA GLU A 185 -37.75 -43.26 -12.54
C GLU A 185 -36.75 -44.40 -12.26
N VAL A 186 -35.76 -44.10 -11.41
CA VAL A 186 -34.69 -44.98 -11.06
C VAL A 186 -34.51 -44.99 -9.57
N TYR A 187 -34.56 -46.17 -8.98
CA TYR A 187 -34.37 -46.34 -7.52
C TYR A 187 -33.16 -47.19 -7.30
N THR A 188 -32.17 -46.61 -6.63
CA THR A 188 -30.93 -47.29 -6.26
C THR A 188 -30.79 -47.34 -4.77
N PHE A 189 -30.82 -48.53 -4.22
CA PHE A 189 -30.41 -48.72 -2.85
C PHE A 189 -28.88 -48.94 -2.86
N VAL A 190 -28.15 -48.00 -2.28
CA VAL A 190 -26.69 -48.04 -2.27
C VAL A 190 -26.23 -48.65 -0.95
N GLY A 191 -25.68 -49.84 -1.05
CA GLY A 191 -25.30 -50.61 0.12
C GLY A 191 -23.92 -50.27 0.59
N ASN A 192 -23.61 -50.71 1.80
CA ASN A 192 -22.37 -50.37 2.47
C ASN A 192 -21.27 -51.34 2.15
N LEU A 193 -20.87 -51.36 0.87
CA LEU A 193 -19.78 -52.19 0.48
C LEU A 193 -19.13 -51.72 -0.80
N ILE A 194 -17.88 -52.15 -1.01
CA ILE A 194 -17.18 -52.07 -2.30
C ILE A 194 -17.07 -53.51 -2.89
N ILE A 195 -17.52 -53.66 -4.14
CA ILE A 195 -17.40 -54.92 -4.85
C ILE A 195 -16.16 -54.93 -5.79
N GLY A 196 -16.05 -53.90 -6.61
CA GLY A 196 -14.93 -53.72 -7.52
C GLY A 196 -15.07 -54.54 -8.79
N GLY A 197 -14.17 -54.30 -9.74
CA GLY A 197 -13.97 -55.16 -10.88
C GLY A 197 -14.41 -54.47 -12.14
N LYS A 198 -13.51 -54.42 -13.13
CA LYS A 198 -13.80 -53.81 -14.42
C LYS A 198 -14.91 -54.54 -15.20
N THR A 199 -15.05 -55.85 -14.97
CA THR A 199 -16.02 -56.69 -15.63
C THR A 199 -17.20 -57.04 -14.74
N ALA A 200 -17.25 -56.46 -13.55
CA ALA A 200 -18.40 -56.69 -12.68
C ALA A 200 -19.56 -55.89 -13.26
N PRO A 201 -20.74 -56.50 -13.36
CA PRO A 201 -21.88 -55.70 -13.88
C PRO A 201 -22.24 -54.48 -13.01
N THR A 202 -22.38 -53.34 -13.66
CA THR A 202 -22.75 -52.11 -12.98
C THR A 202 -24.27 -51.87 -13.14
N PHE A 203 -24.75 -50.78 -12.56
CA PHE A 203 -26.18 -50.46 -12.63
C PHE A 203 -26.62 -50.16 -14.07
N THR A 204 -25.69 -49.67 -14.90
CA THR A 204 -25.90 -49.52 -16.34
C THR A 204 -24.65 -49.85 -17.18
N ASP A 205 -24.71 -50.98 -17.87
CA ASP A 205 -23.65 -51.40 -18.80
C ASP A 205 -24.05 -51.16 -20.25
N GLY A 206 -24.07 -52.19 -21.12
CA GLY A 206 -24.29 -52.03 -22.55
C GLY A 206 -23.27 -51.16 -23.23
N GLU A 207 -23.69 -50.50 -24.30
CA GLU A 207 -22.79 -49.61 -25.10
C GLU A 207 -22.30 -48.43 -24.31
N GLY A 208 -23.25 -47.70 -23.69
CA GLY A 208 -22.99 -46.47 -22.99
C GLY A 208 -23.23 -45.25 -23.83
N PHE A 209 -23.62 -44.16 -23.17
CA PHE A 209 -23.80 -42.89 -23.84
C PHE A 209 -22.49 -42.15 -24.11
N THR A 210 -22.44 -41.46 -25.25
CA THR A 210 -21.37 -40.50 -25.51
C THR A 210 -21.67 -39.21 -24.82
N GLU A 211 -20.65 -38.37 -24.72
CA GLU A 211 -20.75 -37.00 -24.15
C GLU A 211 -21.95 -36.16 -24.60
N ASN A 212 -22.38 -36.35 -25.83
CA ASN A 212 -23.53 -35.64 -26.42
C ASN A 212 -24.90 -36.27 -26.15
N GLU A 213 -24.96 -37.50 -25.63
CA GLU A 213 -26.24 -38.20 -25.41
C GLU A 213 -26.46 -38.59 -23.94
N LEU A 214 -25.83 -37.86 -23.03
CA LEU A 214 -25.96 -38.15 -21.61
C LEU A 214 -27.41 -37.99 -21.16
N LEU A 215 -27.87 -38.92 -20.32
CA LEU A 215 -29.24 -38.90 -19.78
C LEU A 215 -29.33 -38.18 -18.44
N GLY A 216 -30.06 -37.07 -18.43
CA GLY A 216 -30.19 -36.23 -17.24
C GLY A 216 -31.23 -36.79 -16.26
N LEU A 217 -31.01 -36.51 -14.98
CA LEU A 217 -31.84 -37.01 -13.90
C LEU A 217 -32.11 -35.85 -12.97
N GLU A 218 -33.08 -36.04 -12.10
CA GLU A 218 -33.36 -35.11 -11.01
C GLU A 218 -33.47 -35.95 -9.74
N LEU A 219 -32.70 -35.60 -8.72
CA LEU A 219 -32.82 -36.28 -7.45
C LEU A 219 -34.21 -35.99 -6.81
N SER A 220 -35.04 -37.01 -6.60
CA SER A 220 -36.36 -36.88 -5.96
C SER A 220 -36.27 -37.00 -4.45
N SER A 221 -35.51 -38.00 -3.96
CA SER A 221 -35.32 -38.20 -2.53
C SER A 221 -34.07 -39.02 -2.22
N ALA A 222 -33.62 -38.90 -0.98
CA ALA A 222 -32.54 -39.70 -0.44
C ALA A 222 -32.87 -40.02 1.02
N GLU A 223 -32.87 -41.32 1.35
CA GLU A 223 -33.32 -41.83 2.62
C GLU A 223 -32.40 -42.94 3.11
N LYS A 224 -31.84 -42.78 4.30
CA LYS A 224 -31.05 -43.79 4.93
C LYS A 224 -31.96 -44.92 5.40
N ILE A 225 -31.58 -46.14 5.07
CA ILE A 225 -32.29 -47.36 5.45
C ILE A 225 -31.23 -48.36 5.92
N GLU A 226 -31.35 -48.81 7.16
CA GLU A 226 -30.40 -49.71 7.78
C GLU A 226 -28.97 -49.18 7.55
N ASP A 227 -28.11 -49.93 6.89
CA ASP A 227 -26.71 -49.58 6.74
C ASP A 227 -26.35 -48.89 5.42
N GLY A 228 -27.32 -48.70 4.54
CA GLY A 228 -27.13 -48.01 3.27
C GLY A 228 -28.08 -46.83 3.11
N ILE A 229 -28.29 -46.44 1.87
CA ILE A 229 -29.08 -45.28 1.56
C ILE A 229 -29.77 -45.49 0.21
N LEU A 230 -31.08 -45.20 0.18
CA LEU A 230 -31.91 -45.31 -1.03
C LEU A 230 -31.98 -43.98 -1.73
N LEU A 231 -31.49 -43.94 -2.96
CA LEU A 231 -31.60 -42.76 -3.84
C LEU A 231 -32.64 -43.03 -4.88
N LYS A 232 -33.51 -42.04 -5.10
CA LYS A 232 -34.55 -42.08 -6.11
C LYS A 232 -34.37 -40.93 -7.07
N TRP A 233 -34.36 -41.24 -8.37
CA TRP A 233 -34.10 -40.28 -9.38
C TRP A 233 -35.23 -40.27 -10.36
N LYS A 234 -35.62 -39.07 -10.77
CA LYS A 234 -36.54 -38.87 -11.87
C LYS A 234 -35.72 -38.74 -13.15
N VAL A 235 -36.10 -39.46 -14.19
CA VAL A 235 -35.42 -39.39 -15.50
C VAL A 235 -35.97 -38.21 -16.32
N LYS A 236 -35.09 -37.34 -16.85
CA LYS A 236 -35.48 -36.11 -17.58
C LYS A 236 -35.36 -36.11 -19.10
N GLY A 237 -34.46 -36.92 -19.64
CA GLY A 237 -34.19 -36.96 -21.08
C GLY A 237 -32.80 -36.46 -21.39
N LYS A 238 -32.51 -36.44 -22.69
CA LYS A 238 -31.22 -36.01 -23.21
C LYS A 238 -30.93 -34.55 -22.76
N LYS A 239 -29.86 -34.40 -21.97
CA LYS A 239 -29.28 -33.12 -21.58
C LYS A 239 -28.89 -32.23 -22.79
N ASN A 240 -28.43 -32.85 -23.89
CA ASN A 240 -27.95 -32.11 -25.06
C ASN A 240 -29.09 -31.83 -26.05
N MET B 13 5.47 -49.98 6.58
CA MET B 13 4.92 -50.33 7.97
C MET B 13 3.91 -49.34 8.62
N ASP B 14 3.96 -48.07 8.21
CA ASP B 14 2.96 -47.06 8.67
C ASP B 14 2.60 -46.09 7.50
N ARG B 15 1.60 -45.20 7.61
CA ARG B 15 1.08 -44.49 6.44
C ARG B 15 0.27 -43.21 6.78
N PRO B 16 0.06 -42.36 5.77
CA PRO B 16 -0.80 -41.23 5.99
C PRO B 16 -2.22 -41.66 6.17
N PHE B 17 -3.02 -40.74 6.68
CA PHE B 17 -4.46 -40.85 6.57
C PHE B 17 -4.77 -40.74 5.08
N ILE B 18 -5.58 -41.69 4.58
CA ILE B 18 -5.84 -41.79 3.13
C ILE B 18 -7.34 -41.77 2.84
N PHE B 19 -7.75 -40.90 1.91
CA PHE B 19 -9.15 -40.77 1.52
C PHE B 19 -9.27 -40.62 0.01
N ILE B 20 -10.30 -41.23 -0.57
CA ILE B 20 -10.54 -41.14 -1.98
C ILE B 20 -11.66 -40.13 -2.12
N ASN B 21 -11.50 -39.23 -3.08
CA ASN B 21 -12.56 -38.35 -3.47
C ASN B 21 -12.78 -38.43 -4.99
N SER B 22 -14.04 -38.61 -5.42
CA SER B 22 -14.41 -38.70 -6.82
C SER B 22 -15.85 -38.16 -7.00
N ALA B 23 -16.09 -37.60 -8.16
CA ALA B 23 -17.44 -37.36 -8.70
C ALA B 23 -17.79 -38.55 -9.60
N MET B 24 -18.99 -39.07 -9.44
CA MET B 24 -19.46 -40.14 -10.29
C MET B 24 -20.91 -39.93 -10.69
N SER B 25 -21.30 -40.56 -11.79
CA SER B 25 -22.69 -40.61 -12.24
C SER B 25 -23.56 -41.43 -11.30
N ALA B 26 -24.86 -41.36 -11.50
CA ALA B 26 -25.80 -42.14 -10.65
C ALA B 26 -25.60 -43.67 -10.79
N ASP B 27 -25.13 -44.09 -11.97
CA ASP B 27 -24.78 -45.48 -12.25
C ASP B 27 -23.28 -45.78 -12.05
N GLY B 28 -22.58 -44.89 -11.37
CA GLY B 28 -21.24 -45.19 -10.83
C GLY B 28 -20.04 -45.01 -11.76
N LYS B 29 -20.18 -44.21 -12.83
CA LYS B 29 -19.12 -43.95 -13.81
C LYS B 29 -18.35 -42.64 -13.56
N LEU B 30 -17.04 -42.68 -13.83
CA LEU B 30 -16.17 -41.49 -13.70
C LEU B 30 -16.12 -40.72 -15.01
N SER B 31 -16.36 -41.41 -16.11
CA SER B 31 -16.33 -40.83 -17.47
C SER B 31 -17.02 -41.80 -18.44
N THR B 32 -17.07 -41.45 -19.72
CA THR B 32 -17.78 -42.27 -20.72
C THR B 32 -16.96 -43.49 -21.10
N LYS B 33 -17.56 -44.36 -21.92
CA LYS B 33 -16.91 -45.50 -22.54
C LYS B 33 -15.65 -45.14 -23.38
N GLU B 34 -15.59 -43.91 -23.91
CA GLU B 34 -14.41 -43.42 -24.62
C GLU B 34 -13.42 -42.71 -23.68
N ARG B 35 -13.61 -42.82 -22.37
CA ARG B 35 -12.78 -42.17 -21.38
C ARG B 35 -12.70 -40.64 -21.56
N LYS B 36 -13.80 -40.01 -21.96
CA LYS B 36 -13.92 -38.56 -22.07
C LYS B 36 -14.58 -37.97 -20.82
N GLN B 37 -13.94 -36.96 -20.23
CA GLN B 37 -14.50 -36.29 -19.05
C GLN B 37 -15.82 -35.60 -19.35
N VAL B 38 -16.72 -35.62 -18.36
CA VAL B 38 -17.98 -34.93 -18.48
C VAL B 38 -18.25 -34.12 -17.21
N LYS B 39 -19.23 -33.23 -17.31
CA LYS B 39 -19.64 -32.41 -16.17
C LYS B 39 -20.44 -33.30 -15.23
N ILE B 40 -19.88 -33.58 -14.06
CA ILE B 40 -20.62 -34.30 -13.02
C ILE B 40 -20.80 -33.34 -11.89
N SER B 41 -19.70 -32.87 -11.32
CA SER B 41 -19.73 -31.85 -10.26
C SER B 41 -20.26 -30.54 -10.82
N GLY B 42 -21.08 -29.85 -10.04
CA GLY B 42 -21.35 -28.44 -10.28
C GLY B 42 -20.36 -27.63 -9.46
N LYS B 43 -20.57 -26.31 -9.43
CA LYS B 43 -19.59 -25.37 -8.82
C LYS B 43 -19.36 -25.59 -7.32
N LEU B 44 -20.40 -25.90 -6.57
CA LEU B 44 -20.27 -26.09 -5.12
C LEU B 44 -19.47 -27.35 -4.81
N ASP B 45 -19.66 -28.42 -5.57
CA ASP B 45 -18.81 -29.60 -5.38
C ASP B 45 -17.37 -29.32 -5.81
N PHE B 46 -17.18 -28.57 -6.91
CA PHE B 46 -15.84 -28.05 -7.30
C PHE B 46 -15.19 -27.27 -6.14
N GLU B 47 -15.97 -26.39 -5.51
CA GLU B 47 -15.52 -25.64 -4.32
C GLU B 47 -15.10 -26.53 -3.15
N ARG B 48 -15.90 -27.55 -2.84
CA ARG B 48 -15.59 -28.47 -1.73
C ARG B 48 -14.35 -29.30 -2.01
N MET B 49 -14.20 -29.75 -3.25
CA MET B 49 -13.01 -30.48 -3.67
C MET B 49 -11.77 -29.59 -3.51
N ASP B 50 -11.90 -28.31 -3.88
CA ASP B 50 -10.77 -27.37 -3.82
C ASP B 50 -10.37 -27.17 -2.34
N GLU B 51 -11.34 -27.09 -1.45
CA GLU B 51 -11.06 -27.00 -0.01
C GLU B 51 -10.34 -28.25 0.51
N LEU B 52 -10.73 -29.42 0.02
CA LEU B 52 -10.07 -30.66 0.43
C LEU B 52 -8.64 -30.74 -0.07
N ARG B 53 -8.40 -30.40 -1.34
CA ARG B 53 -7.06 -30.25 -1.88
C ARG B 53 -6.17 -29.30 -1.08
N ALA B 54 -6.71 -28.16 -0.69
CA ALA B 54 -5.95 -27.17 0.09
C ALA B 54 -5.52 -27.67 1.49
N HIS B 55 -6.37 -28.45 2.15
CA HIS B 55 -6.01 -29.04 3.47
C HIS B 55 -5.20 -30.33 3.42
N ALA B 56 -5.12 -30.96 2.25
CA ALA B 56 -4.31 -32.15 2.09
C ALA B 56 -2.82 -31.80 2.01
N ASP B 57 -1.97 -32.69 2.50
CA ASP B 57 -0.53 -32.59 2.28
C ASP B 57 -0.14 -33.09 0.90
N ALA B 58 -0.88 -34.06 0.38
CA ALA B 58 -0.58 -34.62 -0.93
C ALA B 58 -1.82 -35.09 -1.66
N ILE B 59 -1.74 -35.04 -3.00
CA ILE B 59 -2.77 -35.58 -3.88
C ILE B 59 -2.11 -36.64 -4.72
N MET B 60 -2.78 -37.79 -4.84
CA MET B 60 -2.31 -38.92 -5.66
C MET B 60 -3.30 -39.29 -6.76
N VAL B 61 -2.78 -39.61 -7.93
CA VAL B 61 -3.58 -39.91 -9.10
C VAL B 61 -2.89 -41.02 -9.87
N GLY B 62 -3.68 -41.86 -10.54
CA GLY B 62 -3.11 -42.89 -11.42
C GLY B 62 -2.68 -42.34 -12.79
N ILE B 63 -1.72 -43.02 -13.42
CA ILE B 63 -1.24 -42.67 -14.72
C ILE B 63 -2.38 -42.60 -15.75
N GLY B 64 -3.35 -43.52 -15.65
CA GLY B 64 -4.55 -43.54 -16.50
C GLY B 64 -5.33 -42.24 -16.59
N THR B 65 -5.49 -41.60 -15.44
CA THR B 65 -6.08 -40.26 -15.35
C THR B 65 -5.22 -39.19 -15.97
N VAL B 66 -3.91 -39.27 -15.77
CA VAL B 66 -3.02 -38.28 -16.37
C VAL B 66 -3.06 -38.32 -17.90
N LEU B 67 -3.03 -39.52 -18.47
CA LEU B 67 -3.06 -39.67 -19.93
C LEU B 67 -4.42 -39.24 -20.52
N ALA B 68 -5.54 -39.66 -19.91
CA ALA B 68 -6.91 -39.27 -20.35
C ALA B 68 -7.24 -37.77 -20.20
N ASP B 69 -7.19 -37.27 -18.97
CA ASP B 69 -7.62 -35.89 -18.64
C ASP B 69 -6.56 -34.82 -18.57
N ASP B 70 -5.30 -35.21 -18.37
CA ASP B 70 -4.21 -34.27 -18.18
C ASP B 70 -4.48 -33.17 -17.12
N PRO B 71 -4.98 -33.57 -15.94
CA PRO B 71 -5.30 -32.57 -14.91
C PRO B 71 -4.07 -31.95 -14.25
N SER B 72 -4.19 -30.71 -13.79
CA SER B 72 -3.11 -29.98 -13.12
C SER B 72 -3.00 -30.39 -11.65
N LEU B 73 -4.12 -30.78 -11.07
CA LEU B 73 -4.22 -31.08 -9.63
C LEU B 73 -3.87 -29.93 -8.72
N THR B 74 -3.97 -28.71 -9.22
CA THR B 74 -3.68 -27.51 -8.41
C THR B 74 -4.92 -27.11 -7.58
N VAL B 75 -4.65 -26.39 -6.50
CA VAL B 75 -5.64 -25.59 -5.79
C VAL B 75 -5.93 -24.39 -6.69
N LYS B 76 -7.21 -24.09 -6.87
CA LYS B 76 -7.67 -23.04 -7.78
C LYS B 76 -7.83 -21.67 -7.08
N SER B 77 -8.51 -21.65 -5.94
CA SER B 77 -8.80 -20.41 -5.20
C SER B 77 -7.49 -19.68 -4.83
N PRO B 78 -7.35 -18.39 -5.23
CA PRO B 78 -6.15 -17.62 -4.81
C PRO B 78 -6.00 -17.49 -3.31
N GLU B 79 -7.13 -17.46 -2.60
CA GLU B 79 -7.13 -17.31 -1.15
C GLU B 79 -6.71 -18.58 -0.40
N ARG B 80 -7.11 -19.76 -0.90
CA ARG B 80 -6.69 -21.04 -0.34
C ARG B 80 -5.22 -21.26 -0.58
N LYS B 81 -4.76 -20.91 -1.79
CA LYS B 81 -3.34 -20.88 -2.06
C LYS B 81 -2.57 -19.95 -1.09
N ALA B 82 -3.11 -18.77 -0.84
CA ALA B 82 -2.43 -17.76 -0.02
C ALA B 82 -2.32 -18.26 1.41
N ALA B 83 -3.42 -18.80 1.91
CA ALA B 83 -3.49 -19.35 3.28
C ALA B 83 -2.47 -20.50 3.53
N ARG B 84 -2.35 -21.41 2.57
CA ARG B 84 -1.33 -22.45 2.63
C ARG B 84 0.06 -21.86 2.67
N LYS B 85 0.30 -20.89 1.78
CA LYS B 85 1.60 -20.24 1.68
C LYS B 85 1.93 -19.52 2.99
N ALA B 86 0.96 -18.82 3.53
CA ALA B 86 1.12 -18.12 4.77
C ALA B 86 1.51 -19.04 5.93
N ALA B 87 1.02 -20.27 5.89
CA ALA B 87 1.33 -21.26 6.92
C ALA B 87 2.60 -22.03 6.63
N GLY B 88 3.36 -21.61 5.64
CA GLY B 88 4.62 -22.22 5.28
C GLY B 88 4.63 -23.42 4.36
N LYS B 89 3.51 -23.66 3.67
CA LYS B 89 3.39 -24.78 2.74
C LYS B 89 3.56 -24.27 1.31
N SER B 90 3.94 -25.16 0.40
CA SER B 90 3.78 -24.88 -1.03
C SER B 90 2.29 -24.57 -1.32
N GLU B 91 2.06 -23.66 -2.27
CA GLU B 91 0.71 -23.28 -2.74
C GLU B 91 -0.17 -24.48 -3.09
N ASN B 92 0.44 -25.49 -3.68
CA ASN B 92 -0.22 -26.75 -3.97
C ASN B 92 0.36 -27.86 -3.07
N PRO B 93 -0.49 -28.81 -2.64
CA PRO B 93 0.08 -29.98 -1.99
C PRO B 93 0.91 -30.75 -2.95
N VAL B 94 1.62 -31.73 -2.41
CA VAL B 94 2.53 -32.56 -3.19
C VAL B 94 1.65 -33.30 -4.21
N ARG B 95 2.12 -33.43 -5.43
CA ARG B 95 1.39 -34.13 -6.44
C ARG B 95 2.07 -35.45 -6.77
N VAL B 96 1.34 -36.55 -6.60
CA VAL B 96 1.91 -37.90 -6.78
C VAL B 96 1.22 -38.64 -7.95
N VAL B 97 2.00 -39.15 -8.90
CA VAL B 97 1.48 -40.02 -9.96
C VAL B 97 1.94 -41.49 -9.76
N VAL B 98 0.99 -42.43 -9.61
CA VAL B 98 1.29 -43.87 -9.62
C VAL B 98 1.36 -44.35 -11.07
N ASP B 99 2.57 -44.70 -11.51
CA ASP B 99 2.95 -44.75 -12.94
C ASP B 99 4.01 -45.88 -13.14
N GLU B 100 3.54 -47.12 -13.08
CA GLU B 100 4.37 -48.31 -13.08
C GLU B 100 5.46 -48.36 -14.17
N SER B 101 5.13 -47.98 -15.40
CA SER B 101 6.10 -48.07 -16.51
C SER B 101 6.71 -46.72 -16.87
N ALA B 102 6.62 -45.74 -15.98
CA ALA B 102 7.18 -44.40 -16.23
C ALA B 102 6.67 -43.74 -17.54
N ARG B 103 5.34 -43.77 -17.77
CA ARG B 103 4.73 -43.19 -18.97
C ARG B 103 4.21 -41.74 -18.79
N THR B 104 4.39 -41.14 -17.61
CA THR B 104 3.93 -39.76 -17.38
C THR B 104 4.54 -38.85 -18.45
N PRO B 105 3.70 -38.12 -19.22
CA PRO B 105 4.27 -37.25 -20.26
C PRO B 105 5.06 -36.08 -19.68
N LEU B 106 6.11 -35.68 -20.38
CA LEU B 106 7.02 -34.64 -19.90
C LEU B 106 6.43 -33.24 -19.98
N ASN B 107 5.50 -33.08 -20.92
CA ASN B 107 4.70 -31.87 -21.08
C ASN B 107 3.31 -31.98 -20.41
N ALA B 108 3.16 -32.89 -19.44
CA ALA B 108 1.92 -32.99 -18.66
C ALA B 108 1.66 -31.73 -17.85
N ASP B 109 0.39 -31.46 -17.61
CA ASP B 109 -0.05 -30.21 -16.93
C ASP B 109 0.38 -30.18 -15.46
N ILE B 110 0.56 -31.37 -14.85
CA ILE B 110 1.14 -31.57 -13.46
C ILE B 110 2.49 -30.83 -13.44
N PHE B 111 3.26 -30.86 -14.55
CA PHE B 111 4.57 -30.20 -14.63
C PHE B 111 4.53 -28.75 -15.10
N LYS B 112 3.52 -28.37 -15.91
CA LYS B 112 3.41 -26.99 -16.42
C LYS B 112 2.91 -26.00 -15.39
N LYS B 113 1.99 -26.42 -14.52
CA LYS B 113 1.24 -25.48 -13.68
C LYS B 113 1.49 -25.56 -12.18
N GLY B 114 1.74 -24.39 -11.58
CA GLY B 114 1.87 -24.26 -10.13
C GLY B 114 3.24 -24.60 -9.59
N GLU B 115 3.49 -24.15 -8.39
CA GLU B 115 4.68 -24.54 -7.65
C GLU B 115 4.39 -25.79 -6.83
N GLY B 116 5.43 -26.52 -6.45
CA GLY B 116 5.30 -27.63 -5.48
C GLY B 116 6.06 -28.85 -5.91
N LEU B 117 6.21 -29.78 -4.97
CA LEU B 117 6.91 -31.04 -5.23
C LEU B 117 6.02 -31.95 -6.08
N ARG B 118 6.62 -32.54 -7.13
CA ARG B 118 6.02 -33.62 -7.91
C ARG B 118 6.77 -34.92 -7.63
N ILE B 119 6.01 -36.00 -7.41
CA ILE B 119 6.57 -37.36 -7.23
C ILE B 119 5.95 -38.30 -8.25
N ILE B 120 6.78 -38.98 -9.03
CA ILE B 120 6.36 -40.11 -9.87
C ILE B 120 6.80 -41.42 -9.22
N ALA B 121 5.84 -42.22 -8.77
CA ALA B 121 6.06 -43.54 -8.22
C ALA B 121 6.00 -44.55 -9.36
N VAL B 122 7.13 -45.23 -9.60
CA VAL B 122 7.27 -46.19 -10.71
C VAL B 122 7.66 -47.57 -10.18
N SER B 123 7.60 -48.56 -11.07
CA SER B 123 8.02 -49.92 -10.69
C SER B 123 9.51 -50.06 -11.03
N ASN B 124 10.15 -51.03 -10.39
CA ASN B 124 11.54 -51.40 -10.75
C ASN B 124 11.72 -51.91 -12.18
N SER B 125 10.65 -52.32 -12.85
CA SER B 125 10.76 -52.68 -14.28
C SER B 125 10.77 -51.50 -15.25
N ALA B 126 10.52 -50.29 -14.79
CA ALA B 126 10.27 -49.16 -15.73
C ALA B 126 11.55 -48.80 -16.49
N PRO B 127 11.44 -48.52 -17.82
CA PRO B 127 12.70 -48.27 -18.60
C PRO B 127 13.51 -47.11 -17.99
N GLU B 128 14.78 -47.36 -17.71
CA GLU B 128 15.66 -46.37 -17.09
C GLU B 128 15.81 -45.03 -17.84
N GLU B 129 15.75 -45.07 -19.17
CA GLU B 129 15.84 -43.85 -19.97
C GLU B 129 14.67 -42.91 -19.71
N LYS B 130 13.47 -43.47 -19.50
CA LYS B 130 12.30 -42.66 -19.16
C LYS B 130 12.34 -42.12 -17.74
N ILE B 131 12.82 -42.94 -16.80
CA ILE B 131 13.02 -42.51 -15.41
C ILE B 131 13.93 -41.31 -15.37
N ARG B 132 15.04 -41.38 -16.11
CA ARG B 132 16.06 -40.31 -16.13
C ARG B 132 15.44 -38.99 -16.66
N MET B 133 14.60 -39.08 -17.68
CA MET B 133 13.87 -37.91 -18.19
C MET B 133 12.89 -37.34 -17.16
N LEU B 134 12.17 -38.20 -16.44
CA LEU B 134 11.25 -37.73 -15.38
C LEU B 134 11.96 -37.15 -14.18
N GLU B 135 13.16 -37.67 -13.91
CA GLU B 135 13.97 -37.13 -12.80
C GLU B 135 14.38 -35.66 -12.95
N GLU B 136 14.37 -35.15 -14.20
CA GLU B 136 14.60 -33.71 -14.43
C GLU B 136 13.51 -32.82 -13.85
N LYS B 137 12.27 -33.32 -13.83
CA LYS B 137 11.09 -32.54 -13.38
C LYS B 137 10.53 -32.97 -12.02
N ALA B 138 11.00 -34.10 -11.47
CA ALA B 138 10.33 -34.70 -10.30
C ALA B 138 11.21 -35.63 -9.50
N LEU B 139 10.84 -35.86 -8.24
CA LEU B 139 11.34 -37.01 -7.47
C LEU B 139 10.71 -38.33 -8.00
N VAL B 140 11.53 -39.31 -8.33
CA VAL B 140 11.08 -40.62 -8.78
C VAL B 140 11.33 -41.71 -7.72
N ILE B 141 10.27 -42.35 -7.24
CA ILE B 141 10.34 -43.44 -6.22
C ILE B 141 10.07 -44.77 -6.89
N LYS B 142 11.03 -45.69 -6.79
CA LYS B 142 10.95 -47.02 -7.36
C LYS B 142 10.50 -47.98 -6.26
N THR B 143 9.49 -48.79 -6.53
CA THR B 143 9.09 -49.84 -5.63
C THR B 143 8.45 -50.91 -6.48
N GLY B 144 8.40 -52.12 -5.94
CA GLY B 144 7.75 -53.23 -6.54
C GLY B 144 8.43 -53.66 -7.83
N ALA B 145 7.95 -54.76 -8.36
CA ALA B 145 8.56 -55.35 -9.53
C ALA B 145 7.96 -54.82 -10.84
N PHE B 146 6.69 -55.15 -11.08
CA PHE B 146 5.89 -54.59 -12.18
C PHE B 146 4.77 -53.65 -11.71
N ARG B 147 3.97 -54.09 -10.76
CA ARG B 147 3.05 -53.18 -10.08
C ARG B 147 3.87 -52.32 -9.09
N VAL B 148 3.50 -51.05 -8.96
CA VAL B 148 3.92 -50.23 -7.85
C VAL B 148 3.37 -50.80 -6.53
N ASP B 149 4.24 -50.87 -5.53
CA ASP B 149 3.86 -51.36 -4.21
C ASP B 149 3.31 -50.21 -3.42
N LEU B 150 1.99 -50.16 -3.33
CA LEU B 150 1.27 -49.03 -2.76
C LEU B 150 1.41 -48.92 -1.26
N THR B 151 1.62 -50.07 -0.60
CA THR B 151 1.83 -50.09 0.86
C THR B 151 3.20 -49.45 1.19
N GLU B 152 4.21 -49.83 0.41
CA GLU B 152 5.55 -49.31 0.52
C GLU B 152 5.60 -47.80 0.19
N LEU B 153 5.06 -47.42 -0.98
CA LEU B 153 4.86 -46.00 -1.35
C LEU B 153 4.24 -45.18 -0.23
N ALA B 154 3.14 -45.68 0.34
CA ALA B 154 2.45 -44.98 1.42
C ALA B 154 3.33 -44.81 2.68
N ALA B 155 4.19 -45.79 2.96
CA ALA B 155 5.20 -45.69 4.05
C ALA B 155 6.24 -44.56 3.82
N LYS B 156 6.79 -44.52 2.60
CA LYS B 156 7.73 -43.52 2.17
C LYS B 156 7.16 -42.10 2.17
N LEU B 157 5.90 -41.94 1.78
CA LEU B 157 5.23 -40.62 1.87
C LEU B 157 5.06 -40.15 3.30
N LYS B 158 4.58 -41.02 4.18
CA LYS B 158 4.45 -40.70 5.63
C LYS B 158 5.78 -40.25 6.23
N GLU B 159 6.81 -41.00 5.88
CA GLU B 159 8.17 -40.78 6.34
C GLU B 159 8.70 -39.39 5.92
N MET B 160 8.32 -38.92 4.73
CA MET B 160 8.75 -37.60 4.24
C MET B 160 7.81 -36.45 4.73
N GLY B 161 6.83 -36.76 5.59
CA GLY B 161 6.02 -35.72 6.27
C GLY B 161 4.55 -35.62 5.85
N ILE B 162 4.12 -36.46 4.89
CA ILE B 162 2.75 -36.49 4.43
C ILE B 162 1.88 -37.26 5.40
N ASN B 163 0.94 -36.59 6.05
CA ASN B 163 -0.03 -37.19 7.00
C ASN B 163 -1.45 -37.27 6.49
N SER B 164 -1.72 -36.61 5.37
CA SER B 164 -3.06 -36.56 4.80
C SER B 164 -2.87 -36.66 3.31
N LEU B 165 -3.40 -37.75 2.75
CA LEU B 165 -3.21 -38.09 1.34
C LEU B 165 -4.59 -38.21 0.69
N MET B 166 -4.83 -37.34 -0.27
CA MET B 166 -6.08 -37.35 -1.03
C MET B 166 -5.87 -38.19 -2.27
N VAL B 167 -6.63 -39.26 -2.41
CA VAL B 167 -6.56 -40.04 -3.65
C VAL B 167 -7.63 -39.49 -4.55
N GLU B 168 -7.21 -38.99 -5.71
CA GLU B 168 -8.16 -38.40 -6.64
C GLU B 168 -8.50 -39.26 -7.83
N GLY B 169 -8.54 -40.55 -7.64
CA GLY B 169 -9.11 -41.37 -8.66
C GLY B 169 -8.33 -41.94 -9.82
N GLY B 170 -9.21 -42.50 -10.62
CA GLY B 170 -8.94 -43.44 -11.63
C GLY B 170 -9.51 -44.66 -10.99
N ALA B 171 -10.22 -45.36 -11.84
CA ALA B 171 -10.85 -46.60 -11.50
C ALA B 171 -9.81 -47.63 -11.04
N THR B 172 -8.63 -47.62 -11.66
CA THR B 172 -7.57 -48.60 -11.36
C THR B 172 -6.89 -48.34 -10.02
N LEU B 173 -6.46 -47.10 -9.83
CA LEU B 173 -5.79 -46.73 -8.59
C LEU B 173 -6.70 -46.98 -7.40
N ASN B 174 -7.96 -46.57 -7.54
CA ASN B 174 -8.92 -46.74 -6.48
C ASN B 174 -9.02 -48.19 -6.08
N TRP B 175 -8.98 -49.07 -7.08
CA TRP B 175 -8.98 -50.52 -6.78
C TRP B 175 -7.68 -50.91 -6.05
N GLY B 176 -6.54 -50.47 -6.57
CA GLY B 176 -5.23 -50.70 -5.93
C GLY B 176 -5.26 -50.35 -4.44
N MET B 177 -5.74 -49.15 -4.12
CA MET B 177 -5.65 -48.61 -2.76
C MET B 177 -6.65 -49.30 -1.84
N LEU B 178 -7.85 -49.55 -2.35
CA LEU B 178 -8.86 -50.25 -1.58
C LEU B 178 -8.47 -51.74 -1.35
N SER B 179 -8.03 -52.42 -2.38
CA SER B 179 -7.73 -53.87 -2.25
C SER B 179 -6.44 -54.14 -1.42
N ALA B 180 -5.55 -53.16 -1.30
CA ALA B 180 -4.41 -53.26 -0.37
C ALA B 180 -4.73 -52.87 1.08
N GLY B 181 -5.93 -52.40 1.36
CA GLY B 181 -6.35 -52.10 2.73
C GLY B 181 -5.86 -50.74 3.24
N LEU B 182 -5.52 -49.83 2.33
CA LEU B 182 -4.92 -48.55 2.68
C LEU B 182 -5.89 -47.36 2.90
N VAL B 183 -7.17 -47.50 2.58
CA VAL B 183 -8.07 -46.39 2.57
C VAL B 183 -8.86 -46.32 3.87
N ASP B 184 -8.87 -45.13 4.47
CA ASP B 184 -9.64 -44.88 5.67
C ASP B 184 -11.05 -44.49 5.29
N GLU B 185 -11.22 -43.61 4.30
CA GLU B 185 -12.55 -43.07 3.95
C GLU B 185 -12.73 -42.91 2.43
N VAL B 186 -14.01 -42.87 2.00
CA VAL B 186 -14.39 -42.74 0.61
C VAL B 186 -15.45 -41.67 0.49
N TYR B 187 -15.21 -40.69 -0.39
CA TYR B 187 -16.17 -39.61 -0.66
C TYR B 187 -16.60 -39.67 -2.13
N THR B 188 -17.88 -39.88 -2.33
CA THR B 188 -18.49 -40.00 -3.61
C THR B 188 -19.53 -38.92 -3.81
N PHE B 189 -19.28 -37.98 -4.72
CA PHE B 189 -20.34 -37.04 -5.12
C PHE B 189 -21.09 -37.68 -6.26
N VAL B 190 -22.37 -37.98 -6.04
CA VAL B 190 -23.20 -38.66 -7.00
C VAL B 190 -24.01 -37.64 -7.76
N GLY B 191 -23.66 -37.48 -9.04
CA GLY B 191 -24.25 -36.48 -9.89
C GLY B 191 -25.52 -36.96 -10.56
N ASN B 192 -26.30 -36.00 -11.04
CA ASN B 192 -27.63 -36.27 -11.56
C ASN B 192 -27.60 -36.64 -13.04
N LEU B 193 -26.97 -37.77 -13.33
CA LEU B 193 -26.91 -38.25 -14.67
C LEU B 193 -26.64 -39.74 -14.74
N ILE B 194 -27.01 -40.32 -15.90
CA ILE B 194 -26.62 -41.69 -16.29
C ILE B 194 -25.60 -41.57 -17.43
N ILE B 195 -24.45 -42.22 -17.27
CA ILE B 195 -23.42 -42.26 -18.33
C ILE B 195 -23.54 -43.56 -19.15
N GLY B 196 -23.62 -44.70 -18.43
CA GLY B 196 -23.71 -46.01 -19.04
C GLY B 196 -22.39 -46.55 -19.62
N GLY B 197 -22.41 -47.79 -20.06
CA GLY B 197 -21.32 -48.42 -20.78
C GLY B 197 -20.56 -49.46 -19.93
N LYS B 198 -20.47 -50.68 -20.44
CA LYS B 198 -19.73 -51.75 -19.76
C LYS B 198 -18.23 -51.49 -19.61
N THR B 199 -17.67 -50.71 -20.53
CA THR B 199 -16.27 -50.34 -20.54
C THR B 199 -16.02 -48.90 -20.06
N ALA B 200 -17.04 -48.21 -19.58
CA ALA B 200 -16.83 -46.90 -18.98
C ALA B 200 -16.20 -47.08 -17.59
N PRO B 201 -15.18 -46.29 -17.26
CA PRO B 201 -14.56 -46.49 -15.95
C PRO B 201 -15.51 -46.18 -14.79
N THR B 202 -15.55 -47.08 -13.83
CA THR B 202 -16.38 -46.92 -12.65
C THR B 202 -15.54 -46.36 -11.52
N PHE B 203 -16.18 -46.15 -10.37
CA PHE B 203 -15.47 -45.67 -9.18
C PHE B 203 -14.44 -46.71 -8.66
N THR B 204 -14.67 -48.01 -8.93
CA THR B 204 -13.67 -49.05 -8.64
C THR B 204 -13.65 -50.16 -9.70
N ASP B 205 -12.59 -50.19 -10.49
CA ASP B 205 -12.39 -51.23 -11.53
C ASP B 205 -11.38 -52.26 -11.08
N GLY B 206 -10.28 -52.45 -11.82
CA GLY B 206 -9.31 -53.50 -11.53
C GLY B 206 -9.90 -54.92 -11.53
N GLU B 207 -9.30 -55.81 -10.73
CA GLU B 207 -9.68 -57.24 -10.68
C GLU B 207 -11.09 -57.38 -10.13
N GLY B 208 -11.34 -56.72 -9.01
CA GLY B 208 -12.59 -56.88 -8.29
C GLY B 208 -12.51 -57.91 -7.19
N PHE B 209 -13.25 -57.65 -6.11
CA PHE B 209 -13.38 -58.59 -5.02
C PHE B 209 -14.34 -59.73 -5.39
N THR B 210 -14.03 -60.93 -4.91
CA THR B 210 -14.97 -62.04 -4.96
C THR B 210 -15.95 -61.89 -3.84
N GLU B 211 -17.04 -62.66 -3.93
CA GLU B 211 -18.12 -62.71 -2.92
C GLU B 211 -17.66 -62.88 -1.47
N ASN B 212 -16.57 -63.59 -1.26
CA ASN B 212 -15.96 -63.78 0.07
C ASN B 212 -15.03 -62.67 0.57
N GLU B 213 -14.62 -61.74 -0.29
CA GLU B 213 -13.66 -60.67 0.10
C GLU B 213 -14.22 -59.23 -0.03
N LEU B 214 -15.53 -59.09 0.03
CA LEU B 214 -16.19 -57.81 -0.17
C LEU B 214 -15.77 -56.87 0.95
N LEU B 215 -15.45 -55.62 0.58
CA LEU B 215 -14.96 -54.60 1.52
C LEU B 215 -16.14 -53.86 2.14
N GLY B 216 -16.32 -53.99 3.45
CA GLY B 216 -17.38 -53.38 4.19
C GLY B 216 -17.12 -51.90 4.47
N LEU B 217 -18.21 -51.14 4.56
CA LEU B 217 -18.17 -49.70 4.73
C LEU B 217 -19.18 -49.37 5.79
N GLU B 218 -19.10 -48.14 6.29
CA GLU B 218 -20.10 -47.57 7.16
C GLU B 218 -20.46 -46.19 6.60
N LEU B 219 -21.74 -45.94 6.37
CA LEU B 219 -22.16 -44.63 5.93
C LEU B 219 -21.91 -43.60 7.06
N SER B 220 -21.05 -42.60 6.80
CA SER B 220 -20.79 -41.51 7.77
C SER B 220 -21.76 -40.35 7.62
N SER B 221 -22.01 -39.93 6.37
CA SER B 221 -22.96 -38.84 6.10
C SER B 221 -23.46 -38.86 4.66
N ALA B 222 -24.60 -38.21 4.45
CA ALA B 222 -25.17 -38.00 3.13
C ALA B 222 -25.77 -36.59 3.09
N GLU B 223 -25.33 -35.78 2.12
CA GLU B 223 -25.66 -34.37 2.06
C GLU B 223 -25.94 -33.98 0.61
N LYS B 224 -27.11 -33.42 0.37
CA LYS B 224 -27.47 -32.89 -0.93
C LYS B 224 -26.66 -31.61 -1.18
N ILE B 225 -26.05 -31.53 -2.37
CA ILE B 225 -25.29 -30.37 -2.82
C ILE B 225 -25.67 -30.12 -4.27
N GLU B 226 -26.19 -28.92 -4.53
CA GLU B 226 -26.73 -28.54 -5.84
C GLU B 226 -27.66 -29.64 -6.35
N ASP B 227 -27.37 -30.26 -7.50
CA ASP B 227 -28.27 -31.22 -8.15
C ASP B 227 -27.95 -32.68 -7.87
N GLY B 228 -26.90 -32.94 -7.09
CA GLY B 228 -26.54 -34.31 -6.69
C GLY B 228 -26.51 -34.48 -5.19
N ILE B 229 -25.77 -35.49 -4.76
CA ILE B 229 -25.66 -35.82 -3.34
C ILE B 229 -24.28 -36.41 -3.04
N LEU B 230 -23.65 -35.91 -1.98
CA LEU B 230 -22.38 -36.34 -1.53
C LEU B 230 -22.55 -37.43 -0.47
N LEU B 231 -22.04 -38.62 -0.77
CA LEU B 231 -21.98 -39.71 0.18
C LEU B 231 -20.55 -39.85 0.69
N LYS B 232 -20.40 -40.02 2.01
CA LYS B 232 -19.13 -40.27 2.68
C LYS B 232 -19.20 -41.60 3.42
N TRP B 233 -18.21 -42.44 3.20
CA TRP B 233 -18.18 -43.80 3.75
C TRP B 233 -16.89 -44.00 4.50
N LYS B 234 -17.00 -44.62 5.65
CA LYS B 234 -15.84 -45.05 6.41
C LYS B 234 -15.57 -46.50 5.95
N VAL B 235 -14.31 -46.82 5.66
CA VAL B 235 -13.90 -48.15 5.27
C VAL B 235 -13.68 -48.98 6.52
N LYS B 236 -14.41 -50.10 6.59
CA LYS B 236 -14.09 -51.24 7.46
C LYS B 236 -14.28 -50.94 8.94
N ARG C 15 13.96 -27.32 11.45
CA ARG C 15 13.71 -28.21 10.26
C ARG C 15 12.30 -28.16 9.63
N PRO C 16 11.17 -28.10 10.41
CA PRO C 16 10.00 -27.53 9.69
C PRO C 16 10.25 -26.09 9.15
N PHE C 17 9.39 -25.66 8.24
CA PHE C 17 9.19 -24.24 7.98
C PHE C 17 8.65 -23.62 9.27
N ILE C 18 9.28 -22.51 9.69
CA ILE C 18 8.95 -21.88 10.98
C ILE C 18 8.61 -20.41 10.80
N PHE C 19 7.47 -20.00 11.37
CA PHE C 19 7.04 -18.64 11.31
C PHE C 19 6.50 -18.17 12.65
N ILE C 20 6.75 -16.91 13.00
CA ILE C 20 6.24 -16.35 14.23
C ILE C 20 5.07 -15.51 13.85
N ASN C 21 3.97 -15.62 14.60
CA ASN C 21 2.83 -14.74 14.46
C ASN C 21 2.45 -14.16 15.81
N SER C 22 2.37 -12.83 15.88
CA SER C 22 2.02 -12.10 17.10
C SER C 22 1.21 -10.86 16.75
N ALA C 23 0.33 -10.48 17.66
CA ALA C 23 -0.24 -9.14 17.71
C ALA C 23 0.62 -8.29 18.68
N MET C 24 0.97 -7.06 18.29
CA MET C 24 1.71 -6.14 19.15
C MET C 24 1.19 -4.74 19.05
N SER C 25 1.43 -3.97 20.11
CA SER C 25 1.10 -2.54 20.14
C SER C 25 1.99 -1.76 19.17
N ALA C 26 1.66 -0.48 18.96
CA ALA C 26 2.46 0.38 18.07
C ALA C 26 3.90 0.59 18.57
N ASP C 27 4.07 0.51 19.89
CA ASP C 27 5.39 0.55 20.55
C ASP C 27 6.03 -0.85 20.84
N GLY C 28 5.46 -1.90 20.24
CA GLY C 28 6.09 -3.21 20.19
C GLY C 28 5.88 -4.14 21.37
N LYS C 29 4.79 -3.95 22.14
CA LYS C 29 4.47 -4.78 23.32
C LYS C 29 3.46 -5.87 23.03
N LEU C 30 3.64 -7.03 23.67
CA LEU C 30 2.66 -8.14 23.60
C LEU C 30 1.57 -8.04 24.67
N SER C 31 1.92 -7.38 25.79
CA SER C 31 1.03 -7.23 26.94
C SER C 31 1.61 -6.12 27.86
N THR C 32 0.93 -5.84 28.97
CA THR C 32 1.30 -4.73 29.85
C THR C 32 2.51 -5.12 30.70
N LYS C 33 3.01 -4.15 31.45
CA LYS C 33 4.06 -4.36 32.47
C LYS C 33 3.70 -5.41 33.53
N GLU C 34 2.41 -5.62 33.79
CA GLU C 34 1.91 -6.66 34.71
C GLU C 34 1.65 -8.01 33.99
N ARG C 35 2.06 -8.11 32.72
CA ARG C 35 1.80 -9.28 31.89
C ARG C 35 0.33 -9.69 31.77
N LYS C 36 -0.55 -8.68 31.72
CA LYS C 36 -1.99 -8.90 31.48
C LYS C 36 -2.28 -8.74 29.99
N GLN C 37 -2.96 -9.73 29.42
CA GLN C 37 -3.41 -9.70 28.02
C GLN C 37 -4.36 -8.53 27.76
N VAL C 38 -4.21 -7.90 26.59
CA VAL C 38 -5.12 -6.82 26.19
C VAL C 38 -5.64 -7.07 24.77
N LYS C 39 -6.68 -6.34 24.40
CA LYS C 39 -7.22 -6.38 23.05
C LYS C 39 -6.25 -5.64 22.12
N ILE C 40 -5.58 -6.36 21.24
CA ILE C 40 -4.75 -5.77 20.21
C ILE C 40 -5.40 -6.07 18.87
N SER C 41 -5.55 -7.36 18.56
CA SER C 41 -6.26 -7.81 17.36
C SER C 41 -7.74 -7.46 17.46
N GLY C 42 -8.33 -7.02 16.36
CA GLY C 42 -9.78 -7.01 16.21
C GLY C 42 -10.18 -8.31 15.55
N LYS C 43 -11.44 -8.41 15.18
CA LYS C 43 -12.02 -9.68 14.73
C LYS C 43 -11.42 -10.25 13.43
N LEU C 44 -11.09 -9.38 12.48
CA LEU C 44 -10.52 -9.81 11.20
C LEU C 44 -9.09 -10.35 11.39
N ASP C 45 -8.29 -9.74 12.27
CA ASP C 45 -7.00 -10.34 12.60
C ASP C 45 -7.16 -11.66 13.35
N PHE C 46 -8.13 -11.76 14.27
CA PHE C 46 -8.51 -13.03 14.92
C PHE C 46 -8.84 -14.10 13.86
N GLU C 47 -9.64 -13.73 12.86
CA GLU C 47 -9.98 -14.60 11.72
C GLU C 47 -8.76 -15.07 10.89
N ARG C 48 -7.86 -14.17 10.57
CA ARG C 48 -6.65 -14.53 9.87
C ARG C 48 -5.71 -15.45 10.69
N MET C 49 -5.59 -15.19 11.98
CA MET C 49 -4.81 -16.04 12.90
C MET C 49 -5.40 -17.46 12.97
N ASP C 50 -6.73 -17.54 13.00
CA ASP C 50 -7.44 -18.80 13.03
C ASP C 50 -7.17 -19.57 11.72
N GLU C 51 -7.16 -18.91 10.57
CA GLU C 51 -6.84 -19.57 9.31
C GLU C 51 -5.41 -20.08 9.29
N LEU C 52 -4.48 -19.33 9.87
CA LEU C 52 -3.08 -19.76 9.94
C LEU C 52 -2.95 -21.01 10.81
N ARG C 53 -3.62 -21.04 11.95
CA ARG C 53 -3.61 -22.17 12.88
C ARG C 53 -4.15 -23.43 12.20
N ALA C 54 -5.23 -23.26 11.45
CA ALA C 54 -5.86 -24.38 10.73
C ALA C 54 -4.94 -25.01 9.67
N HIS C 55 -4.14 -24.22 9.00
CA HIS C 55 -3.20 -24.74 8.01
C HIS C 55 -1.86 -25.22 8.57
N ALA C 56 -1.54 -24.85 9.81
CA ALA C 56 -0.27 -25.27 10.42
C ALA C 56 -0.40 -26.73 10.89
N ASP C 57 0.71 -27.45 10.82
CA ASP C 57 0.80 -28.81 11.40
C ASP C 57 0.99 -28.72 12.92
N ALA C 58 1.65 -27.65 13.39
CA ALA C 58 1.88 -27.48 14.83
C ALA C 58 1.96 -26.01 15.25
N ILE C 59 1.55 -25.76 16.49
CA ILE C 59 1.66 -24.47 17.13
C ILE C 59 2.57 -24.64 18.34
N MET C 60 3.53 -23.73 18.48
CA MET C 60 4.49 -23.72 19.60
C MET C 60 4.38 -22.43 20.43
N VAL C 61 4.42 -22.58 21.73
CA VAL C 61 4.26 -21.46 22.66
C VAL C 61 5.22 -21.65 23.84
N GLY C 62 5.73 -20.55 24.41
CA GLY C 62 6.56 -20.62 25.60
C GLY C 62 5.76 -20.83 26.86
N ILE C 63 6.40 -21.41 27.87
CA ILE C 63 5.77 -21.63 29.19
C ILE C 63 5.24 -20.33 29.83
N GLY C 64 5.97 -19.22 29.62
CA GLY C 64 5.57 -17.88 30.07
C GLY C 64 4.18 -17.45 29.64
N THR C 65 3.86 -17.71 28.38
CA THR C 65 2.53 -17.45 27.83
C THR C 65 1.46 -18.38 28.43
N VAL C 66 1.80 -19.65 28.64
CA VAL C 66 0.84 -20.57 29.25
C VAL C 66 0.49 -20.14 30.68
N LEU C 67 1.49 -19.75 31.47
CA LEU C 67 1.23 -19.34 32.86
C LEU C 67 0.43 -18.03 32.93
N ALA C 68 0.80 -17.04 32.11
CA ALA C 68 0.10 -15.75 32.07
C ALA C 68 -1.33 -15.83 31.51
N ASP C 69 -1.46 -16.30 30.28
CA ASP C 69 -2.73 -16.25 29.54
C ASP C 69 -3.57 -17.51 29.58
N ASP C 70 -2.94 -18.66 29.83
CA ASP C 70 -3.60 -19.96 29.77
C ASP C 70 -4.40 -20.22 28.48
N PRO C 71 -3.81 -19.96 27.30
CA PRO C 71 -4.54 -20.10 26.03
C PRO C 71 -4.77 -21.58 25.67
N SER C 72 -5.86 -21.86 24.97
CA SER C 72 -6.19 -23.21 24.48
C SER C 72 -5.38 -23.57 23.22
N LEU C 73 -5.03 -22.56 22.42
CA LEU C 73 -4.36 -22.73 21.13
C LEU C 73 -5.17 -23.56 20.13
N THR C 74 -6.49 -23.61 20.30
CA THR C 74 -7.35 -24.33 19.40
C THR C 74 -7.72 -23.47 18.19
N VAL C 75 -8.08 -24.14 17.10
CA VAL C 75 -8.82 -23.57 15.98
C VAL C 75 -10.26 -23.35 16.48
N LYS C 76 -10.80 -22.17 16.19
CA LYS C 76 -12.11 -21.73 16.71
C LYS C 76 -13.26 -22.02 15.75
N SER C 77 -13.07 -21.67 14.48
CA SER C 77 -14.10 -21.86 13.45
C SER C 77 -14.50 -23.33 13.29
N PRO C 78 -15.81 -23.64 13.41
CA PRO C 78 -16.23 -25.04 13.24
C PRO C 78 -15.94 -25.60 11.85
N GLU C 79 -15.97 -24.72 10.85
CA GLU C 79 -15.74 -25.07 9.44
C GLU C 79 -14.28 -25.35 9.10
N ARG C 80 -13.37 -24.60 9.71
CA ARG C 80 -11.95 -24.89 9.62
C ARG C 80 -11.61 -26.21 10.31
N LYS C 81 -12.18 -26.43 11.48
CA LYS C 81 -12.01 -27.71 12.18
C LYS C 81 -12.54 -28.88 11.33
N ALA C 82 -13.70 -28.69 10.72
CA ALA C 82 -14.33 -29.70 9.88
C ALA C 82 -13.46 -30.04 8.66
N ALA C 83 -12.95 -29.02 7.98
CA ALA C 83 -12.09 -29.17 6.82
C ALA C 83 -10.78 -29.92 7.11
N ARG C 84 -10.14 -29.59 8.23
CA ARG C 84 -8.97 -30.33 8.70
C ARG C 84 -9.34 -31.81 8.91
N LYS C 85 -10.46 -32.04 9.59
CA LYS C 85 -10.89 -33.38 9.94
C LYS C 85 -11.20 -34.16 8.66
N ALA C 86 -11.89 -33.53 7.73
CA ALA C 86 -12.20 -34.13 6.44
C ALA C 86 -10.97 -34.51 5.61
N ALA C 87 -9.88 -33.79 5.78
CA ALA C 87 -8.62 -34.16 5.18
C ALA C 87 -7.78 -35.12 6.00
N GLY C 88 -8.34 -35.68 7.06
CA GLY C 88 -7.63 -36.67 7.91
C GLY C 88 -6.72 -36.19 9.03
N LYS C 89 -6.84 -34.93 9.39
CA LYS C 89 -6.00 -34.34 10.44
C LYS C 89 -6.82 -34.25 11.71
N SER C 90 -6.14 -34.19 12.85
CA SER C 90 -6.81 -33.76 14.08
C SER C 90 -7.42 -32.37 13.85
N GLU C 91 -8.58 -32.15 14.46
CA GLU C 91 -9.25 -30.83 14.46
C GLU C 91 -8.30 -29.65 14.79
N ASN C 92 -7.36 -29.87 15.72
CA ASN C 92 -6.35 -28.88 16.07
C ASN C 92 -5.00 -29.38 15.66
N PRO C 93 -4.12 -28.48 15.22
CA PRO C 93 -2.73 -28.93 15.03
C PRO C 93 -2.10 -29.34 16.34
N VAL C 94 -0.91 -29.91 16.24
CA VAL C 94 -0.14 -30.35 17.40
C VAL C 94 0.18 -29.11 18.26
N ARG C 95 0.03 -29.22 19.57
CA ARG C 95 0.27 -28.09 20.48
C ARG C 95 1.53 -28.33 21.32
N VAL C 96 2.50 -27.43 21.17
CA VAL C 96 3.85 -27.64 21.73
C VAL C 96 4.17 -26.52 22.74
N VAL C 97 4.52 -26.91 23.98
CA VAL C 97 4.95 -25.97 25.03
C VAL C 97 6.47 -26.09 25.29
N VAL C 98 7.23 -25.02 25.04
CA VAL C 98 8.67 -24.98 25.42
C VAL C 98 8.73 -24.58 26.89
N ASP C 99 9.16 -25.55 27.72
CA ASP C 99 8.90 -25.54 29.17
C ASP C 99 10.11 -26.19 29.89
N GLU C 100 11.22 -25.45 29.94
CA GLU C 100 12.50 -25.96 30.48
C GLU C 100 12.44 -26.71 31.84
N SER C 101 11.68 -26.19 32.81
CA SER C 101 11.59 -26.82 34.14
C SER C 101 10.31 -27.59 34.38
N ALA C 102 9.60 -27.95 33.31
CA ALA C 102 8.37 -28.76 33.42
C ALA C 102 7.32 -28.12 34.35
N ARG C 103 7.10 -26.82 34.20
CA ARG C 103 6.11 -26.09 35.01
C ARG C 103 4.70 -25.97 34.35
N THR C 104 4.48 -26.55 33.18
CA THR C 104 3.15 -26.52 32.57
C THR C 104 2.09 -27.05 33.57
N PRO C 105 1.05 -26.24 33.89
CA PRO C 105 0.04 -26.73 34.83
C PRO C 105 -0.78 -27.89 34.26
N LEU C 106 -1.17 -28.81 35.13
CA LEU C 106 -1.87 -30.04 34.72
C LEU C 106 -3.33 -29.79 34.33
N ASN C 107 -3.90 -28.73 34.91
CA ASN C 107 -5.23 -28.22 34.58
C ASN C 107 -5.16 -27.05 33.58
N ALA C 108 -4.05 -26.92 32.83
CA ALA C 108 -3.96 -25.93 31.76
C ALA C 108 -4.99 -26.16 30.65
N ASP C 109 -5.41 -25.07 30.01
CA ASP C 109 -6.48 -25.10 28.98
C ASP C 109 -6.06 -25.88 27.70
N ILE C 110 -4.75 -25.92 27.46
CA ILE C 110 -4.16 -26.78 26.44
C ILE C 110 -4.58 -28.22 26.62
N PHE C 111 -4.68 -28.69 27.87
CA PHE C 111 -5.10 -30.07 28.17
C PHE C 111 -6.61 -30.24 28.31
N LYS C 112 -7.34 -29.19 28.68
CA LYS C 112 -8.80 -29.26 28.82
C LYS C 112 -9.55 -29.27 27.50
N LYS C 113 -9.07 -28.50 26.51
CA LYS C 113 -9.87 -28.20 25.32
C LYS C 113 -9.35 -28.77 24.01
N GLY C 114 -10.27 -29.41 23.27
CA GLY C 114 -9.99 -29.90 21.93
C GLY C 114 -9.31 -31.26 21.89
N GLU C 115 -9.40 -31.91 20.74
CA GLU C 115 -8.65 -33.12 20.46
C GLU C 115 -7.28 -32.75 19.88
N GLY C 116 -6.31 -33.66 20.00
CA GLY C 116 -5.02 -33.53 19.30
C GLY C 116 -3.84 -33.89 20.19
N LEU C 117 -2.68 -34.06 19.58
CA LEU C 117 -1.43 -34.33 20.29
C LEU C 117 -0.92 -33.08 21.01
N ARG C 118 -0.55 -33.25 22.27
CA ARG C 118 0.19 -32.24 23.05
C ARG C 118 1.61 -32.70 23.29
N ILE C 119 2.56 -31.79 23.10
CA ILE C 119 3.98 -32.04 23.37
C ILE C 119 4.49 -30.99 24.33
N ILE C 120 5.09 -31.42 25.45
CA ILE C 120 5.87 -30.55 26.35
C ILE C 120 7.37 -30.82 26.14
N ALA C 121 8.09 -29.83 25.60
CA ALA C 121 9.54 -29.88 25.43
C ALA C 121 10.19 -29.31 26.69
N VAL C 122 10.94 -30.14 27.41
CA VAL C 122 11.58 -29.77 28.68
C VAL C 122 13.09 -29.95 28.60
N SER C 123 13.78 -29.44 29.60
CA SER C 123 15.24 -29.62 29.70
C SER C 123 15.54 -30.87 30.51
N ASN C 124 16.75 -31.40 30.33
CA ASN C 124 17.22 -32.52 31.14
C ASN C 124 17.32 -32.23 32.63
N SER C 125 17.37 -30.95 33.02
CA SER C 125 17.33 -30.59 34.45
C SER C 125 15.95 -30.59 35.09
N ALA C 126 14.87 -30.80 34.34
CA ALA C 126 13.52 -30.64 34.89
C ALA C 126 13.21 -31.74 35.90
N PRO C 127 12.57 -31.40 37.04
CA PRO C 127 12.34 -32.45 38.05
C PRO C 127 11.56 -33.63 37.48
N GLU C 128 12.09 -34.84 37.65
CA GLU C 128 11.45 -36.05 37.13
C GLU C 128 10.00 -36.31 37.58
N GLU C 129 9.67 -35.92 38.81
CA GLU C 129 8.31 -36.13 39.34
C GLU C 129 7.28 -35.32 38.54
N LYS C 130 7.66 -34.12 38.11
CA LYS C 130 6.80 -33.28 37.28
C LYS C 130 6.69 -33.77 35.83
N ILE C 131 7.80 -34.25 35.27
CA ILE C 131 7.80 -34.90 33.95
C ILE C 131 6.85 -36.08 33.92
N ARG C 132 6.92 -36.92 34.94
CA ARG C 132 6.04 -38.09 35.03
C ARG C 132 4.54 -37.69 35.02
N MET C 133 4.21 -36.63 35.77
CA MET C 133 2.83 -36.12 35.81
C MET C 133 2.39 -35.60 34.44
N LEU C 134 3.28 -34.88 33.74
CA LEU C 134 2.97 -34.37 32.40
C LEU C 134 2.89 -35.48 31.34
N GLU C 135 3.65 -36.56 31.53
CA GLU C 135 3.57 -37.73 30.66
C GLU C 135 2.19 -38.43 30.62
N GLU C 136 1.38 -38.27 31.67
CA GLU C 136 -0.02 -38.75 31.65
C GLU C 136 -0.90 -38.06 30.58
N LYS C 137 -0.63 -36.77 30.31
CA LYS C 137 -1.44 -35.96 29.38
C LYS C 137 -0.76 -35.67 28.04
N ALA C 138 0.53 -35.96 27.90
CA ALA C 138 1.28 -35.46 26.75
C ALA C 138 2.53 -36.26 26.47
N LEU C 139 3.02 -36.14 25.23
CA LEU C 139 4.40 -36.56 24.91
C LEU C 139 5.40 -35.54 25.48
N VAL C 140 6.40 -36.01 26.23
CA VAL C 140 7.43 -35.15 26.79
C VAL C 140 8.77 -35.40 26.10
N ILE C 141 9.34 -34.36 25.48
CA ILE C 141 10.65 -34.44 24.82
C ILE C 141 11.69 -33.71 25.69
N LYS C 142 12.74 -34.44 26.07
CA LYS C 142 13.87 -33.89 26.83
C LYS C 142 14.98 -33.52 25.88
N THR C 143 15.50 -32.30 25.97
CA THR C 143 16.68 -31.92 25.24
C THR C 143 17.36 -30.83 26.07
N GLY C 144 18.63 -30.62 25.80
CA GLY C 144 19.42 -29.60 26.43
C GLY C 144 19.58 -29.80 27.92
N ALA C 145 20.47 -29.01 28.50
CA ALA C 145 20.82 -29.17 29.91
C ALA C 145 19.85 -28.38 30.81
N PHE C 146 19.86 -27.05 30.66
CA PHE C 146 18.95 -26.14 31.38
C PHE C 146 18.01 -25.42 30.41
N ARG C 147 18.55 -24.78 29.38
CA ARG C 147 17.74 -24.28 28.27
C ARG C 147 17.33 -25.48 27.38
N VAL C 148 16.08 -25.47 26.91
CA VAL C 148 15.63 -26.39 25.86
C VAL C 148 16.45 -26.09 24.60
N ASP C 149 16.95 -27.14 23.96
CA ASP C 149 17.69 -27.01 22.72
C ASP C 149 16.68 -26.95 21.57
N LEU C 150 16.43 -25.74 21.09
CA LEU C 150 15.38 -25.47 20.11
C LEU C 150 15.74 -26.01 18.74
N THR C 151 17.03 -26.12 18.43
CA THR C 151 17.48 -26.67 17.13
C THR C 151 17.20 -28.18 17.07
N GLU C 152 17.53 -28.85 18.17
CA GLU C 152 17.24 -30.26 18.35
C GLU C 152 15.73 -30.52 18.33
N LEU C 153 14.98 -29.80 19.19
CA LEU C 153 13.51 -29.86 19.21
C LEU C 153 12.90 -29.74 17.78
N ALA C 154 13.37 -28.76 17.03
CA ALA C 154 12.89 -28.53 15.67
C ALA C 154 13.22 -29.69 14.70
N ALA C 155 14.36 -30.36 14.91
CA ALA C 155 14.71 -31.61 14.20
C ALA C 155 13.73 -32.77 14.48
N LYS C 156 13.45 -32.97 15.77
CA LYS C 156 12.53 -34.01 16.23
C LYS C 156 11.10 -33.81 15.73
N LEU C 157 10.64 -32.56 15.70
CA LEU C 157 9.29 -32.24 15.17
C LEU C 157 9.15 -32.50 13.67
N LYS C 158 10.15 -32.07 12.89
CA LYS C 158 10.25 -32.42 11.44
C LYS C 158 10.22 -33.95 11.19
N GLU C 159 11.03 -34.67 11.94
CA GLU C 159 11.12 -36.12 11.91
C GLU C 159 9.77 -36.83 12.20
N MET C 160 8.93 -36.24 13.08
CA MET C 160 7.57 -36.76 13.33
C MET C 160 6.51 -36.35 12.29
N GLY C 161 6.88 -35.55 11.30
CA GLY C 161 5.96 -35.18 10.22
C GLY C 161 5.54 -33.72 10.16
N ILE C 162 6.00 -32.91 11.11
CA ILE C 162 5.63 -31.49 11.19
C ILE C 162 6.47 -30.72 10.18
N ASN C 163 5.83 -30.16 9.16
CA ASN C 163 6.51 -29.35 8.12
C ASN C 163 6.21 -27.86 8.19
N SER C 164 5.25 -27.48 9.02
CA SER C 164 4.84 -26.12 9.16
C SER C 164 4.56 -25.89 10.64
N LEU C 165 5.35 -24.99 11.24
CA LEU C 165 5.36 -24.75 12.66
C LEU C 165 5.10 -23.28 12.90
N MET C 166 3.97 -23.02 13.57
CA MET C 166 3.58 -21.67 13.90
C MET C 166 4.07 -21.36 15.30
N VAL C 167 4.94 -20.36 15.43
CA VAL C 167 5.38 -19.94 16.75
C VAL C 167 4.47 -18.83 17.20
N GLU C 168 3.73 -19.06 18.26
CA GLU C 168 2.75 -18.09 18.72
C GLU C 168 3.23 -17.26 19.90
N GLY C 169 4.51 -16.99 19.96
CA GLY C 169 4.93 -16.02 20.94
C GLY C 169 5.27 -16.34 22.38
N GLY C 170 5.47 -15.19 23.01
CA GLY C 170 6.15 -15.00 24.23
C GLY C 170 7.43 -14.38 23.74
N ALA C 171 7.74 -13.32 24.45
CA ALA C 171 8.92 -12.54 24.19
C ALA C 171 10.19 -13.40 24.29
N THR C 172 10.20 -14.36 25.21
CA THR C 172 11.39 -15.19 25.44
C THR C 172 11.58 -16.23 24.32
N LEU C 173 10.53 -16.99 24.05
CA LEU C 173 10.59 -17.98 22.98
C LEU C 173 10.97 -17.35 21.65
N ASN C 174 10.34 -16.22 21.32
CA ASN C 174 10.64 -15.53 20.08
C ASN C 174 12.13 -15.23 19.99
N TRP C 175 12.73 -14.84 21.12
CA TRP C 175 14.17 -14.58 21.16
C TRP C 175 14.96 -15.85 20.95
N GLY C 176 14.59 -16.90 21.69
CA GLY C 176 15.17 -18.24 21.49
C GLY C 176 15.23 -18.69 20.02
N MET C 177 14.08 -18.61 19.34
CA MET C 177 13.95 -19.11 17.97
C MET C 177 14.71 -18.23 16.99
N LEU C 178 14.62 -16.90 17.16
CA LEU C 178 15.33 -15.97 16.27
C LEU C 178 16.84 -16.02 16.47
N SER C 179 17.30 -16.04 17.71
CA SER C 179 18.75 -16.09 17.98
C SER C 179 19.43 -17.44 17.65
N ALA C 180 18.68 -18.54 17.60
CA ALA C 180 19.21 -19.81 17.09
C ALA C 180 19.18 -19.93 15.55
N GLY C 181 18.62 -18.95 14.83
CA GLY C 181 18.61 -18.99 13.37
C GLY C 181 17.51 -19.84 12.74
N LEU C 182 16.45 -20.13 13.52
CA LEU C 182 15.43 -21.10 13.08
C LEU C 182 14.22 -20.52 12.34
N VAL C 183 14.07 -19.20 12.30
CA VAL C 183 12.83 -18.60 11.81
C VAL C 183 12.97 -18.19 10.35
N ASP C 184 12.00 -18.61 9.55
CA ASP C 184 11.93 -18.23 8.15
C ASP C 184 11.25 -16.88 8.02
N GLU C 185 10.13 -16.67 8.75
CA GLU C 185 9.29 -15.49 8.57
C GLU C 185 8.66 -15.01 9.86
N VAL C 186 8.32 -13.71 9.87
CA VAL C 186 7.78 -13.03 11.06
C VAL C 186 6.57 -12.20 10.64
N TYR C 187 5.45 -12.42 11.34
CA TYR C 187 4.19 -11.73 11.06
C TYR C 187 3.78 -10.98 12.29
N THR C 188 3.73 -9.67 12.15
CA THR C 188 3.41 -8.75 13.21
C THR C 188 2.14 -7.98 12.85
N PHE C 189 1.04 -8.22 13.56
CA PHE C 189 -0.11 -7.34 13.44
C PHE C 189 0.11 -6.20 14.42
N VAL C 190 0.26 -4.98 13.90
CA VAL C 190 0.52 -3.79 14.71
C VAL C 190 -0.80 -3.08 14.98
N GLY C 191 -1.23 -3.16 16.23
CA GLY C 191 -2.52 -2.64 16.64
C GLY C 191 -2.44 -1.15 16.98
N ASN C 192 -3.61 -0.51 17.01
CA ASN C 192 -3.72 0.91 17.19
C ASN C 192 -3.74 1.31 18.67
N LEU C 193 -2.61 1.07 19.35
CA LEU C 193 -2.48 1.47 20.74
C LEU C 193 -1.03 1.56 21.18
N ILE C 194 -0.82 2.33 22.26
CA ILE C 194 0.44 2.36 23.00
C ILE C 194 0.21 1.65 24.34
N ILE C 195 1.07 0.70 24.66
CA ILE C 195 1.01 0.01 25.96
C ILE C 195 2.03 0.60 26.96
N GLY C 196 3.28 0.72 26.51
CA GLY C 196 4.36 1.30 27.31
C GLY C 196 4.95 0.32 28.32
N GLY C 197 6.03 0.74 28.97
CA GLY C 197 6.60 0.02 30.11
C GLY C 197 7.90 -0.68 29.78
N LYS C 198 8.96 -0.37 30.54
CA LYS C 198 10.26 -1.01 30.31
C LYS C 198 10.30 -2.51 30.57
N THR C 199 9.41 -2.98 31.45
CA THR C 199 9.28 -4.38 31.82
C THR C 199 8.09 -5.05 31.14
N ALA C 200 7.39 -4.35 30.25
CA ALA C 200 6.33 -4.99 29.47
C ALA C 200 6.99 -5.88 28.42
N PRO C 201 6.49 -7.12 28.26
CA PRO C 201 7.09 -7.97 27.22
C PRO C 201 6.95 -7.38 25.81
N THR C 202 8.05 -7.39 25.08
CA THR C 202 8.08 -6.93 23.71
C THR C 202 7.97 -8.15 22.77
N PHE C 203 7.94 -7.89 21.47
CA PHE C 203 7.91 -8.94 20.49
C PHE C 203 9.18 -9.82 20.54
N THR C 204 10.31 -9.26 20.97
CA THR C 204 11.54 -10.00 21.20
C THR C 204 12.32 -9.49 22.43
N ASP C 205 12.29 -10.28 23.51
CA ASP C 205 13.04 -10.00 24.74
C ASP C 205 14.32 -10.87 24.82
N GLY C 206 14.48 -11.69 25.87
CA GLY C 206 15.71 -12.44 26.11
C GLY C 206 16.94 -11.55 26.28
N GLU C 207 18.10 -12.11 25.90
CA GLU C 207 19.40 -11.41 26.01
C GLU C 207 19.44 -10.17 25.11
N GLY C 208 19.09 -10.36 23.85
CA GLY C 208 19.23 -9.33 22.84
C GLY C 208 20.54 -9.43 22.07
N PHE C 209 20.49 -9.04 20.80
CA PHE C 209 21.67 -9.03 19.93
C PHE C 209 22.53 -7.80 20.21
N THR C 210 23.84 -7.98 20.16
CA THR C 210 24.75 -6.84 20.15
C THR C 210 24.76 -6.24 18.76
N GLU C 211 25.32 -5.05 18.67
CA GLU C 211 25.54 -4.31 17.39
C GLU C 211 26.14 -5.12 16.22
N ASN C 212 27.01 -6.07 16.54
CA ASN C 212 27.66 -6.95 15.57
C ASN C 212 26.84 -8.20 15.16
N GLU C 213 25.77 -8.53 15.86
CA GLU C 213 24.96 -9.75 15.56
C GLU C 213 23.49 -9.48 15.20
N LEU C 214 23.22 -8.28 14.70
CA LEU C 214 21.85 -7.86 14.38
C LEU C 214 21.28 -8.74 13.27
N LEU C 215 20.02 -9.16 13.45
CA LEU C 215 19.33 -10.05 12.50
C LEU C 215 18.60 -9.23 11.44
N GLY C 216 19.02 -9.37 10.19
CA GLY C 216 18.42 -8.67 9.05
C GLY C 216 17.12 -9.30 8.57
N LEU C 217 16.23 -8.45 8.05
CA LEU C 217 14.90 -8.83 7.59
C LEU C 217 14.68 -8.22 6.24
N GLU C 218 13.65 -8.71 5.54
CA GLU C 218 13.20 -8.12 4.29
C GLU C 218 11.69 -7.97 4.41
N LEU C 219 11.18 -6.77 4.20
CA LEU C 219 9.74 -6.56 4.25
C LEU C 219 9.09 -7.27 3.07
N SER C 220 8.20 -8.23 3.36
CA SER C 220 7.48 -8.98 2.29
C SER C 220 6.19 -8.31 1.90
N SER C 221 5.41 -7.89 2.90
CA SER C 221 4.14 -7.20 2.64
C SER C 221 3.68 -6.39 3.84
N ALA C 222 2.79 -5.43 3.55
CA ALA C 222 2.16 -4.61 4.55
C ALA C 222 0.73 -4.37 4.10
N GLU C 223 -0.22 -4.72 4.96
CA GLU C 223 -1.63 -4.71 4.64
C GLU C 223 -2.45 -4.18 5.81
N LYS C 224 -3.25 -3.14 5.55
CA LYS C 224 -4.15 -2.56 6.56
C LYS C 224 -5.30 -3.51 6.78
N ILE C 225 -5.57 -3.81 8.04
CA ILE C 225 -6.67 -4.69 8.45
C ILE C 225 -7.35 -4.02 9.63
N GLU C 226 -8.65 -3.75 9.47
CA GLU C 226 -9.43 -3.00 10.45
C GLU C 226 -8.67 -1.75 10.89
N ASP C 227 -8.32 -1.62 12.17
CA ASP C 227 -7.72 -0.40 12.70
C ASP C 227 -6.21 -0.43 12.83
N GLY C 228 -5.59 -1.56 12.45
CA GLY C 228 -4.14 -1.73 12.51
C GLY C 228 -3.60 -2.11 11.16
N ILE C 229 -2.39 -2.67 11.18
CA ILE C 229 -1.70 -3.01 9.97
C ILE C 229 -0.84 -4.25 10.23
N LEU C 230 -0.92 -5.22 9.30
CA LEU C 230 -0.15 -6.44 9.36
C LEU C 230 1.12 -6.30 8.58
N LEU C 231 2.26 -6.43 9.25
CA LEU C 231 3.57 -6.47 8.61
C LEU C 231 4.09 -7.89 8.60
N LYS C 232 4.65 -8.30 7.45
CA LYS C 232 5.26 -9.59 7.26
C LYS C 232 6.69 -9.39 6.85
N TRP C 233 7.61 -10.07 7.54
CA TRP C 233 9.04 -9.95 7.28
C TRP C 233 9.63 -11.32 6.99
N LYS C 234 10.49 -11.37 5.98
CA LYS C 234 11.31 -12.53 5.69
C LYS C 234 12.61 -12.36 6.48
N VAL C 235 13.02 -13.42 7.20
CA VAL C 235 14.27 -13.41 7.98
C VAL C 235 15.47 -13.80 7.10
N LYS C 236 16.58 -13.05 7.22
CA LYS C 236 17.78 -13.32 6.41
C LYS C 236 18.89 -14.08 7.15
N SER D 12 -6.09 24.01 19.83
CA SER D 12 -4.74 23.47 20.18
C SER D 12 -3.88 24.43 21.04
N MET D 13 -4.57 25.18 21.91
CA MET D 13 -3.93 26.13 22.83
C MET D 13 -3.23 25.41 24.03
N ASP D 14 -3.19 25.90 25.28
CA ASP D 14 -2.33 25.33 26.37
C ASP D 14 -0.80 24.89 25.96
N ARG D 15 -0.58 24.50 24.70
CA ARG D 15 0.67 23.85 24.28
C ARG D 15 0.89 23.84 22.75
N PRO D 16 2.13 23.60 22.33
CA PRO D 16 2.35 23.40 20.91
C PRO D 16 1.66 22.14 20.38
N PHE D 17 1.54 22.06 19.06
CA PHE D 17 1.34 20.79 18.37
C PHE D 17 2.59 19.94 18.65
N ILE D 18 2.36 18.71 19.09
CA ILE D 18 3.45 17.83 19.54
C ILE D 18 3.40 16.51 18.77
N PHE D 19 4.55 16.11 18.23
CA PHE D 19 4.67 14.84 17.54
C PHE D 19 5.97 14.14 17.91
N ILE D 20 5.92 12.81 18.02
CA ILE D 20 7.11 12.02 18.33
C ILE D 20 7.56 11.41 17.01
N ASN D 21 8.85 11.46 16.77
CA ASN D 21 9.43 10.80 15.62
C ASN D 21 10.61 9.96 16.07
N SER D 22 10.59 8.68 15.72
CA SER D 22 11.63 7.70 16.08
C SER D 22 11.78 6.67 14.97
N ALA D 23 13.01 6.19 14.82
CA ALA D 23 13.32 4.98 14.08
C ALA D 23 13.37 3.85 15.12
N MET D 24 12.75 2.72 14.80
CA MET D 24 12.77 1.56 15.68
C MET D 24 12.93 0.29 14.87
N SER D 25 13.46 -0.75 15.54
CA SER D 25 13.55 -2.10 14.96
C SER D 25 12.15 -2.70 14.76
N ALA D 26 12.10 -3.83 14.06
CA ALA D 26 10.83 -4.54 13.84
C ALA D 26 10.18 -5.03 15.16
N ASP D 27 11.03 -5.30 16.16
CA ASP D 27 10.61 -5.67 17.52
C ASP D 27 10.53 -4.49 18.50
N GLY D 28 10.59 -3.26 17.96
CA GLY D 28 10.25 -2.05 18.72
C GLY D 28 11.33 -1.41 19.57
N LYS D 29 12.60 -1.67 19.25
CA LYS D 29 13.76 -1.12 20.00
C LYS D 29 14.36 0.13 19.35
N LEU D 30 14.83 1.07 20.18
CA LEU D 30 15.55 2.27 19.73
C LEU D 30 17.06 2.06 19.63
N SER D 31 17.57 1.12 20.41
CA SER D 31 18.98 0.77 20.47
C SER D 31 19.15 -0.59 21.18
N THR D 32 20.38 -1.06 21.32
CA THR D 32 20.67 -2.39 21.90
C THR D 32 20.51 -2.36 23.41
N LYS D 33 20.60 -3.54 24.01
CA LYS D 33 20.65 -3.73 25.48
C LYS D 33 21.77 -2.93 26.19
N GLU D 34 22.86 -2.63 25.46
CA GLU D 34 23.95 -1.78 25.96
C GLU D 34 23.74 -0.29 25.63
N ARG D 35 22.54 0.08 25.15
CA ARG D 35 22.22 1.44 24.73
C ARG D 35 23.18 2.03 23.70
N LYS D 36 23.65 1.19 22.79
CA LYS D 36 24.49 1.63 21.66
C LYS D 36 23.59 1.88 20.47
N GLN D 37 23.73 3.05 19.87
CA GLN D 37 22.94 3.40 18.70
C GLN D 37 23.33 2.54 17.46
N VAL D 38 22.33 2.17 16.65
CA VAL D 38 22.57 1.33 15.47
C VAL D 38 21.91 1.95 14.26
N LYS D 39 22.28 1.45 13.09
CA LYS D 39 21.68 1.90 11.84
C LYS D 39 20.30 1.29 11.76
N ILE D 40 19.27 2.12 11.87
CA ILE D 40 17.88 1.70 11.64
C ILE D 40 17.39 2.40 10.38
N SER D 41 17.38 3.73 10.41
CA SER D 41 17.07 4.54 9.25
C SER D 41 18.11 4.38 8.16
N GLY D 42 17.69 4.28 6.91
CA GLY D 42 18.59 4.48 5.78
C GLY D 42 18.56 5.96 5.43
N LYS D 43 19.17 6.30 4.30
CA LYS D 43 19.36 7.70 3.90
C LYS D 43 18.04 8.48 3.63
N LEU D 44 17.04 7.82 3.03
CA LEU D 44 15.77 8.46 2.72
C LEU D 44 14.97 8.77 3.99
N ASP D 45 14.99 7.88 4.98
CA ASP D 45 14.37 8.22 6.28
C ASP D 45 15.15 9.33 6.99
N PHE D 46 16.49 9.30 6.91
CA PHE D 46 17.28 10.44 7.39
C PHE D 46 16.85 11.75 6.73
N GLU D 47 16.70 11.74 5.40
CA GLU D 47 16.24 12.91 4.66
C GLU D 47 14.88 13.41 5.15
N ARG D 48 13.94 12.50 5.38
CA ARG D 48 12.61 12.88 5.86
C ARG D 48 12.66 13.46 7.24
N MET D 49 13.48 12.88 8.10
CA MET D 49 13.68 13.39 9.47
C MET D 49 14.27 14.80 9.47
N ASP D 50 15.22 15.03 8.56
CA ASP D 50 15.85 16.32 8.38
C ASP D 50 14.79 17.36 7.93
N GLU D 51 13.89 16.98 7.02
CA GLU D 51 12.80 17.88 6.58
C GLU D 51 11.84 18.21 7.75
N LEU D 52 11.56 17.23 8.59
CA LEU D 52 10.70 17.47 9.75
C LEU D 52 11.35 18.42 10.76
N ARG D 53 12.64 18.23 11.03
CA ARG D 53 13.42 19.12 11.90
C ARG D 53 13.40 20.56 11.40
N ALA D 54 13.58 20.73 10.10
CA ALA D 54 13.59 22.04 9.49
C ALA D 54 12.25 22.78 9.67
N HIS D 55 11.13 22.08 9.60
CA HIS D 55 9.82 22.70 9.71
C HIS D 55 9.33 22.85 11.12
N ALA D 56 10.00 22.18 12.05
CA ALA D 56 9.64 22.32 13.45
C ALA D 56 10.17 23.65 14.02
N ASP D 57 9.43 24.23 14.95
CA ASP D 57 9.98 25.34 15.78
C ASP D 57 10.95 24.86 16.88
N ALA D 58 10.74 23.65 17.40
CA ALA D 58 11.61 23.11 18.45
C ALA D 58 11.72 21.58 18.39
N ILE D 59 12.88 21.08 18.83
CA ILE D 59 13.14 19.66 18.98
C ILE D 59 13.42 19.42 20.46
N MET D 60 12.77 18.39 21.01
CA MET D 60 12.92 17.99 22.41
C MET D 60 13.46 16.56 22.54
N VAL D 61 14.41 16.38 23.45
CA VAL D 61 15.08 15.11 23.64
C VAL D 61 15.29 14.88 25.13
N GLY D 62 15.26 13.63 25.58
CA GLY D 62 15.58 13.30 26.98
C GLY D 62 17.08 13.28 27.26
N ILE D 63 17.44 13.52 28.51
CA ILE D 63 18.85 13.48 28.96
C ILE D 63 19.54 12.15 28.65
N GLY D 64 18.80 11.05 28.78
CA GLY D 64 19.29 9.70 28.45
C GLY D 64 19.87 9.57 27.05
N THR D 65 19.20 10.18 26.08
CA THR D 65 19.69 10.23 24.70
C THR D 65 20.94 11.10 24.53
N VAL D 66 20.99 12.22 25.25
CA VAL D 66 22.16 13.08 25.18
C VAL D 66 23.39 12.38 25.74
N LEU D 67 23.25 11.69 26.87
CA LEU D 67 24.40 10.96 27.47
C LEU D 67 24.86 9.76 26.62
N ALA D 68 23.92 8.97 26.10
CA ALA D 68 24.23 7.83 25.22
C ALA D 68 24.81 8.21 23.85
N ASP D 69 24.05 8.99 23.07
CA ASP D 69 24.39 9.28 21.66
C ASP D 69 25.10 10.60 21.40
N ASP D 70 24.97 11.56 22.32
CA ASP D 70 25.51 12.92 22.15
C ASP D 70 25.12 13.59 20.81
N PRO D 71 23.85 13.54 20.43
CA PRO D 71 23.45 14.08 19.13
C PRO D 71 23.47 15.61 19.12
N SER D 72 23.73 16.20 17.95
CA SER D 72 23.72 17.65 17.76
C SER D 72 22.28 18.20 17.65
N LEU D 73 21.37 17.38 17.12
CA LEU D 73 19.99 17.80 16.81
C LEU D 73 19.91 18.96 15.82
N THR D 74 20.93 19.13 15.00
CA THR D 74 20.93 20.13 13.95
C THR D 74 20.20 19.63 12.68
N VAL D 75 19.72 20.57 11.90
CA VAL D 75 19.38 20.37 10.52
C VAL D 75 20.71 20.21 9.75
N LYS D 76 20.78 19.22 8.87
CA LYS D 76 21.99 18.87 8.14
C LYS D 76 22.08 19.55 6.78
N SER D 77 21.00 19.50 6.01
CA SER D 77 20.99 20.06 4.66
C SER D 77 21.32 21.57 4.70
N PRO D 78 22.36 22.01 3.97
CA PRO D 78 22.60 23.46 3.85
C PRO D 78 21.42 24.28 3.31
N GLU D 79 20.65 23.68 2.41
CA GLU D 79 19.51 24.35 1.75
C GLU D 79 18.31 24.50 2.69
N ARG D 80 18.07 23.51 3.55
CA ARG D 80 17.02 23.60 4.56
C ARG D 80 17.38 24.63 5.62
N LYS D 81 18.65 24.64 6.02
CA LYS D 81 19.17 25.71 6.90
C LYS D 81 19.03 27.11 6.29
N ALA D 82 19.37 27.23 5.01
CA ALA D 82 19.26 28.50 4.29
C ALA D 82 17.80 28.99 4.27
N ALA D 83 16.88 28.09 3.94
CA ALA D 83 15.44 28.41 3.80
C ALA D 83 14.82 28.87 5.11
N ARG D 84 15.16 28.21 6.20
CA ARG D 84 14.77 28.67 7.55
C ARG D 84 15.33 30.05 7.89
N LYS D 85 16.62 30.25 7.62
CA LYS D 85 17.25 31.53 7.82
C LYS D 85 16.56 32.62 6.98
N ALA D 86 16.31 32.32 5.70
CA ALA D 86 15.66 33.27 4.78
C ALA D 86 14.27 33.69 5.23
N ALA D 87 13.59 32.81 5.93
CA ALA D 87 12.31 33.10 6.53
C ALA D 87 12.40 33.69 7.92
N GLY D 88 13.59 34.05 8.38
CA GLY D 88 13.75 34.74 9.67
C GLY D 88 13.83 33.89 10.90
N LYS D 89 14.11 32.61 10.73
CA LYS D 89 14.29 31.70 11.85
C LYS D 89 15.77 31.42 12.05
N SER D 90 16.12 30.97 13.24
CA SER D 90 17.45 30.38 13.48
C SER D 90 17.64 29.14 12.56
N GLU D 91 18.87 28.92 12.05
CA GLU D 91 19.21 27.79 11.16
C GLU D 91 18.73 26.46 11.71
N ASN D 92 18.78 26.35 13.03
CA ASN D 92 18.24 25.18 13.72
C ASN D 92 17.06 25.59 14.54
N PRO D 93 16.06 24.71 14.68
CA PRO D 93 15.01 25.01 15.63
C PRO D 93 15.57 25.00 17.02
N VAL D 94 14.73 25.42 17.96
CA VAL D 94 15.13 25.48 19.36
C VAL D 94 15.41 24.05 19.81
N ARG D 95 16.48 23.86 20.57
CA ARG D 95 16.84 22.52 21.04
C ARG D 95 16.57 22.42 22.55
N VAL D 96 15.72 21.48 22.93
CA VAL D 96 15.26 21.35 24.33
C VAL D 96 15.69 19.99 24.93
N VAL D 97 16.39 20.02 26.07
CA VAL D 97 16.76 18.80 26.81
C VAL D 97 15.92 18.69 28.09
N VAL D 98 15.12 17.62 28.21
CA VAL D 98 14.43 17.30 29.49
C VAL D 98 15.45 16.53 30.36
N ASP D 99 15.88 17.20 31.44
CA ASP D 99 17.09 16.87 32.20
C ASP D 99 16.88 17.15 33.71
N GLU D 100 16.11 16.29 34.37
CA GLU D 100 15.68 16.50 35.78
C GLU D 100 16.77 16.93 36.75
N SER D 101 17.93 16.27 36.68
CA SER D 101 19.01 16.54 37.65
C SER D 101 20.13 17.40 37.07
N ALA D 102 19.87 18.10 35.96
CA ALA D 102 20.85 19.00 35.36
C ALA D 102 22.18 18.30 35.03
N ARG D 103 22.10 17.13 34.42
CA ARG D 103 23.28 16.35 34.06
C ARG D 103 23.75 16.56 32.61
N THR D 104 23.11 17.46 31.86
CA THR D 104 23.56 17.73 30.49
C THR D 104 25.05 18.13 30.50
N PRO D 105 25.92 17.40 29.75
CA PRO D 105 27.34 17.76 29.77
C PRO D 105 27.59 19.11 29.11
N LEU D 106 28.58 19.83 29.63
CA LEU D 106 28.88 21.19 29.17
C LEU D 106 29.56 21.22 27.80
N ASN D 107 30.27 20.13 27.49
CA ASN D 107 30.88 19.90 26.19
C ASN D 107 29.99 19.01 25.27
N ALA D 108 28.69 18.94 25.55
CA ALA D 108 27.75 18.21 24.69
C ALA D 108 27.67 18.83 23.30
N ASP D 109 27.38 18.00 22.30
CA ASP D 109 27.37 18.40 20.89
C ASP D 109 26.23 19.40 20.59
N ILE D 110 25.17 19.34 21.40
CA ILE D 110 24.11 20.35 21.40
C ILE D 110 24.67 21.75 21.56
N PHE D 111 25.70 21.90 22.40
CA PHE D 111 26.32 23.20 22.64
C PHE D 111 27.45 23.53 21.67
N LYS D 112 28.13 22.52 21.12
CA LYS D 112 29.24 22.74 20.18
C LYS D 112 28.78 23.18 18.79
N LYS D 113 27.67 22.61 18.31
CA LYS D 113 27.32 22.72 16.90
C LYS D 113 26.07 23.54 16.59
N GLY D 114 26.21 24.45 15.62
CA GLY D 114 25.09 25.21 15.09
C GLY D 114 24.72 26.43 15.91
N GLU D 115 24.00 27.33 15.28
CA GLU D 115 23.41 28.48 15.96
C GLU D 115 22.03 28.08 16.48
N GLY D 116 21.53 28.80 17.47
CA GLY D 116 20.14 28.65 17.92
C GLY D 116 19.99 28.62 19.42
N LEU D 117 18.77 28.80 19.88
CA LEU D 117 18.46 28.77 21.31
C LEU D 117 18.55 27.34 21.81
N ARG D 118 19.25 27.13 22.94
CA ARG D 118 19.23 25.89 23.72
C ARG D 118 18.45 26.11 25.03
N ILE D 119 17.54 25.18 25.35
CA ILE D 119 16.80 25.17 26.61
C ILE D 119 17.06 23.85 27.33
N ILE D 120 17.52 23.93 28.59
CA ILE D 120 17.56 22.76 29.49
C ILE D 120 16.42 22.89 30.52
N ALA D 121 15.44 22.00 30.43
CA ALA D 121 14.34 21.90 31.39
C ALA D 121 14.78 20.96 32.51
N VAL D 122 14.86 21.49 33.73
CA VAL D 122 15.32 20.73 34.91
C VAL D 122 14.25 20.72 36.00
N SER D 123 14.46 19.88 37.01
CA SER D 123 13.57 19.83 38.18
C SER D 123 14.07 20.79 39.25
N ASN D 124 13.17 21.19 40.15
CA ASN D 124 13.54 22.03 41.30
C ASN D 124 14.52 21.37 42.25
N SER D 125 14.66 20.04 42.20
CA SER D 125 15.68 19.36 43.00
C SER D 125 17.10 19.39 42.40
N ALA D 126 17.31 19.92 41.20
CA ALA D 126 18.62 19.79 40.53
C ALA D 126 19.67 20.66 41.22
N PRO D 127 20.91 20.14 41.39
CA PRO D 127 21.90 20.90 42.16
C PRO D 127 22.15 22.28 41.55
N GLU D 128 22.03 23.34 42.36
CA GLU D 128 22.22 24.73 41.92
C GLU D 128 23.51 25.02 41.16
N GLU D 129 24.59 24.39 41.62
CA GLU D 129 25.91 24.64 41.03
C GLU D 129 25.95 24.20 39.57
N LYS D 130 25.27 23.09 39.26
CA LYS D 130 25.17 22.60 37.89
C LYS D 130 24.23 23.44 37.02
N ILE D 131 23.11 23.90 37.59
CA ILE D 131 22.21 24.84 36.92
C ILE D 131 22.95 26.11 36.51
N ARG D 132 23.75 26.64 37.42
CA ARG D 132 24.51 27.87 37.15
C ARG D 132 25.50 27.69 35.97
N MET D 133 26.17 26.54 35.93
CA MET D 133 27.07 26.20 34.82
C MET D 133 26.32 26.08 33.49
N LEU D 134 25.14 25.44 33.49
CA LEU D 134 24.33 25.32 32.28
C LEU D 134 23.73 26.67 31.83
N GLU D 135 23.45 27.56 32.78
CA GLU D 135 22.96 28.91 32.46
C GLU D 135 23.94 29.76 31.63
N GLU D 136 25.24 29.44 31.65
CA GLU D 136 26.23 30.07 30.76
C GLU D 136 26.00 29.78 29.27
N LYS D 137 25.49 28.58 28.96
CA LYS D 137 25.28 28.14 27.58
C LYS D 137 23.80 28.09 27.13
N ALA D 138 22.84 28.25 28.04
CA ALA D 138 21.43 27.96 27.72
C ALA D 138 20.47 28.63 28.66
N LEU D 139 19.23 28.74 28.20
CA LEU D 139 18.10 29.06 29.08
C LEU D 139 17.74 27.83 29.89
N VAL D 140 17.65 28.00 31.21
CA VAL D 140 17.28 26.90 32.12
C VAL D 140 15.87 27.13 32.70
N ILE D 141 14.94 26.21 32.44
CA ILE D 141 13.58 26.27 32.99
C ILE D 141 13.45 25.22 34.10
N LYS D 142 13.07 25.69 35.29
CA LYS D 142 12.80 24.82 36.45
C LYS D 142 11.30 24.54 36.51
N THR D 143 10.87 23.27 36.57
CA THR D 143 9.39 23.00 36.54
C THR D 143 8.68 21.79 37.20
N GLY D 144 9.33 21.00 38.02
CA GLY D 144 8.53 20.10 38.95
C GLY D 144 9.41 19.89 40.13
N ALA D 145 9.10 18.91 40.97
CA ALA D 145 9.87 18.66 42.18
C ALA D 145 11.11 17.81 41.86
N PHE D 146 10.86 16.57 41.42
CA PHE D 146 11.92 15.63 40.98
C PHE D 146 11.77 15.30 39.49
N ARG D 147 10.59 14.86 39.07
CA ARG D 147 10.29 14.76 37.65
C ARG D 147 10.06 16.18 37.09
N VAL D 148 10.56 16.45 35.89
CA VAL D 148 10.18 17.65 35.13
C VAL D 148 8.67 17.59 34.79
N ASP D 149 7.96 18.70 35.00
CA ASP D 149 6.53 18.76 34.73
C ASP D 149 6.35 19.13 33.27
N LEU D 150 6.05 18.12 32.47
CA LEU D 150 6.02 18.21 31.02
C LEU D 150 4.82 19.01 30.48
N THR D 151 3.71 19.02 31.24
CA THR D 151 2.55 19.84 30.90
C THR D 151 2.86 21.34 31.06
N GLU D 152 3.51 21.66 32.18
CA GLU D 152 3.98 23.02 32.45
C GLU D 152 5.01 23.47 31.41
N LEU D 153 6.07 22.68 31.23
CA LEU D 153 7.11 22.92 30.21
C LEU D 153 6.49 23.21 28.84
N ALA D 154 5.54 22.39 28.43
CA ALA D 154 4.84 22.59 27.14
C ALA D 154 4.04 23.90 27.07
N ALA D 155 3.46 24.35 28.20
CA ALA D 155 2.83 25.68 28.29
C ALA D 155 3.80 26.83 28.06
N LYS D 156 4.93 26.76 28.76
CA LYS D 156 6.00 27.76 28.66
C LYS D 156 6.58 27.85 27.24
N LEU D 157 6.74 26.71 26.56
CA LEU D 157 7.26 26.70 25.19
C LEU D 157 6.28 27.35 24.20
N LYS D 158 4.99 27.01 24.29
CA LYS D 158 3.93 27.69 23.51
C LYS D 158 3.92 29.19 23.71
N GLU D 159 3.98 29.61 24.97
CA GLU D 159 4.02 31.00 25.38
C GLU D 159 5.21 31.78 24.76
N MET D 160 6.36 31.12 24.58
CA MET D 160 7.52 31.73 23.91
C MET D 160 7.45 31.76 22.39
N GLY D 161 6.40 31.19 21.80
CA GLY D 161 6.23 31.18 20.35
C GLY D 161 6.33 29.83 19.64
N ILE D 162 6.64 28.76 20.38
CA ILE D 162 6.80 27.42 19.80
C ILE D 162 5.41 26.83 19.57
N ASN D 163 5.04 26.63 18.30
CA ASN D 163 3.75 26.03 17.89
C ASN D 163 3.86 24.61 17.30
N SER D 164 5.08 24.15 17.07
CA SER D 164 5.33 22.84 16.52
C SER D 164 6.56 22.30 17.25
N LEU D 165 6.38 21.20 17.97
CA LEU D 165 7.39 20.60 18.82
C LEU D 165 7.60 19.14 18.41
N MET D 166 8.81 18.84 17.97
CA MET D 166 9.20 17.51 17.54
C MET D 166 9.85 16.83 18.73
N VAL D 167 9.26 15.73 19.19
CA VAL D 167 9.87 14.95 20.24
C VAL D 167 10.70 13.87 19.60
N GLU D 168 12.00 13.91 19.82
CA GLU D 168 12.91 13.00 19.17
C GLU D 168 13.41 11.94 20.12
N GLY D 169 12.56 11.70 21.13
CA GLY D 169 12.81 11.18 22.44
C GLY D 169 13.62 9.96 22.63
N GLY D 170 13.83 9.73 23.91
CA GLY D 170 14.21 8.46 24.36
C GLY D 170 12.98 7.69 24.77
N ALA D 171 13.19 6.45 25.21
CA ALA D 171 12.10 5.60 25.71
C ALA D 171 11.37 6.23 26.90
N THR D 172 12.12 6.92 27.76
CA THR D 172 11.55 7.51 28.98
C THR D 172 10.74 8.78 28.66
N LEU D 173 11.36 9.70 27.93
CA LEU D 173 10.64 10.90 27.51
C LEU D 173 9.34 10.57 26.75
N ASN D 174 9.41 9.65 25.79
CA ASN D 174 8.25 9.27 25.03
C ASN D 174 7.12 8.82 25.95
N TRP D 175 7.48 8.07 27.00
CA TRP D 175 6.49 7.65 28.00
C TRP D 175 5.94 8.85 28.75
N GLY D 176 6.84 9.70 29.23
CA GLY D 176 6.45 10.97 29.86
C GLY D 176 5.39 11.73 29.05
N MET D 177 5.66 11.95 27.77
CA MET D 177 4.82 12.80 26.94
C MET D 177 3.50 12.13 26.61
N LEU D 178 3.54 10.82 26.30
CA LEU D 178 2.33 10.08 26.00
C LEU D 178 1.45 9.91 27.24
N SER D 179 2.03 9.55 28.39
CA SER D 179 1.22 9.34 29.59
C SER D 179 0.63 10.65 30.18
N ALA D 180 1.24 11.80 29.88
CA ALA D 180 0.66 13.09 30.28
C ALA D 180 -0.41 13.61 29.31
N GLY D 181 -0.64 12.94 28.18
CA GLY D 181 -1.70 13.30 27.24
C GLY D 181 -1.32 14.40 26.26
N LEU D 182 -0.01 14.61 26.08
CA LEU D 182 0.49 15.78 25.34
C LEU D 182 0.73 15.56 23.86
N VAL D 183 0.66 14.32 23.38
CA VAL D 183 1.08 14.02 22.02
C VAL D 183 -0.10 13.96 21.06
N ASP D 184 0.02 14.67 19.95
CA ASP D 184 -1.00 14.68 18.89
C ASP D 184 -0.76 13.52 17.95
N GLU D 185 0.50 13.28 17.56
CA GLU D 185 0.81 12.26 16.57
C GLU D 185 2.13 11.53 16.86
N VAL D 186 2.23 10.31 16.30
CA VAL D 186 3.39 9.44 16.49
C VAL D 186 3.83 8.93 15.12
N TYR D 187 5.12 9.09 14.83
CA TYR D 187 5.71 8.61 13.60
C TYR D 187 6.81 7.62 13.92
N THR D 188 6.61 6.38 13.48
CA THR D 188 7.56 5.30 13.66
C THR D 188 8.04 4.82 12.32
N PHE D 189 9.34 4.99 12.06
CA PHE D 189 9.96 4.29 10.95
C PHE D 189 10.43 2.93 11.43
N VAL D 190 9.80 1.86 10.94
CA VAL D 190 10.09 0.48 11.37
C VAL D 190 11.13 -0.09 10.42
N GLY D 191 12.34 -0.29 10.93
CA GLY D 191 13.47 -0.75 10.14
C GLY D 191 13.56 -2.28 10.07
N ASN D 192 14.36 -2.76 9.10
CA ASN D 192 14.37 -4.17 8.75
C ASN D 192 15.36 -4.92 9.55
N LEU D 193 15.09 -4.99 10.86
CA LEU D 193 16.00 -5.69 11.75
C LEU D 193 15.32 -6.08 13.04
N ILE D 194 15.89 -7.10 13.69
CA ILE D 194 15.58 -7.47 15.07
C ILE D 194 16.78 -7.08 15.94
N ILE D 195 16.52 -6.33 17.02
CA ILE D 195 17.56 -5.96 17.99
C ILE D 195 17.53 -6.90 19.20
N GLY D 196 16.33 -7.06 19.78
CA GLY D 196 16.12 -7.92 20.93
C GLY D 196 16.56 -7.32 22.25
N GLY D 197 16.29 -8.03 23.33
CA GLY D 197 16.78 -7.69 24.66
C GLY D 197 15.71 -7.11 25.56
N LYS D 198 15.52 -7.73 26.72
CA LYS D 198 14.54 -7.26 27.72
C LYS D 198 14.84 -5.85 28.29
N THR D 199 16.12 -5.47 28.33
CA THR D 199 16.61 -4.19 28.83
C THR D 199 17.03 -3.24 27.69
N ALA D 200 16.80 -3.60 26.43
CA ALA D 200 16.99 -2.66 25.33
C ALA D 200 15.86 -1.62 25.32
N PRO D 201 16.19 -0.34 25.13
CA PRO D 201 15.12 0.67 25.18
C PRO D 201 14.13 0.50 24.02
N THR D 202 12.84 0.55 24.34
CA THR D 202 11.78 0.44 23.35
C THR D 202 11.30 1.83 22.97
N PHE D 203 10.35 1.89 22.05
CA PHE D 203 9.76 3.17 21.67
C PHE D 203 8.99 3.83 22.84
N THR D 204 8.46 3.04 23.77
CA THR D 204 7.86 3.56 24.99
C THR D 204 8.18 2.67 26.21
N ASP D 205 9.05 3.17 27.08
CA ASP D 205 9.38 2.49 28.35
C ASP D 205 8.65 3.16 29.54
N GLY D 206 9.38 3.66 30.54
CA GLY D 206 8.77 4.17 31.77
C GLY D 206 7.94 3.15 32.52
N GLU D 207 6.93 3.63 33.25
CA GLU D 207 6.04 2.78 34.07
C GLU D 207 5.23 1.81 33.20
N GLY D 208 4.58 2.36 32.19
CA GLY D 208 3.65 1.62 31.35
C GLY D 208 2.22 1.76 31.81
N PHE D 209 1.30 1.70 30.84
CA PHE D 209 -0.12 1.76 31.13
C PHE D 209 -0.64 0.40 31.61
N THR D 210 -1.56 0.44 32.56
CA THR D 210 -2.32 -0.75 32.92
C THR D 210 -3.39 -0.98 31.86
N GLU D 211 -3.97 -2.18 31.90
CA GLU D 211 -5.11 -2.57 31.03
C GLU D 211 -6.27 -1.55 30.92
N ASN D 212 -6.53 -0.80 31.98
CA ASN D 212 -7.58 0.22 32.03
C ASN D 212 -7.17 1.60 31.49
N GLU D 213 -5.87 1.82 31.27
CA GLU D 213 -5.32 3.11 30.86
C GLU D 213 -4.70 3.16 29.46
N LEU D 214 -5.01 2.17 28.64
CA LEU D 214 -4.35 2.00 27.34
C LEU D 214 -4.66 3.18 26.44
N LEU D 215 -3.64 3.68 25.76
CA LEU D 215 -3.76 4.87 24.89
C LEU D 215 -4.13 4.45 23.47
N GLY D 216 -5.31 4.85 23.02
CA GLY D 216 -5.80 4.54 21.67
C GLY D 216 -5.19 5.42 20.59
N LEU D 217 -5.05 4.85 19.39
CA LEU D 217 -4.44 5.49 18.25
C LEU D 217 -5.35 5.28 17.07
N GLU D 218 -5.11 6.03 16.01
CA GLU D 218 -5.74 5.81 14.70
C GLU D 218 -4.64 5.82 13.64
N LEU D 219 -4.57 4.77 12.83
CA LEU D 219 -3.56 4.73 11.76
C LEU D 219 -3.89 5.80 10.71
N SER D 220 -2.97 6.75 10.51
CA SER D 220 -3.16 7.80 9.49
C SER D 220 -2.63 7.35 8.14
N SER D 221 -1.42 6.77 8.13
CA SER D 221 -0.81 6.31 6.90
C SER D 221 0.27 5.28 7.16
N ALA D 222 0.58 4.52 6.10
CA ALA D 222 1.68 3.57 6.10
C ALA D 222 2.34 3.62 4.75
N GLU D 223 3.65 3.85 4.73
CA GLU D 223 4.41 4.05 3.52
C GLU D 223 5.75 3.31 3.60
N LYS D 224 6.02 2.45 2.63
CA LYS D 224 7.32 1.80 2.50
C LYS D 224 8.36 2.84 2.05
N ILE D 225 9.48 2.86 2.74
CA ILE D 225 10.62 3.73 2.43
C ILE D 225 11.88 2.88 2.53
N GLU D 226 12.64 2.81 1.42
CA GLU D 226 13.82 1.96 1.32
C GLU D 226 13.49 0.55 1.83
N ASP D 227 14.15 0.08 2.89
CA ASP D 227 14.04 -1.31 3.35
C ASP D 227 13.10 -1.48 4.54
N GLY D 228 12.51 -0.39 5.02
CA GLY D 228 11.53 -0.44 6.12
C GLY D 228 10.19 0.17 5.73
N ILE D 229 9.42 0.54 6.74
CA ILE D 229 8.10 1.11 6.53
C ILE D 229 7.79 2.16 7.63
N LEU D 230 7.28 3.31 7.20
CA LEU D 230 6.93 4.41 8.08
C LEU D 230 5.48 4.33 8.43
N LEU D 231 5.19 4.19 9.71
CA LEU D 231 3.82 4.22 10.22
C LEU D 231 3.61 5.54 10.93
N LYS D 232 2.44 6.16 10.67
CA LYS D 232 2.03 7.40 11.30
C LYS D 232 0.69 7.19 11.99
N TRP D 233 0.64 7.55 13.27
CA TRP D 233 -0.52 7.32 14.08
C TRP D 233 -0.99 8.65 14.63
N LYS D 234 -2.31 8.84 14.62
CA LYS D 234 -2.95 9.91 15.36
C LYS D 234 -3.29 9.39 16.77
N VAL D 235 -2.97 10.18 17.81
CA VAL D 235 -3.26 9.84 19.21
C VAL D 235 -4.69 10.27 19.57
N LYS D 236 -5.48 9.37 20.16
CA LYS D 236 -6.93 9.60 20.43
C LYS D 236 -7.41 9.82 21.88
N GLY D 237 -6.87 9.10 22.86
CA GLY D 237 -7.31 9.30 24.27
C GLY D 237 -8.82 9.16 24.53
N ARG E 15 6.49 43.07 15.00
CA ARG E 15 6.89 42.07 16.05
C ARG E 15 7.25 40.64 15.56
N PRO E 16 6.59 40.05 14.53
CA PRO E 16 7.31 38.94 13.87
C PRO E 16 8.58 39.44 13.20
N PHE E 17 9.46 38.50 12.86
CA PHE E 17 10.48 38.76 11.89
C PHE E 17 9.76 39.04 10.57
N ILE E 18 10.16 40.13 9.89
CA ILE E 18 9.47 40.59 8.68
C ILE E 18 10.46 40.75 7.53
N PHE E 19 10.12 40.15 6.38
CA PHE E 19 10.94 40.25 5.18
C PHE E 19 10.06 40.48 3.94
N ILE E 20 10.55 41.29 3.02
CA ILE E 20 9.82 41.56 1.79
C ILE E 20 10.50 40.70 0.76
N ASN E 21 9.70 40.03 -0.07
CA ASN E 21 10.21 39.36 -1.24
C ASN E 21 9.44 39.82 -2.48
N SER E 22 10.15 40.23 -3.54
CA SER E 22 9.58 40.66 -4.79
C SER E 22 10.53 40.31 -5.97
N ALA E 23 9.93 40.04 -7.12
CA ALA E 23 10.61 40.05 -8.41
C ALA E 23 10.43 41.46 -9.03
N MET E 24 11.49 42.03 -9.54
CA MET E 24 11.42 43.30 -10.21
C MET E 24 12.27 43.32 -11.46
N SER E 25 11.93 44.24 -12.38
CA SER E 25 12.73 44.48 -13.59
C SER E 25 14.05 45.12 -13.24
N ALA E 26 14.94 45.21 -14.22
CA ALA E 26 16.26 45.84 -13.99
C ALA E 26 16.15 47.34 -13.61
N ASP E 27 15.08 47.99 -14.09
CA ASP E 27 14.75 49.36 -13.77
C ASP E 27 13.73 49.49 -12.63
N GLY E 28 13.52 48.41 -11.89
CA GLY E 28 12.88 48.47 -10.56
C GLY E 28 11.36 48.43 -10.54
N LYS E 29 10.74 47.90 -11.61
CA LYS E 29 9.27 47.78 -11.72
C LYS E 29 8.73 46.40 -11.35
N LEU E 30 7.54 46.38 -10.75
CA LEU E 30 6.84 45.15 -10.38
C LEU E 30 5.93 44.69 -11.50
N SER E 31 5.47 45.64 -12.31
CA SER E 31 4.55 45.40 -13.41
C SER E 31 4.56 46.63 -14.33
N THR E 32 3.77 46.59 -15.39
CA THR E 32 3.74 47.67 -16.39
C THR E 32 2.97 48.87 -15.89
N LYS E 33 2.99 49.96 -16.70
CA LYS E 33 2.21 51.16 -16.48
C LYS E 33 0.68 50.93 -16.41
N GLU E 34 0.19 49.87 -17.04
CA GLU E 34 -1.20 49.42 -16.93
C GLU E 34 -1.44 48.42 -15.78
N ARG E 35 -0.45 48.23 -14.91
CA ARG E 35 -0.51 47.28 -13.80
C ARG E 35 -0.85 45.84 -14.21
N LYS E 36 -0.30 45.43 -15.35
CA LYS E 36 -0.40 44.06 -15.83
C LYS E 36 0.84 43.26 -15.43
N GLN E 37 0.64 42.11 -14.80
CA GLN E 37 1.70 41.20 -14.40
C GLN E 37 2.48 40.69 -15.60
N VAL E 38 3.80 40.58 -15.46
CA VAL E 38 4.64 40.04 -16.52
C VAL E 38 5.57 38.97 -15.96
N LYS E 39 6.20 38.22 -16.87
CA LYS E 39 7.18 37.20 -16.48
C LYS E 39 8.46 37.90 -16.09
N ILE E 40 8.80 37.86 -14.81
CA ILE E 40 10.08 38.39 -14.33
C ILE E 40 10.86 37.19 -13.83
N SER E 41 10.32 36.50 -12.83
CA SER E 41 10.91 35.29 -12.29
C SER E 41 10.86 34.19 -13.35
N GLY E 42 11.92 33.41 -13.46
CA GLY E 42 11.87 32.14 -14.15
C GLY E 42 11.56 31.07 -13.10
N LYS E 43 11.65 29.81 -13.51
CA LYS E 43 11.19 28.69 -12.69
C LYS E 43 11.97 28.49 -11.37
N LEU E 44 13.28 28.70 -11.40
CA LEU E 44 14.10 28.55 -10.19
C LEU E 44 13.79 29.63 -9.15
N ASP E 45 13.55 30.87 -9.59
CA ASP E 45 13.11 31.89 -8.65
C ASP E 45 11.69 31.59 -8.11
N PHE E 46 10.78 31.11 -8.98
CA PHE E 46 9.46 30.57 -8.55
C PHE E 46 9.65 29.50 -7.47
N GLU E 47 10.58 28.56 -7.69
CA GLU E 47 10.92 27.53 -6.71
C GLU E 47 11.41 28.08 -5.37
N ARG E 48 12.30 29.07 -5.42
CA ARG E 48 12.83 29.65 -4.20
C ARG E 48 11.75 30.41 -3.42
N MET E 49 10.90 31.11 -4.13
CA MET E 49 9.76 31.82 -3.52
C MET E 49 8.82 30.84 -2.84
N ASP E 50 8.59 29.69 -3.49
CA ASP E 50 7.70 28.67 -2.95
C ASP E 50 8.31 28.10 -1.65
N GLU E 51 9.62 27.90 -1.60
CA GLU E 51 10.28 27.43 -0.38
C GLU E 51 10.16 28.47 0.74
N LEU E 52 10.25 29.76 0.40
CA LEU E 52 10.10 30.81 1.41
C LEU E 52 8.70 30.85 1.96
N ARG E 53 7.69 30.78 1.09
CA ARG E 53 6.29 30.68 1.51
C ARG E 53 6.02 29.51 2.46
N ALA E 54 6.58 28.35 2.13
CA ALA E 54 6.41 27.15 2.94
C ALA E 54 6.99 27.28 4.37
N HIS E 55 8.13 27.96 4.51
CA HIS E 55 8.74 28.19 5.85
C HIS E 55 8.18 29.36 6.62
N ALA E 56 7.44 30.24 5.96
CA ALA E 56 6.82 31.38 6.63
C ALA E 56 5.57 30.93 7.41
N ASP E 57 5.31 31.60 8.53
CA ASP E 57 4.05 31.43 9.25
C ASP E 57 2.93 32.22 8.61
N ALA E 58 3.26 33.35 7.97
CA ALA E 58 2.23 34.17 7.30
C ALA E 58 2.77 34.91 6.09
N ILE E 59 1.87 35.18 5.13
CA ILE E 59 2.15 35.98 3.96
C ILE E 59 1.21 37.13 3.98
N MET E 60 1.74 38.32 3.74
CA MET E 60 0.96 39.57 3.71
C MET E 60 1.07 40.27 2.35
N VAL E 61 -0.04 40.80 1.88
CA VAL E 61 -0.13 41.44 0.60
C VAL E 61 -1.07 42.61 0.70
N GLY E 62 -0.82 43.65 -0.08
CA GLY E 62 -1.71 44.82 -0.13
C GLY E 62 -2.95 44.58 -1.00
N ILE E 63 -4.01 45.31 -0.70
CA ILE E 63 -5.25 45.23 -1.46
C ILE E 63 -5.05 45.50 -2.99
N GLY E 64 -4.15 46.45 -3.31
CA GLY E 64 -3.75 46.78 -4.68
C GLY E 64 -3.32 45.58 -5.53
N THR E 65 -2.53 44.72 -4.93
CA THR E 65 -2.11 43.47 -5.56
C THR E 65 -3.25 42.49 -5.73
N VAL E 66 -4.12 42.41 -4.75
CA VAL E 66 -5.26 41.49 -4.85
C VAL E 66 -6.20 41.90 -5.99
N LEU E 67 -6.47 43.19 -6.13
CA LEU E 67 -7.35 43.69 -7.19
C LEU E 67 -6.72 43.53 -8.59
N ALA E 68 -5.44 43.87 -8.74
CA ALA E 68 -4.69 43.72 -10.01
C ALA E 68 -4.46 42.26 -10.45
N ASP E 69 -3.78 41.48 -9.61
CA ASP E 69 -3.32 40.12 -9.97
C ASP E 69 -4.19 38.96 -9.50
N ASP E 70 -5.01 39.18 -8.47
CA ASP E 70 -5.81 38.13 -7.86
C ASP E 70 -5.01 36.86 -7.53
N PRO E 71 -3.85 37.02 -6.88
CA PRO E 71 -3.06 35.83 -6.53
C PRO E 71 -3.65 34.97 -5.40
N SER E 72 -3.38 33.67 -5.44
CA SER E 72 -3.86 32.72 -4.41
C SER E 72 -2.98 32.75 -3.15
N LEU E 73 -1.70 33.08 -3.33
CA LEU E 73 -0.69 33.07 -2.26
C LEU E 73 -0.50 31.71 -1.63
N THR E 74 -0.85 30.65 -2.35
CA THR E 74 -0.66 29.28 -1.85
C THR E 74 0.76 28.79 -2.11
N VAL E 75 1.18 27.81 -1.32
CA VAL E 75 2.34 26.96 -1.58
C VAL E 75 1.91 26.02 -2.71
N LYS E 76 2.76 25.89 -3.73
CA LYS E 76 2.45 25.14 -4.95
C LYS E 76 2.92 23.66 -4.89
N SER E 77 4.15 23.43 -4.47
CA SER E 77 4.72 22.10 -4.37
C SER E 77 3.88 21.19 -3.43
N PRO E 78 3.41 20.02 -3.94
CA PRO E 78 2.68 19.07 -3.04
C PRO E 78 3.51 18.59 -1.86
N GLU E 79 4.82 18.47 -2.06
CA GLU E 79 5.73 17.98 -1.02
C GLU E 79 5.97 19.00 0.09
N ARG E 80 6.06 20.29 -0.26
CA ARG E 80 6.19 21.37 0.72
C ARG E 80 4.93 21.51 1.50
N LYS E 81 3.79 21.42 0.81
CA LYS E 81 2.51 21.33 1.51
C LYS E 81 2.42 20.15 2.49
N ALA E 82 2.88 18.98 2.06
CA ALA E 82 2.82 17.76 2.87
C ALA E 82 3.69 17.91 4.11
N ALA E 83 4.91 18.40 3.93
CA ALA E 83 5.87 18.62 5.03
C ALA E 83 5.35 19.61 6.12
N ARG E 84 4.75 20.70 5.70
CA ARG E 84 4.06 21.60 6.62
C ARG E 84 2.93 20.89 7.38
N LYS E 85 2.11 20.14 6.66
CA LYS E 85 0.99 19.42 7.25
C LYS E 85 1.51 18.39 8.25
N ALA E 86 2.54 17.67 7.86
CA ALA E 86 3.15 16.67 8.74
C ALA E 86 3.67 17.25 10.06
N ALA E 87 4.13 18.49 10.01
CA ALA E 87 4.61 19.19 11.20
C ALA E 87 3.49 19.89 11.97
N GLY E 88 2.24 19.66 11.60
CA GLY E 88 1.09 20.24 12.29
C GLY E 88 0.64 21.64 11.89
N LYS E 89 1.09 22.12 10.74
CA LYS E 89 0.68 23.43 10.23
C LYS E 89 -0.40 23.26 9.16
N SER E 90 -1.18 24.29 8.93
CA SER E 90 -1.98 24.36 7.71
C SER E 90 -1.04 24.24 6.48
N GLU E 91 -1.55 23.61 5.42
CA GLU E 91 -0.83 23.49 4.14
C GLU E 91 -0.27 24.80 3.61
N ASN E 92 -1.03 25.87 3.79
CA ASN E 92 -0.60 27.21 3.46
C ASN E 92 -0.40 28.03 4.72
N PRO E 93 0.59 28.93 4.72
CA PRO E 93 0.68 29.85 5.84
C PRO E 93 -0.51 30.77 5.84
N VAL E 94 -0.64 31.53 6.93
CA VAL E 94 -1.76 32.40 7.11
C VAL E 94 -1.65 33.45 5.96
N ARG E 95 -2.77 33.82 5.38
CA ARG E 95 -2.79 34.79 4.32
C ARG E 95 -3.41 36.10 4.81
N VAL E 96 -2.65 37.19 4.71
CA VAL E 96 -3.08 38.49 5.28
C VAL E 96 -3.22 39.54 4.18
N VAL E 97 -4.39 40.18 4.07
CA VAL E 97 -4.58 41.30 3.15
C VAL E 97 -4.70 42.65 3.93
N VAL E 98 -3.78 43.59 3.67
CA VAL E 98 -3.91 44.98 4.19
C VAL E 98 -4.81 45.78 3.26
N ASP E 99 -6.00 46.12 3.77
CA ASP E 99 -7.19 46.47 2.97
C ASP E 99 -8.03 47.53 3.72
N GLU E 100 -7.53 48.77 3.77
CA GLU E 100 -8.11 49.84 4.58
C GLU E 100 -9.63 49.97 4.48
N SER E 101 -10.18 49.95 3.25
CA SER E 101 -11.60 50.23 3.04
C SER E 101 -12.38 48.96 2.82
N ALA E 102 -11.84 47.82 3.22
CA ALA E 102 -12.54 46.52 3.09
C ALA E 102 -13.03 46.21 1.65
N ARG E 103 -12.16 46.41 0.67
CA ARG E 103 -12.49 46.19 -0.76
C ARG E 103 -12.09 44.80 -1.29
N THR E 104 -11.55 43.91 -0.43
CA THR E 104 -11.17 42.58 -0.86
C THR E 104 -12.40 41.89 -1.50
N PRO E 105 -12.29 41.44 -2.78
CA PRO E 105 -13.44 40.79 -3.39
C PRO E 105 -13.78 39.45 -2.73
N LEU E 106 -15.07 39.14 -2.68
CA LEU E 106 -15.55 37.94 -1.99
C LEU E 106 -15.27 36.65 -2.76
N ASN E 107 -15.16 36.78 -4.06
CA ASN E 107 -14.74 35.72 -4.97
C ASN E 107 -13.24 35.80 -5.32
N ALA E 108 -12.43 36.48 -4.50
CA ALA E 108 -10.98 36.49 -4.68
C ALA E 108 -10.37 35.10 -4.54
N ASP E 109 -9.25 34.90 -5.22
CA ASP E 109 -8.58 33.57 -5.30
C ASP E 109 -7.99 33.15 -3.94
N ILE E 110 -7.68 34.15 -3.10
CA ILE E 110 -7.31 33.93 -1.70
C ILE E 110 -8.36 33.11 -0.97
N PHE E 111 -9.64 33.36 -1.27
CA PHE E 111 -10.74 32.62 -0.65
C PHE E 111 -11.12 31.35 -1.37
N LYS E 112 -10.86 31.26 -2.69
CA LYS E 112 -11.21 30.04 -3.48
C LYS E 112 -10.24 28.87 -3.27
N LYS E 113 -8.96 29.15 -3.10
CA LYS E 113 -7.94 28.12 -3.15
C LYS E 113 -7.20 27.83 -1.87
N GLY E 114 -7.11 26.54 -1.53
CA GLY E 114 -6.29 26.07 -0.40
C GLY E 114 -6.98 26.15 0.94
N GLU E 115 -6.46 25.41 1.89
CA GLU E 115 -6.89 25.50 3.27
C GLU E 115 -6.05 26.56 3.97
N GLY E 116 -6.55 27.07 5.09
CA GLY E 116 -5.75 27.94 5.99
C GLY E 116 -6.51 29.17 6.44
N LEU E 117 -5.96 29.83 7.45
CA LEU E 117 -6.56 31.06 7.99
C LEU E 117 -6.33 32.20 7.00
N ARG E 118 -7.41 32.95 6.74
CA ARG E 118 -7.35 34.25 6.04
C ARG E 118 -7.64 35.40 7.01
N ILE E 119 -6.82 36.46 6.96
CA ILE E 119 -7.01 37.68 7.76
C ILE E 119 -7.08 38.89 6.86
N ILE E 120 -8.17 39.66 6.96
CA ILE E 120 -8.27 40.97 6.31
C ILE E 120 -8.10 42.06 7.38
N ALA E 121 -7.01 42.81 7.29
CA ALA E 121 -6.73 43.94 8.14
C ALA E 121 -7.31 45.19 7.49
N VAL E 122 -8.29 45.81 8.17
CA VAL E 122 -9.00 46.97 7.65
C VAL E 122 -8.87 48.15 8.62
N SER E 123 -9.27 49.33 8.16
CA SER E 123 -9.26 50.51 9.00
C SER E 123 -10.62 50.60 9.73
N ASN E 124 -10.63 51.35 10.85
CA ASN E 124 -11.88 51.67 11.55
C ASN E 124 -12.88 52.50 10.71
N SER E 125 -12.44 53.15 9.63
CA SER E 125 -13.39 53.81 8.72
C SER E 125 -14.11 52.90 7.73
N ALA E 126 -13.74 51.63 7.64
CA ALA E 126 -14.24 50.78 6.50
C ALA E 126 -15.73 50.50 6.66
N PRO E 127 -16.51 50.54 5.55
CA PRO E 127 -17.98 50.38 5.72
C PRO E 127 -18.32 49.06 6.41
N GLU E 128 -19.10 49.13 7.48
CA GLU E 128 -19.50 47.94 8.26
C GLU E 128 -20.20 46.80 7.49
N GLU E 129 -20.99 47.16 6.47
CA GLU E 129 -21.66 46.14 5.66
C GLU E 129 -20.66 45.26 4.91
N LYS E 130 -19.57 45.86 4.44
CA LYS E 130 -18.52 45.09 3.76
C LYS E 130 -17.71 44.22 4.72
N ILE E 131 -17.42 44.78 5.90
CA ILE E 131 -16.73 44.03 6.96
C ILE E 131 -17.50 42.77 7.28
N ARG E 132 -18.82 42.92 7.43
CA ARG E 132 -19.69 41.80 7.80
C ARG E 132 -19.65 40.68 6.72
N MET E 133 -19.66 41.07 5.45
CA MET E 133 -19.51 40.13 4.34
C MET E 133 -18.14 39.42 4.35
N LEU E 134 -17.06 40.15 4.63
CA LEU E 134 -15.74 39.52 4.73
C LEU E 134 -15.60 38.63 5.95
N GLU E 135 -16.30 38.96 7.02
CA GLU E 135 -16.28 38.12 8.24
C GLU E 135 -16.83 36.69 8.04
N GLU E 136 -17.64 36.49 7.00
CA GLU E 136 -18.07 35.14 6.62
C GLU E 136 -16.92 34.22 6.18
N LYS E 137 -15.90 34.81 5.52
CA LYS E 137 -14.78 34.05 4.94
C LYS E 137 -13.45 34.21 5.69
N ALA E 138 -13.37 35.13 6.65
CA ALA E 138 -12.07 35.48 7.25
C ALA E 138 -12.18 36.13 8.61
N LEU E 139 -11.07 36.09 9.35
CA LEU E 139 -10.89 36.98 10.50
C LEU E 139 -10.63 38.43 10.02
N VAL E 140 -11.38 39.40 10.54
CA VAL E 140 -11.20 40.79 10.22
C VAL E 140 -10.63 41.57 11.41
N ILE E 141 -9.45 42.17 11.24
CA ILE E 141 -8.79 42.99 12.29
C ILE E 141 -8.88 44.48 11.93
N LYS E 142 -9.48 45.25 12.83
CA LYS E 142 -9.67 46.70 12.65
C LYS E 142 -8.56 47.41 13.40
N THR E 143 -7.87 48.33 12.74
CA THR E 143 -6.89 49.17 13.42
C THR E 143 -6.83 50.45 12.64
N GLY E 144 -6.36 51.49 13.31
CA GLY E 144 -6.17 52.77 12.73
C GLY E 144 -7.47 53.43 12.28
N ALA E 145 -7.34 54.68 11.85
CA ALA E 145 -8.50 55.46 11.49
C ALA E 145 -8.90 55.31 10.03
N PHE E 146 -8.02 55.77 9.13
CA PHE E 146 -8.15 55.56 7.68
C PHE E 146 -7.06 54.63 7.12
N ARG E 147 -5.80 54.91 7.43
CA ARG E 147 -4.73 53.97 7.12
C ARG E 147 -4.82 52.84 8.16
N VAL E 148 -4.61 51.61 7.72
CA VAL E 148 -4.28 50.51 8.61
C VAL E 148 -2.99 50.79 9.39
N ASP E 149 -3.02 50.55 10.70
CA ASP E 149 -1.85 50.76 11.53
C ASP E 149 -1.03 49.49 11.51
N LEU E 150 0.05 49.53 10.74
CA LEU E 150 0.86 48.37 10.47
C LEU E 150 1.69 47.92 11.65
N THR E 151 2.05 48.85 12.54
CA THR E 151 2.80 48.51 13.74
C THR E 151 1.89 47.71 14.71
N GLU E 152 0.66 48.17 14.86
CA GLU E 152 -0.34 47.52 15.65
C GLU E 152 -0.70 46.14 15.08
N LEU E 153 -1.06 46.10 13.79
CA LEU E 153 -1.27 44.82 13.06
C LEU E 153 -0.14 43.81 13.29
N ALA E 154 1.10 44.26 13.13
CA ALA E 154 2.26 43.38 13.36
C ALA E 154 2.37 42.86 14.80
N ALA E 155 1.94 43.66 15.78
CA ALA E 155 1.83 43.20 17.19
C ALA E 155 0.80 42.07 17.39
N LYS E 156 -0.39 42.28 16.84
CA LYS E 156 -1.47 41.35 16.90
C LYS E 156 -1.13 40.02 16.23
N LEU E 157 -0.42 40.06 15.10
CA LEU E 157 0.00 38.83 14.44
C LEU E 157 1.00 38.05 15.28
N LYS E 158 2.01 38.73 15.83
CA LYS E 158 2.99 38.08 16.76
C LYS E 158 2.30 37.39 17.94
N GLU E 159 1.33 38.12 18.51
CA GLU E 159 0.54 37.66 19.64
C GLU E 159 -0.25 36.38 19.31
N MET E 160 -0.71 36.23 18.07
CA MET E 160 -1.40 35.01 17.62
C MET E 160 -0.47 33.86 17.25
N GLY E 161 0.84 34.05 17.31
CA GLY E 161 1.80 32.97 17.06
C GLY E 161 2.66 33.12 15.82
N ILE E 162 2.44 34.19 15.04
CA ILE E 162 3.21 34.43 13.80
C ILE E 162 4.56 35.03 14.14
N ASN E 163 5.63 34.31 13.87
CA ASN E 163 7.01 34.75 14.12
C ASN E 163 7.81 35.05 12.86
N SER E 164 7.26 34.69 11.72
CA SER E 164 7.91 34.88 10.45
C SER E 164 6.83 35.33 9.51
N LEU E 165 6.98 36.57 9.00
CA LEU E 165 5.99 37.21 8.14
C LEU E 165 6.65 37.60 6.83
N MET E 166 6.17 37.01 5.75
CA MET E 166 6.67 37.29 4.38
C MET E 166 5.80 38.37 3.78
N VAL E 167 6.40 39.51 3.45
CA VAL E 167 5.62 40.55 2.78
C VAL E 167 5.82 40.34 1.31
N GLU E 168 4.73 40.07 0.60
CA GLU E 168 4.80 39.79 -0.82
C GLU E 168 4.38 40.95 -1.70
N GLY E 169 4.64 42.15 -1.27
CA GLY E 169 4.52 43.23 -2.20
C GLY E 169 3.25 44.00 -2.44
N GLY E 170 3.47 44.80 -3.47
CA GLY E 170 2.71 45.92 -3.84
C GLY E 170 3.65 46.99 -3.43
N ALA E 171 3.75 47.92 -4.35
CA ALA E 171 4.55 49.10 -4.18
C ALA E 171 4.12 49.91 -2.95
N THR E 172 2.82 49.95 -2.67
CA THR E 172 2.27 50.76 -1.58
C THR E 172 2.57 50.10 -0.24
N LEU E 173 2.23 48.82 -0.12
CA LEU E 173 2.46 48.13 1.16
C LEU E 173 3.95 48.14 1.54
N ASN E 174 4.81 47.89 0.54
CA ASN E 174 6.24 47.90 0.76
C ASN E 174 6.69 49.22 1.33
N TRP E 175 6.11 50.31 0.82
CA TRP E 175 6.39 51.64 1.38
C TRP E 175 5.87 51.75 2.82
N GLY E 176 4.63 51.34 3.04
CA GLY E 176 4.05 51.28 4.41
C GLY E 176 4.96 50.60 5.43
N MET E 177 5.41 49.39 5.10
CA MET E 177 6.17 48.56 6.02
C MET E 177 7.57 49.11 6.23
N LEU E 178 8.21 49.57 5.16
CA LEU E 178 9.56 50.15 5.26
C LEU E 178 9.52 51.50 6.01
N SER E 179 8.59 52.37 5.68
CA SER E 179 8.57 53.70 6.33
C SER E 179 8.13 53.66 7.83
N ALA E 180 7.42 52.61 8.25
CA ALA E 180 7.13 52.40 9.67
C ALA E 180 8.25 51.70 10.45
N GLY E 181 9.32 51.30 9.80
CA GLY E 181 10.45 50.73 10.48
C GLY E 181 10.28 49.25 10.86
N LEU E 182 9.37 48.55 10.16
CA LEU E 182 9.04 47.16 10.50
C LEU E 182 9.81 46.05 9.79
N VAL E 183 10.62 46.38 8.78
CA VAL E 183 11.22 45.37 7.95
C VAL E 183 12.64 45.06 8.40
N ASP E 184 12.92 43.77 8.54
CA ASP E 184 14.25 43.31 8.89
C ASP E 184 15.08 43.16 7.63
N GLU E 185 14.50 42.56 6.59
CA GLU E 185 15.26 42.23 5.36
C GLU E 185 14.44 42.42 4.08
N VAL E 186 15.14 42.58 2.95
CA VAL E 186 14.54 42.82 1.66
C VAL E 186 15.21 41.89 0.66
N TYR E 187 14.41 41.12 -0.06
CA TYR E 187 14.89 40.22 -1.13
C TYR E 187 14.30 40.66 -2.47
N THR E 188 15.21 41.02 -3.38
CA THR E 188 14.86 41.49 -4.69
C THR E 188 15.46 40.58 -5.73
N PHE E 189 14.61 39.86 -6.47
CA PHE E 189 15.10 39.15 -7.66
C PHE E 189 15.01 40.10 -8.83
N VAL E 190 16.16 40.45 -9.39
CA VAL E 190 16.26 41.40 -10.46
C VAL E 190 16.30 40.66 -11.78
N GLY E 191 15.22 40.78 -12.55
CA GLY E 191 15.05 40.06 -13.79
C GLY E 191 15.64 40.78 -14.97
N ASN E 192 15.86 40.04 -16.05
CA ASN E 192 16.58 40.53 -17.20
C ASN E 192 15.67 41.23 -18.20
N LEU E 193 15.10 42.33 -17.74
CA LEU E 193 14.24 43.10 -18.60
C LEU E 193 14.13 44.54 -18.14
N ILE E 194 13.73 45.41 -19.08
CA ILE E 194 13.31 46.80 -18.80
C ILE E 194 11.80 46.88 -19.05
N ILE E 195 11.06 47.38 -18.05
CA ILE E 195 9.62 47.57 -18.18
C ILE E 195 9.30 49.03 -18.54
N GLY E 196 9.90 49.97 -17.78
CA GLY E 196 9.72 51.39 -17.99
C GLY E 196 8.39 51.94 -17.47
N GLY E 197 8.24 53.25 -17.53
CA GLY E 197 6.98 53.94 -17.24
C GLY E 197 7.00 54.68 -15.88
N LYS E 198 6.74 55.96 -15.88
CA LYS E 198 6.70 56.72 -14.61
C LYS E 198 5.62 56.36 -13.67
N THR E 199 4.53 55.79 -14.20
CA THR E 199 3.39 55.32 -13.42
C THR E 199 3.36 53.79 -13.25
N ALA E 200 4.39 53.09 -13.71
CA ALA E 200 4.50 51.66 -13.44
C ALA E 200 4.89 51.47 -11.96
N PRO E 201 4.26 50.53 -11.25
CA PRO E 201 4.61 50.35 -9.84
C PRO E 201 6.05 49.86 -9.66
N THR E 202 6.76 50.49 -8.75
CA THR E 202 8.13 50.15 -8.44
C THR E 202 8.15 49.29 -7.20
N PHE E 203 9.34 48.85 -6.81
CA PHE E 203 9.49 48.06 -5.59
C PHE E 203 9.11 48.85 -4.33
N THR E 204 9.21 50.17 -4.37
CA THR E 204 8.72 51.04 -3.30
C THR E 204 8.14 52.36 -3.84
N ASP E 205 6.82 52.50 -3.75
CA ASP E 205 6.12 53.73 -4.12
C ASP E 205 5.71 54.53 -2.91
N GLY E 206 4.40 54.81 -2.73
CA GLY E 206 3.93 55.66 -1.65
C GLY E 206 4.52 57.07 -1.68
N GLU E 207 4.61 57.70 -0.50
CA GLU E 207 5.04 59.11 -0.37
C GLU E 207 6.48 59.24 -0.82
N GLY E 208 7.33 58.36 -0.30
CA GLY E 208 8.76 58.45 -0.51
C GLY E 208 9.48 59.20 0.60
N PHE E 209 10.70 58.77 0.88
CA PHE E 209 11.56 59.42 1.84
C PHE E 209 12.17 60.70 1.24
N THR E 210 12.32 61.72 2.07
CA THR E 210 13.12 62.90 1.71
C THR E 210 14.57 62.59 1.89
N GLU E 211 15.41 63.44 1.32
CA GLU E 211 16.89 63.35 1.41
C GLU E 211 17.48 63.13 2.82
N ASN E 212 16.82 63.67 3.83
CA ASN E 212 17.18 63.49 5.23
C ASN E 212 16.71 62.19 5.89
N GLU E 213 15.77 61.44 5.28
CA GLU E 213 15.17 60.24 5.92
C GLU E 213 15.39 58.96 5.14
N LEU E 214 16.44 58.94 4.33
CA LEU E 214 16.74 57.78 3.49
C LEU E 214 17.05 56.55 4.35
N LEU E 215 16.48 55.41 3.99
CA LEU E 215 16.60 54.16 4.75
C LEU E 215 17.82 53.38 4.28
N GLY E 216 18.79 53.22 5.17
CA GLY E 216 20.04 52.54 4.89
C GLY E 216 19.87 51.02 4.91
N LEU E 217 20.69 50.36 4.12
CA LEU E 217 20.66 48.92 3.95
C LEU E 217 22.08 48.42 4.02
N GLU E 218 22.23 47.11 4.17
CA GLU E 218 23.51 46.43 4.05
C GLU E 218 23.34 45.25 3.12
N LEU E 219 24.16 45.16 2.07
CA LEU E 219 24.07 44.04 1.15
C LEU E 219 24.51 42.77 1.91
N SER E 220 23.59 41.79 2.05
CA SER E 220 23.91 40.49 2.66
C SER E 220 24.48 39.50 1.66
N SER E 221 23.85 39.41 0.48
CA SER E 221 24.31 38.49 -0.57
C SER E 221 23.79 38.87 -1.95
N ALA E 222 24.49 38.39 -2.96
CA ALA E 222 24.09 38.55 -4.36
C ALA E 222 24.41 37.25 -5.13
N GLU E 223 23.38 36.65 -5.73
CA GLU E 223 23.46 35.32 -6.32
C GLU E 223 22.74 35.31 -7.66
N LYS E 224 23.45 34.94 -8.72
CA LYS E 224 22.87 34.76 -10.03
C LYS E 224 21.97 33.51 -10.00
N ILE E 225 20.76 33.66 -10.51
CA ILE E 225 19.80 32.58 -10.65
C ILE E 225 19.18 32.72 -12.04
N GLU E 226 19.30 31.65 -12.84
CA GLU E 226 18.85 31.62 -14.23
C GLU E 226 19.35 32.88 -14.94
N ASP E 227 18.44 33.72 -15.45
CA ASP E 227 18.81 34.87 -16.26
C ASP E 227 18.88 36.22 -15.50
N GLY E 228 18.57 36.20 -14.21
CA GLY E 228 18.64 37.38 -13.37
C GLY E 228 19.56 37.18 -12.18
N ILE E 229 19.37 38.01 -11.15
CA ILE E 229 20.21 37.99 -9.97
C ILE E 229 19.39 38.38 -8.75
N LEU E 230 19.53 37.59 -7.70
CA LEU E 230 18.87 37.79 -6.45
C LEU E 230 19.75 38.62 -5.53
N LEU E 231 19.26 39.80 -5.14
CA LEU E 231 19.91 40.64 -4.15
C LEU E 231 19.13 40.55 -2.83
N LYS E 232 19.87 40.39 -1.72
CA LYS E 232 19.32 40.35 -0.37
C LYS E 232 19.95 41.46 0.46
N TRP E 233 19.12 42.24 1.11
CA TRP E 233 19.55 43.40 1.84
C TRP E 233 19.05 43.31 3.27
N LYS E 234 19.91 43.65 4.21
CA LYS E 234 19.53 43.82 5.59
C LYS E 234 19.16 45.29 5.75
N VAL E 235 18.03 45.55 6.39
CA VAL E 235 17.58 46.91 6.69
C VAL E 235 18.20 47.43 7.99
N LYS E 236 18.69 48.66 7.98
CA LYS E 236 19.27 49.28 9.16
C LYS E 236 18.24 50.18 9.82
N MET F 13 26.48 51.30 -38.14
CA MET F 13 27.23 52.45 -38.73
C MET F 13 26.60 53.84 -38.60
N ASP F 14 25.35 53.96 -38.14
CA ASP F 14 24.61 55.25 -38.16
C ASP F 14 24.39 55.78 -36.75
N ARG F 15 25.05 55.19 -35.76
CA ARG F 15 25.09 55.73 -34.43
C ARG F 15 26.31 55.24 -33.60
N PRO F 16 26.63 55.97 -32.53
CA PRO F 16 27.71 55.56 -31.70
C PRO F 16 27.32 54.32 -30.94
N PHE F 17 28.30 53.63 -30.38
CA PHE F 17 28.08 52.72 -29.30
C PHE F 17 27.48 53.58 -28.15
N ILE F 18 26.37 53.11 -27.59
CA ILE F 18 25.64 53.87 -26.57
C ILE F 18 25.49 53.05 -25.32
N PHE F 19 25.86 53.64 -24.17
CA PHE F 19 25.67 52.96 -22.88
C PHE F 19 25.11 53.94 -21.82
N ILE F 20 24.25 53.43 -20.95
CA ILE F 20 23.68 54.23 -19.90
C ILE F 20 24.45 53.86 -18.67
N ASN F 21 24.88 54.87 -17.93
CA ASN F 21 25.45 54.65 -16.59
C ASN F 21 24.71 55.48 -15.55
N SER F 22 24.21 54.84 -14.52
CA SER F 22 23.46 55.51 -13.43
C SER F 22 23.76 54.82 -12.09
N ALA F 23 23.73 55.59 -11.04
CA ALA F 23 23.64 55.09 -9.70
C ALA F 23 22.11 55.10 -9.33
N MET F 24 21.63 54.04 -8.70
CA MET F 24 20.24 53.98 -8.26
C MET F 24 20.12 53.30 -6.93
N SER F 25 19.03 53.61 -6.22
CA SER F 25 18.71 52.99 -4.95
C SER F 25 18.32 51.52 -5.17
N ALA F 26 18.17 50.79 -4.07
CA ALA F 26 17.82 49.37 -4.14
C ALA F 26 16.43 49.17 -4.72
N ASP F 27 15.57 50.17 -4.53
CA ASP F 27 14.21 50.20 -5.12
C ASP F 27 14.13 50.92 -6.47
N GLY F 28 15.30 51.21 -7.07
CA GLY F 28 15.36 51.73 -8.44
C GLY F 28 15.18 53.21 -8.70
N LYS F 29 15.46 54.08 -7.70
CA LYS F 29 15.32 55.53 -7.82
C LYS F 29 16.64 56.23 -8.12
N LEU F 30 16.57 57.31 -8.90
CA LEU F 30 17.74 58.18 -9.16
C LEU F 30 17.87 59.33 -8.17
N SER F 31 16.74 59.72 -7.57
CA SER F 31 16.66 60.81 -6.59
C SER F 31 15.30 60.73 -5.87
N THR F 32 15.04 61.67 -4.96
CA THR F 32 13.84 61.64 -4.12
C THR F 32 12.64 62.11 -4.90
N LYS F 33 11.47 61.99 -4.30
CA LYS F 33 10.22 62.55 -4.82
C LYS F 33 10.29 64.06 -5.13
N GLU F 34 11.16 64.79 -4.43
CA GLU F 34 11.37 66.22 -4.67
C GLU F 34 12.50 66.48 -5.69
N ARG F 35 12.97 65.41 -6.34
CA ARG F 35 14.07 65.48 -7.31
C ARG F 35 15.34 66.11 -6.74
N LYS F 36 15.61 65.83 -5.49
CA LYS F 36 16.86 66.23 -4.85
C LYS F 36 17.87 65.08 -4.98
N GLN F 37 19.05 65.40 -5.48
CA GLN F 37 20.13 64.41 -5.56
C GLN F 37 20.63 63.91 -4.17
N VAL F 38 20.94 62.63 -4.09
CA VAL F 38 21.39 62.04 -2.84
C VAL F 38 22.66 61.25 -3.07
N LYS F 39 23.35 60.92 -1.98
CA LYS F 39 24.55 60.08 -2.05
C LYS F 39 24.07 58.65 -2.32
N ILE F 40 24.37 58.14 -3.50
CA ILE F 40 24.15 56.72 -3.80
C ILE F 40 25.52 56.07 -3.97
N SER F 41 26.30 56.57 -4.93
CA SER F 41 27.66 56.12 -5.15
C SER F 41 28.51 56.49 -3.96
N GLY F 42 29.41 55.59 -3.56
CA GLY F 42 30.55 55.99 -2.73
C GLY F 42 31.73 56.32 -3.64
N LYS F 43 32.90 56.49 -3.04
CA LYS F 43 34.10 57.01 -3.75
C LYS F 43 34.62 56.09 -4.89
N LEU F 44 34.57 54.78 -4.69
CA LEU F 44 35.04 53.85 -5.68
C LEU F 44 34.13 53.81 -6.90
N ASP F 45 32.80 53.87 -6.71
CA ASP F 45 31.91 54.02 -7.85
C ASP F 45 32.11 55.37 -8.54
N PHE F 46 32.32 56.44 -7.77
CA PHE F 46 32.72 57.72 -8.37
C PHE F 46 34.01 57.61 -9.24
N GLU F 47 35.01 56.92 -8.73
CA GLU F 47 36.24 56.65 -9.47
C GLU F 47 36.01 55.88 -10.77
N ARG F 48 35.19 54.82 -10.72
CA ARG F 48 34.86 54.07 -11.91
C ARG F 48 34.09 54.91 -12.95
N MET F 49 33.19 55.75 -12.47
CA MET F 49 32.41 56.64 -13.34
C MET F 49 33.33 57.63 -14.03
N ASP F 50 34.30 58.13 -13.27
CA ASP F 50 35.28 59.11 -13.79
C ASP F 50 36.16 58.43 -14.88
N GLU F 51 36.50 57.16 -14.69
CA GLU F 51 37.25 56.42 -15.71
C GLU F 51 36.40 56.19 -17.00
N LEU F 52 35.10 55.91 -16.84
CA LEU F 52 34.23 55.76 -17.99
C LEU F 52 34.07 57.06 -18.75
N ARG F 53 33.85 58.16 -18.05
CA ARG F 53 33.81 59.52 -18.67
C ARG F 53 35.05 59.85 -19.47
N ALA F 54 36.21 59.54 -18.90
CA ALA F 54 37.49 59.78 -19.57
C ALA F 54 37.64 59.00 -20.88
N HIS F 55 37.11 57.77 -20.94
CA HIS F 55 37.19 56.95 -22.16
C HIS F 55 36.09 57.18 -23.15
N ALA F 56 35.03 57.86 -22.74
CA ALA F 56 33.94 58.22 -23.67
C ALA F 56 34.29 59.41 -24.55
N ASP F 57 33.80 59.43 -25.77
CA ASP F 57 33.92 60.59 -26.66
C ASP F 57 32.91 61.67 -26.28
N ALA F 58 31.75 61.24 -25.79
CA ALA F 58 30.69 62.21 -25.43
C ALA F 58 29.85 61.71 -24.25
N ILE F 59 29.37 62.66 -23.46
CA ILE F 59 28.44 62.40 -22.37
C ILE F 59 27.15 63.14 -22.71
N MET F 60 26.04 62.45 -22.56
CA MET F 60 24.68 62.99 -22.80
C MET F 60 23.80 62.95 -21.54
N VAL F 61 23.07 64.04 -21.30
CA VAL F 61 22.26 64.19 -20.13
C VAL F 61 20.97 64.91 -20.53
N GLY F 62 19.87 64.59 -19.84
CA GLY F 62 18.63 65.27 -20.05
C GLY F 62 18.63 66.68 -19.39
N ILE F 63 17.78 67.58 -19.89
CA ILE F 63 17.58 68.90 -19.30
C ILE F 63 17.11 68.86 -17.83
N GLY F 64 16.27 67.88 -17.49
CA GLY F 64 15.85 67.64 -16.11
C GLY F 64 16.99 67.55 -15.09
N THR F 65 18.04 66.82 -15.46
CA THR F 65 19.23 66.63 -14.64
C THR F 65 20.05 67.90 -14.54
N VAL F 66 20.13 68.64 -15.63
CA VAL F 66 20.79 69.94 -15.57
C VAL F 66 20.08 70.95 -14.65
N LEU F 67 18.76 71.06 -14.73
CA LEU F 67 17.99 71.99 -13.86
C LEU F 67 18.05 71.59 -12.36
N ALA F 68 17.86 70.30 -12.07
CA ALA F 68 17.95 69.78 -10.69
C ALA F 68 19.36 69.84 -10.07
N ASP F 69 20.34 69.16 -10.69
CA ASP F 69 21.69 68.97 -10.11
C ASP F 69 22.76 69.94 -10.56
N ASP F 70 22.56 70.57 -11.70
CA ASP F 70 23.56 71.47 -12.32
C ASP F 70 24.98 70.85 -12.40
N PRO F 71 25.07 69.61 -12.83
CA PRO F 71 26.38 68.96 -12.93
C PRO F 71 27.28 69.56 -14.02
N SER F 72 28.60 69.53 -13.79
CA SER F 72 29.61 69.97 -14.76
C SER F 72 29.85 68.92 -15.86
N LEU F 73 29.67 67.64 -15.54
CA LEU F 73 29.96 66.51 -16.41
C LEU F 73 31.40 66.46 -16.84
N THR F 74 32.28 67.08 -16.07
CA THR F 74 33.70 67.01 -16.33
C THR F 74 34.34 65.69 -15.81
N VAL F 75 35.47 65.33 -16.40
CA VAL F 75 36.43 64.41 -15.80
C VAL F 75 37.11 65.14 -14.64
N LYS F 76 37.21 64.49 -13.50
CA LYS F 76 37.74 65.09 -12.24
C LYS F 76 39.25 64.85 -12.02
N SER F 77 39.69 63.62 -12.23
CA SER F 77 41.12 63.28 -12.07
C SER F 77 42.03 64.11 -13.00
N PRO F 78 43.03 64.83 -12.43
CA PRO F 78 43.98 65.56 -13.30
C PRO F 78 44.75 64.69 -14.26
N GLU F 79 45.03 63.46 -13.85
CA GLU F 79 45.77 62.52 -14.66
C GLU F 79 44.98 61.98 -15.83
N ARG F 80 43.69 61.71 -15.62
CA ARG F 80 42.80 61.24 -16.69
C ARG F 80 42.64 62.36 -17.70
N LYS F 81 42.48 63.58 -17.21
CA LYS F 81 42.46 64.75 -18.10
C LYS F 81 43.73 64.90 -18.90
N ALA F 82 44.86 64.71 -18.24
CA ALA F 82 46.19 64.84 -18.90
C ALA F 82 46.38 63.80 -19.99
N ALA F 83 46.02 62.57 -19.67
CA ALA F 83 46.11 61.46 -20.61
C ALA F 83 45.27 61.69 -21.89
N ARG F 84 44.03 62.13 -21.73
CA ARG F 84 43.18 62.46 -22.85
C ARG F 84 43.79 63.52 -23.69
N LYS F 85 44.26 64.58 -23.03
CA LYS F 85 44.93 65.69 -23.72
C LYS F 85 46.16 65.22 -24.49
N ALA F 86 46.99 64.42 -23.81
CA ALA F 86 48.18 63.86 -24.46
C ALA F 86 47.87 63.00 -25.71
N ALA F 87 46.73 62.33 -25.71
CA ALA F 87 46.27 61.56 -26.86
C ALA F 87 45.50 62.39 -27.88
N GLY F 88 45.54 63.71 -27.75
CA GLY F 88 44.92 64.62 -28.73
C GLY F 88 43.42 64.89 -28.61
N LYS F 89 42.83 64.55 -27.46
CA LYS F 89 41.44 64.83 -27.18
C LYS F 89 41.29 66.05 -26.24
N SER F 90 40.14 66.67 -26.26
CA SER F 90 39.82 67.65 -25.25
C SER F 90 39.85 66.97 -23.89
N GLU F 91 40.24 67.73 -22.87
CA GLU F 91 40.27 67.26 -21.49
C GLU F 91 39.00 66.59 -21.08
N ASN F 92 37.88 67.12 -21.56
CA ASN F 92 36.56 66.52 -21.30
C ASN F 92 35.99 66.02 -22.56
N PRO F 93 35.27 64.89 -22.50
CA PRO F 93 34.49 64.56 -23.67
C PRO F 93 33.41 65.58 -23.98
N VAL F 94 32.84 65.47 -25.18
CA VAL F 94 31.82 66.40 -25.67
C VAL F 94 30.64 66.28 -24.68
N ARG F 95 30.04 67.40 -24.34
CA ARG F 95 28.92 67.38 -23.38
C ARG F 95 27.60 67.75 -24.10
N VAL F 96 26.63 66.85 -24.02
CA VAL F 96 25.41 66.99 -24.80
C VAL F 96 24.18 67.06 -23.88
N VAL F 97 23.37 68.12 -24.04
CA VAL F 97 22.12 68.27 -23.29
C VAL F 97 20.90 68.04 -24.20
N VAL F 98 20.09 67.02 -23.91
CA VAL F 98 18.80 66.84 -24.61
C VAL F 98 17.80 67.76 -23.92
N ASP F 99 17.40 68.83 -24.63
CA ASP F 99 16.73 70.01 -24.07
C ASP F 99 15.63 70.57 -25.02
N GLU F 100 14.50 69.88 -25.09
CA GLU F 100 13.43 70.15 -26.11
C GLU F 100 13.01 71.61 -26.25
N SER F 101 12.87 72.31 -25.12
CA SER F 101 12.42 73.72 -25.15
C SER F 101 13.50 74.72 -24.86
N ALA F 102 14.79 74.31 -25.02
CA ALA F 102 15.90 75.22 -24.92
C ALA F 102 15.91 75.95 -23.58
N ARG F 103 15.71 75.20 -22.52
CA ARG F 103 15.73 75.76 -21.18
C ARG F 103 17.09 75.66 -20.46
N THR F 104 18.13 75.11 -21.10
CA THR F 104 19.44 75.02 -20.47
C THR F 104 19.88 76.41 -19.97
N PRO F 105 20.19 76.53 -18.66
CA PRO F 105 20.53 77.89 -18.17
C PRO F 105 21.87 78.35 -18.70
N LEU F 106 22.02 79.65 -18.88
CA LEU F 106 23.22 80.21 -19.52
C LEU F 106 24.41 80.23 -18.60
N ASN F 107 24.12 80.27 -17.29
CA ASN F 107 25.11 80.19 -16.26
C ASN F 107 25.20 78.77 -15.70
N ALA F 108 24.75 77.76 -16.47
CA ALA F 108 24.91 76.35 -16.06
C ALA F 108 26.38 75.96 -15.93
N ASP F 109 26.64 75.01 -15.06
CA ASP F 109 28.00 74.59 -14.75
C ASP F 109 28.68 73.92 -15.97
N ILE F 110 27.87 73.34 -16.85
CA ILE F 110 28.32 72.79 -18.12
C ILE F 110 29.10 73.83 -18.89
N PHE F 111 28.67 75.08 -18.81
CA PHE F 111 29.30 76.16 -19.53
C PHE F 111 30.39 76.84 -18.74
N LYS F 112 30.33 76.80 -17.42
CA LYS F 112 31.37 77.45 -16.58
C LYS F 112 32.67 76.65 -16.51
N LYS F 113 32.58 75.33 -16.48
CA LYS F 113 33.72 74.51 -16.12
C LYS F 113 34.28 73.64 -17.24
N GLY F 114 35.60 73.68 -17.39
CA GLY F 114 36.31 72.80 -18.29
C GLY F 114 36.32 73.27 -19.73
N GLU F 115 37.26 72.76 -20.50
CA GLU F 115 37.34 72.98 -21.93
C GLU F 115 36.54 71.85 -22.62
N GLY F 116 36.08 72.12 -23.83
CA GLY F 116 35.43 71.11 -24.65
C GLY F 116 34.19 71.62 -25.36
N LEU F 117 33.76 70.88 -26.38
CA LEU F 117 32.57 71.19 -27.14
C LEU F 117 31.32 70.89 -26.33
N ARG F 118 30.38 71.85 -26.36
CA ARG F 118 29.02 71.69 -25.76
C ARG F 118 28.05 71.65 -26.87
N ILE F 119 27.12 70.69 -26.81
CA ILE F 119 26.01 70.59 -27.74
C ILE F 119 24.68 70.60 -26.98
N ILE F 120 23.76 71.51 -27.35
CA ILE F 120 22.37 71.49 -26.89
C ILE F 120 21.47 71.02 -28.05
N ALA F 121 20.90 69.84 -27.89
CA ALA F 121 19.92 69.26 -28.84
C ALA F 121 18.52 69.70 -28.42
N VAL F 122 17.86 70.50 -29.27
CA VAL F 122 16.56 71.08 -28.98
C VAL F 122 15.56 70.67 -30.05
N SER F 123 14.28 70.95 -29.77
CA SER F 123 13.22 70.65 -30.72
C SER F 123 13.00 71.84 -31.58
N ASN F 124 12.39 71.60 -32.71
CA ASN F 124 11.99 72.72 -33.60
C ASN F 124 11.00 73.69 -32.99
N SER F 125 10.26 73.27 -31.96
CA SER F 125 9.35 74.18 -31.26
C SER F 125 10.00 75.14 -30.27
N ALA F 126 11.31 75.03 -30.04
CA ALA F 126 11.89 75.78 -28.98
C ALA F 126 11.95 77.26 -29.34
N PRO F 127 11.67 78.16 -28.37
CA PRO F 127 11.67 79.60 -28.71
C PRO F 127 13.01 80.06 -29.32
N GLU F 128 12.96 80.68 -30.50
CA GLU F 128 14.12 81.18 -31.20
C GLU F 128 15.07 82.04 -30.38
N GLU F 129 14.50 82.90 -29.55
CA GLU F 129 15.32 83.86 -28.78
C GLU F 129 16.23 83.12 -27.81
N LYS F 130 15.76 82.01 -27.25
CA LYS F 130 16.56 81.18 -26.34
C LYS F 130 17.62 80.37 -27.06
N ILE F 131 17.27 79.84 -28.23
CA ILE F 131 18.23 79.19 -29.10
C ILE F 131 19.39 80.10 -29.43
N ARG F 132 19.08 81.34 -29.80
CA ARG F 132 20.11 82.32 -30.17
C ARG F 132 21.08 82.57 -29.01
N MET F 133 20.53 82.66 -27.81
CA MET F 133 21.34 82.85 -26.62
C MET F 133 22.25 81.64 -26.37
N LEU F 134 21.71 80.43 -26.53
CA LEU F 134 22.50 79.23 -26.33
C LEU F 134 23.58 79.03 -27.44
N GLU F 135 23.29 79.50 -28.65
CA GLU F 135 24.27 79.49 -29.74
C GLU F 135 25.57 80.30 -29.48
N GLU F 136 25.54 81.27 -28.55
CA GLU F 136 26.75 81.96 -28.11
C GLU F 136 27.73 81.06 -27.38
N LYS F 137 27.21 80.07 -26.63
CA LYS F 137 28.03 79.16 -25.79
C LYS F 137 28.18 77.73 -26.34
N ALA F 138 27.43 77.37 -27.38
CA ALA F 138 27.33 75.98 -27.78
C ALA F 138 26.86 75.79 -29.21
N LEU F 139 27.13 74.60 -29.75
CA LEU F 139 26.46 74.14 -30.98
C LEU F 139 25.03 73.71 -30.63
N VAL F 140 24.05 74.23 -31.35
CA VAL F 140 22.64 73.89 -31.14
C VAL F 140 22.10 73.07 -32.31
N ILE F 141 21.67 71.85 -32.04
CA ILE F 141 21.12 70.95 -33.06
C ILE F 141 19.59 70.93 -32.87
N LYS F 142 18.85 71.30 -33.91
CA LYS F 142 17.39 71.17 -33.97
C LYS F 142 16.99 69.86 -34.61
N THR F 143 16.14 69.05 -33.97
CA THR F 143 15.84 67.68 -34.54
C THR F 143 14.55 66.90 -34.31
N GLY F 144 13.52 67.46 -33.73
CA GLY F 144 12.15 66.81 -33.93
C GLY F 144 11.19 67.97 -33.74
N ALA F 145 9.90 67.68 -33.65
CA ALA F 145 8.89 68.73 -33.64
C ALA F 145 8.78 69.29 -32.20
N PHE F 146 8.40 68.42 -31.27
CA PHE F 146 8.32 68.75 -29.84
C PHE F 146 9.28 67.89 -29.01
N ARG F 147 9.20 66.58 -29.15
CA ARG F 147 10.27 65.68 -28.62
C ARG F 147 11.53 65.75 -29.54
N VAL F 148 12.70 65.80 -28.94
CA VAL F 148 13.93 65.67 -29.67
C VAL F 148 13.99 64.28 -30.30
N ASP F 149 14.36 64.23 -31.56
CA ASP F 149 14.47 62.96 -32.27
C ASP F 149 15.85 62.36 -31.97
N LEU F 150 15.87 61.40 -31.06
CA LEU F 150 17.07 60.83 -30.53
C LEU F 150 17.81 59.93 -31.53
N THR F 151 17.07 59.32 -32.46
CA THR F 151 17.67 58.51 -33.54
C THR F 151 18.48 59.41 -34.51
N GLU F 152 17.87 60.52 -34.86
CA GLU F 152 18.49 61.51 -35.69
C GLU F 152 19.72 62.13 -35.00
N LEU F 153 19.52 62.63 -33.78
CA LEU F 153 20.62 63.14 -32.93
C LEU F 153 21.80 62.18 -32.86
N ALA F 154 21.54 60.92 -32.60
CA ALA F 154 22.59 59.90 -32.57
C ALA F 154 23.32 59.71 -33.91
N ALA F 155 22.61 59.87 -35.03
CA ALA F 155 23.21 59.87 -36.37
C ALA F 155 24.19 61.02 -36.57
N LYS F 156 23.75 62.22 -36.20
CA LYS F 156 24.56 63.44 -36.33
C LYS F 156 25.80 63.37 -35.47
N LEU F 157 25.71 62.78 -34.28
CA LEU F 157 26.87 62.64 -33.37
C LEU F 157 27.92 61.70 -33.94
N LYS F 158 27.48 60.54 -34.44
CA LYS F 158 28.35 59.57 -35.13
C LYS F 158 29.09 60.21 -36.31
N GLU F 159 28.32 60.94 -37.12
CA GLU F 159 28.81 61.66 -38.26
C GLU F 159 29.91 62.68 -37.91
N MET F 160 29.81 63.30 -36.73
CA MET F 160 30.86 64.24 -36.26
C MET F 160 32.07 63.56 -35.66
N GLY F 161 32.06 62.24 -35.51
CA GLY F 161 33.22 61.50 -34.95
C GLY F 161 33.02 60.79 -33.61
N ILE F 162 31.82 60.92 -33.01
CA ILE F 162 31.55 60.33 -31.71
C ILE F 162 31.22 58.88 -31.90
N ASN F 163 32.04 57.99 -31.37
CA ASN F 163 31.83 56.53 -31.47
C ASN F 163 31.47 55.85 -30.16
N SER F 164 31.59 56.59 -29.07
CA SER F 164 31.29 56.08 -27.73
C SER F 164 30.56 57.18 -26.98
N LEU F 165 29.29 56.92 -26.65
CA LEU F 165 28.37 57.90 -26.08
C LEU F 165 27.86 57.38 -24.75
N MET F 166 28.17 58.10 -23.69
CA MET F 166 27.80 57.73 -22.33
C MET F 166 26.53 58.50 -22.01
N VAL F 167 25.46 57.77 -21.74
CA VAL F 167 24.23 58.42 -21.34
C VAL F 167 24.20 58.44 -19.84
N GLU F 168 24.19 59.63 -19.27
CA GLU F 168 24.29 59.77 -17.81
C GLU F 168 22.96 60.13 -17.20
N GLY F 169 21.90 59.74 -17.91
CA GLY F 169 20.60 60.32 -18.04
C GLY F 169 19.81 60.61 -16.85
N GLY F 170 18.67 61.21 -17.16
CA GLY F 170 17.58 61.23 -16.27
C GLY F 170 16.65 60.08 -16.59
N ALA F 171 15.57 59.96 -15.82
CA ALA F 171 14.57 58.95 -16.04
C ALA F 171 13.89 59.05 -17.43
N THR F 172 13.70 60.27 -17.90
CA THR F 172 13.02 60.52 -19.15
C THR F 172 13.96 60.20 -20.34
N LEU F 173 15.18 60.73 -20.31
CA LEU F 173 16.14 60.45 -21.33
C LEU F 173 16.39 58.94 -21.46
N ASN F 174 16.58 58.26 -20.35
CA ASN F 174 16.83 56.85 -20.37
C ASN F 174 15.69 56.10 -21.08
N TRP F 175 14.45 56.54 -20.85
CA TRP F 175 13.31 55.94 -21.54
C TRP F 175 13.38 56.23 -23.02
N GLY F 176 13.61 57.49 -23.37
CA GLY F 176 13.79 57.93 -24.75
C GLY F 176 14.76 57.04 -25.51
N MET F 177 15.95 56.84 -24.95
CA MET F 177 17.00 56.12 -25.60
C MET F 177 16.67 54.62 -25.67
N LEU F 178 16.18 54.03 -24.57
CA LEU F 178 15.84 52.60 -24.59
C LEU F 178 14.67 52.33 -25.52
N SER F 179 13.62 53.15 -25.49
CA SER F 179 12.43 52.85 -26.30
C SER F 179 12.66 53.07 -27.80
N ALA F 180 13.64 53.90 -28.15
CA ALA F 180 14.02 54.07 -29.56
C ALA F 180 15.00 53.00 -30.05
N GLY F 181 15.44 52.10 -29.20
CA GLY F 181 16.28 50.97 -29.58
C GLY F 181 17.76 51.29 -29.69
N LEU F 182 18.18 52.39 -29.05
CA LEU F 182 19.50 52.96 -29.28
C LEU F 182 20.58 52.48 -28.33
N VAL F 183 20.22 51.77 -27.28
CA VAL F 183 21.18 51.44 -26.24
C VAL F 183 21.77 50.02 -26.38
N ASP F 184 23.10 49.94 -26.29
CA ASP F 184 23.80 48.69 -26.37
C ASP F 184 23.90 48.07 -25.03
N GLU F 185 24.21 48.89 -24.01
CA GLU F 185 24.42 48.37 -22.65
C GLU F 185 23.89 49.31 -21.55
N VAL F 186 23.64 48.74 -20.37
CA VAL F 186 23.10 49.45 -19.20
C VAL F 186 23.91 49.08 -17.99
N TYR F 187 24.42 50.09 -17.32
CA TYR F 187 25.24 49.90 -16.07
C TYR F 187 24.52 50.56 -14.92
N THR F 188 24.12 49.76 -13.94
CA THR F 188 23.45 50.22 -12.76
C THR F 188 24.28 49.91 -11.55
N PHE F 189 24.76 50.96 -10.86
CA PHE F 189 25.31 50.78 -9.54
C PHE F 189 24.13 50.87 -8.57
N VAL F 190 23.82 49.74 -7.92
CA VAL F 190 22.73 49.66 -6.97
C VAL F 190 23.26 49.92 -5.57
N GLY F 191 22.89 51.06 -5.02
CA GLY F 191 23.37 51.49 -3.71
C GLY F 191 22.55 50.93 -2.57
N ASN F 192 23.12 51.04 -1.38
CA ASN F 192 22.54 50.43 -0.18
C ASN F 192 21.56 51.36 0.50
N LEU F 193 20.46 51.66 -0.20
CA LEU F 193 19.42 52.46 0.38
C LEU F 193 18.10 52.24 -0.27
N ILE F 194 17.03 52.60 0.48
CA ILE F 194 15.66 52.76 -0.07
C ILE F 194 15.32 54.28 -0.12
N ILE F 195 14.89 54.76 -1.29
CA ILE F 195 14.46 56.14 -1.45
C ILE F 195 12.93 56.29 -1.41
N GLY F 196 12.24 55.46 -2.18
CA GLY F 196 10.79 55.38 -2.18
C GLY F 196 10.16 56.47 -3.02
N GLY F 197 8.85 56.38 -3.19
CA GLY F 197 8.04 57.49 -3.69
C GLY F 197 7.54 57.19 -5.09
N LYS F 198 6.25 57.33 -5.28
CA LYS F 198 5.60 57.04 -6.56
C LYS F 198 6.03 58.01 -7.66
N THR F 199 6.41 59.22 -7.26
CA THR F 199 6.81 60.30 -8.15
C THR F 199 8.31 60.53 -8.14
N ALA F 200 9.06 59.68 -7.43
CA ALA F 200 10.50 59.79 -7.46
C ALA F 200 10.95 59.26 -8.80
N PRO F 201 11.84 59.99 -9.49
CA PRO F 201 12.36 59.42 -10.75
C PRO F 201 13.08 58.04 -10.61
N THR F 202 12.68 57.11 -11.46
CA THR F 202 13.28 55.78 -11.48
C THR F 202 14.33 55.72 -12.63
N PHE F 203 14.96 54.58 -12.77
CA PHE F 203 16.02 54.42 -13.77
C PHE F 203 15.42 54.48 -15.17
N THR F 204 14.15 54.11 -15.31
CA THR F 204 13.40 54.32 -16.55
C THR F 204 11.91 54.74 -16.34
N ASP F 205 11.63 56.00 -16.60
CA ASP F 205 10.27 56.56 -16.50
C ASP F 205 9.64 56.68 -17.91
N GLY F 206 9.21 57.87 -18.32
CA GLY F 206 8.46 58.06 -19.56
C GLY F 206 7.16 57.29 -19.64
N GLU F 207 6.76 56.93 -20.85
CA GLU F 207 5.51 56.20 -21.08
C GLU F 207 5.54 54.82 -20.44
N GLY F 208 6.60 54.07 -20.73
CA GLY F 208 6.71 52.68 -20.34
C GLY F 208 6.29 51.71 -21.43
N PHE F 209 6.89 50.53 -21.43
CA PHE F 209 6.51 49.48 -22.33
C PHE F 209 5.26 48.73 -21.89
N THR F 210 4.46 48.31 -22.85
CA THR F 210 3.38 47.35 -22.61
C THR F 210 3.95 45.96 -22.59
N GLU F 211 3.15 45.02 -22.11
CA GLU F 211 3.48 43.58 -22.07
C GLU F 211 4.07 42.99 -23.36
N ASN F 212 3.64 43.52 -24.50
CA ASN F 212 4.10 43.07 -25.83
C ASN F 212 5.39 43.74 -26.31
N GLU F 213 5.85 44.80 -25.64
CA GLU F 213 6.97 45.60 -26.04
C GLU F 213 8.15 45.57 -25.09
N LEU F 214 8.19 44.59 -24.21
CA LEU F 214 9.20 44.53 -23.15
C LEU F 214 10.57 44.39 -23.77
N LEU F 215 11.53 45.14 -23.21
CA LEU F 215 12.92 45.11 -23.68
C LEU F 215 13.76 44.09 -22.92
N GLY F 216 14.23 43.07 -23.63
CA GLY F 216 15.04 42.00 -23.03
C GLY F 216 16.49 42.40 -22.82
N LEU F 217 17.11 41.82 -21.80
CA LEU F 217 18.46 42.12 -21.39
C LEU F 217 19.15 40.80 -21.15
N GLU F 218 20.48 40.86 -21.06
CA GLU F 218 21.30 39.73 -20.66
C GLU F 218 22.27 40.24 -19.60
N LEU F 219 22.28 39.61 -18.45
CA LEU F 219 23.22 39.99 -17.40
C LEU F 219 24.67 39.67 -17.83
N SER F 220 25.53 40.70 -17.96
CA SER F 220 26.94 40.53 -18.36
C SER F 220 27.83 40.29 -17.15
N SER F 221 27.63 41.07 -16.10
CA SER F 221 28.40 40.91 -14.86
C SER F 221 27.69 41.53 -13.67
N ALA F 222 28.12 41.10 -12.49
CA ALA F 222 27.69 41.65 -11.22
C ALA F 222 28.88 41.65 -10.26
N GLU F 223 29.21 42.84 -9.73
CA GLU F 223 30.40 43.06 -8.93
C GLU F 223 30.10 43.95 -7.74
N LYS F 224 30.40 43.45 -6.55
CA LYS F 224 30.25 44.22 -5.32
C LYS F 224 31.34 45.29 -5.30
N ILE F 225 30.93 46.53 -5.00
CA ILE F 225 31.82 47.67 -4.89
C ILE F 225 31.37 48.45 -3.66
N GLU F 226 32.28 48.61 -2.69
CA GLU F 226 32.02 49.26 -1.44
C GLU F 226 30.74 48.68 -0.85
N ASP F 227 29.71 49.50 -0.62
CA ASP F 227 28.50 49.06 0.08
C ASP F 227 27.34 48.66 -0.84
N GLY F 228 27.52 48.76 -2.16
CA GLY F 228 26.53 48.38 -3.13
C GLY F 228 27.05 47.33 -4.10
N ILE F 229 26.40 47.26 -5.25
CA ILE F 229 26.72 46.28 -6.26
C ILE F 229 26.43 46.86 -7.66
N LEU F 230 27.42 46.70 -8.56
CA LEU F 230 27.31 47.16 -9.94
C LEU F 230 26.79 46.03 -10.81
N LEU F 231 25.63 46.24 -11.40
CA LEU F 231 25.07 45.32 -12.41
C LEU F 231 25.27 45.93 -13.80
N LYS F 232 25.70 45.09 -14.73
CA LYS F 232 25.87 45.45 -16.12
C LYS F 232 25.01 44.54 -16.98
N TRP F 233 24.22 45.14 -17.87
CA TRP F 233 23.31 44.42 -18.69
C TRP F 233 23.60 44.74 -20.13
N LYS F 234 23.54 43.71 -20.96
CA LYS F 234 23.54 43.86 -22.43
C LYS F 234 22.09 43.94 -22.90
N VAL F 235 21.79 44.92 -23.75
CA VAL F 235 20.43 45.11 -24.29
C VAL F 235 20.24 44.20 -25.52
N LYS F 236 19.16 43.42 -25.56
CA LYS F 236 18.90 42.43 -26.62
C LYS F 236 17.86 42.79 -27.69
N GLY F 237 16.89 43.61 -27.34
CA GLY F 237 15.78 43.95 -28.22
C GLY F 237 14.45 43.41 -27.70
N LYS F 238 13.40 43.65 -28.49
CA LYS F 238 12.03 43.25 -28.16
C LYS F 238 11.89 41.68 -28.08
N LYS F 239 11.34 41.14 -26.99
CA LYS F 239 11.25 39.68 -26.81
C LYS F 239 9.84 39.13 -27.01
#